data_2DMS
#
_entry.id   2DMS
#
_entity_poly.entity_id   1
_entity_poly.type   'polypeptide(L)'
_entity_poly.pdbx_seq_one_letter_code
;GSSGSSGRRERTTFTRAQLDVLEALFAKTRYPDIFMREEVALKINLPESRVQVWFKNRRAKCRQQQQQQQNGGQSGPSSG
;
_entity_poly.pdbx_strand_id   A
#
# COMPACT_ATOMS: atom_id res chain seq x y z
N GLY A 1 5.87 -20.17 27.86
CA GLY A 1 5.37 -21.41 27.30
C GLY A 1 4.25 -21.18 26.30
N SER A 2 4.58 -21.29 25.01
CA SER A 2 3.60 -21.10 23.96
C SER A 2 2.24 -21.66 24.36
N SER A 3 1.20 -20.86 24.18
CA SER A 3 -0.15 -21.27 24.53
C SER A 3 -1.06 -21.27 23.30
N GLY A 4 -1.10 -22.40 22.59
CA GLY A 4 -1.93 -22.50 21.40
C GLY A 4 -1.17 -22.14 20.14
N SER A 5 -1.02 -20.84 19.89
CA SER A 5 -0.31 -20.36 18.71
C SER A 5 -0.71 -21.17 17.48
N SER A 6 -1.99 -21.50 17.37
CA SER A 6 -2.49 -22.28 16.25
C SER A 6 -3.16 -21.38 15.22
N GLY A 7 -3.38 -21.92 14.02
CA GLY A 7 -4.01 -21.15 12.96
C GLY A 7 -3.16 -21.06 11.72
N ARG A 8 -3.79 -21.18 10.55
CA ARG A 8 -3.08 -21.11 9.29
C ARG A 8 -3.39 -19.81 8.56
N ARG A 9 -2.34 -19.08 8.18
CA ARG A 9 -2.49 -17.81 7.48
C ARG A 9 -2.84 -18.05 6.01
N GLU A 10 -3.22 -16.98 5.32
CA GLU A 10 -3.57 -17.07 3.90
C GLU A 10 -2.40 -16.65 3.02
N ARG A 11 -1.95 -15.41 3.20
CA ARG A 11 -0.84 -14.88 2.41
C ARG A 11 -0.13 -13.77 3.17
N THR A 12 1.16 -13.59 2.88
CA THR A 12 1.96 -12.55 3.53
C THR A 12 2.22 -11.39 2.58
N THR A 13 2.62 -11.71 1.35
CA THR A 13 2.91 -10.69 0.36
C THR A 13 1.70 -10.43 -0.53
N PHE A 14 1.58 -9.20 -1.02
CA PHE A 14 0.46 -8.83 -1.88
C PHE A 14 0.62 -9.45 -3.28
N THR A 15 -0.51 -9.84 -3.87
CA THR A 15 -0.50 -10.45 -5.19
C THR A 15 -0.84 -9.43 -6.27
N ARG A 16 -0.29 -9.63 -7.46
CA ARG A 16 -0.55 -8.72 -8.57
C ARG A 16 -2.01 -8.27 -8.59
N ALA A 17 -2.91 -9.21 -8.35
CA ALA A 17 -4.33 -8.92 -8.33
C ALA A 17 -4.69 -7.95 -7.20
N GLN A 18 -4.09 -8.18 -6.04
CA GLN A 18 -4.33 -7.33 -4.88
C GLN A 18 -3.73 -5.94 -5.08
N LEU A 19 -2.51 -5.90 -5.59
CA LEU A 19 -1.82 -4.63 -5.83
C LEU A 19 -2.57 -3.80 -6.87
N ASP A 20 -2.75 -4.37 -8.06
CA ASP A 20 -3.45 -3.69 -9.14
C ASP A 20 -4.62 -2.87 -8.60
N VAL A 21 -5.36 -3.45 -7.66
CA VAL A 21 -6.50 -2.77 -7.07
C VAL A 21 -6.05 -1.74 -6.04
N LEU A 22 -5.35 -2.20 -5.00
CA LEU A 22 -4.86 -1.32 -3.95
C LEU A 22 -4.30 -0.03 -4.54
N GLU A 23 -3.38 -0.17 -5.49
CA GLU A 23 -2.76 0.99 -6.13
C GLU A 23 -3.81 1.83 -6.85
N ALA A 24 -4.71 1.17 -7.56
CA ALA A 24 -5.77 1.85 -8.30
C ALA A 24 -6.51 2.85 -7.39
N LEU A 25 -6.70 2.46 -6.13
CA LEU A 25 -7.39 3.31 -5.17
C LEU A 25 -6.44 4.35 -4.58
N PHE A 26 -5.15 4.01 -4.55
CA PHE A 26 -4.15 4.92 -4.02
C PHE A 26 -3.79 6.00 -5.03
N ALA A 27 -4.04 5.72 -6.31
CA ALA A 27 -3.76 6.67 -7.38
C ALA A 27 -4.87 7.69 -7.50
N LYS A 28 -6.08 7.30 -7.16
CA LYS A 28 -7.24 8.19 -7.24
C LYS A 28 -7.40 8.98 -5.95
N THR A 29 -7.25 8.29 -4.81
CA THR A 29 -7.38 8.93 -3.52
C THR A 29 -6.46 8.29 -2.48
N ARG A 30 -5.48 9.05 -2.01
CA ARG A 30 -4.52 8.55 -1.03
C ARG A 30 -5.21 8.29 0.30
N TYR A 31 -6.26 9.06 0.59
CA TYR A 31 -7.00 8.90 1.83
C TYR A 31 -8.45 8.54 1.56
N PRO A 32 -8.70 7.24 1.30
CA PRO A 32 -10.04 6.73 1.01
C PRO A 32 -10.93 6.75 2.24
N ASP A 33 -12.22 6.47 2.04
CA ASP A 33 -13.18 6.44 3.14
C ASP A 33 -13.50 5.01 3.55
N ILE A 34 -14.23 4.87 4.65
CA ILE A 34 -14.61 3.55 5.15
C ILE A 34 -15.27 2.71 4.06
N PHE A 35 -16.12 3.35 3.28
CA PHE A 35 -16.82 2.66 2.19
C PHE A 35 -15.83 2.10 1.18
N MET A 36 -14.88 2.93 0.76
CA MET A 36 -13.87 2.52 -0.21
C MET A 36 -13.01 1.39 0.35
N ARG A 37 -12.46 1.60 1.54
CA ARG A 37 -11.62 0.61 2.19
C ARG A 37 -12.35 -0.73 2.30
N GLU A 38 -13.61 -0.67 2.71
CA GLU A 38 -14.41 -1.88 2.86
C GLU A 38 -14.57 -2.61 1.53
N GLU A 39 -14.90 -1.86 0.49
CA GLU A 39 -15.06 -2.44 -0.84
C GLU A 39 -13.85 -3.27 -1.23
N VAL A 40 -12.71 -2.60 -1.38
CA VAL A 40 -11.47 -3.28 -1.75
C VAL A 40 -11.21 -4.48 -0.85
N ALA A 41 -11.05 -4.21 0.44
CA ALA A 41 -10.79 -5.27 1.41
C ALA A 41 -11.74 -6.45 1.20
N LEU A 42 -12.89 -6.18 0.60
CA LEU A 42 -13.89 -7.21 0.34
C LEU A 42 -13.72 -7.80 -1.06
N LYS A 43 -13.18 -6.99 -1.97
CA LYS A 43 -12.97 -7.41 -3.35
C LYS A 43 -11.68 -8.23 -3.47
N ILE A 44 -10.56 -7.62 -3.11
CA ILE A 44 -9.27 -8.29 -3.17
C ILE A 44 -9.19 -9.42 -2.17
N ASN A 45 -10.25 -9.57 -1.35
CA ASN A 45 -10.30 -10.62 -0.34
C ASN A 45 -9.20 -10.43 0.70
N LEU A 46 -9.15 -9.24 1.29
CA LEU A 46 -8.16 -8.93 2.30
C LEU A 46 -8.78 -8.17 3.47
N PRO A 47 -8.16 -8.29 4.66
CA PRO A 47 -8.63 -7.63 5.87
C PRO A 47 -8.45 -6.12 5.82
N GLU A 48 -9.53 -5.39 6.10
CA GLU A 48 -9.49 -3.92 6.07
C GLU A 48 -8.17 -3.41 6.64
N SER A 49 -7.59 -4.17 7.56
CA SER A 49 -6.32 -3.79 8.18
C SER A 49 -5.22 -3.70 7.13
N ARG A 50 -4.96 -4.81 6.44
CA ARG A 50 -3.92 -4.86 5.42
C ARG A 50 -4.02 -3.65 4.49
N VAL A 51 -5.24 -3.31 4.10
CA VAL A 51 -5.46 -2.17 3.22
C VAL A 51 -4.92 -0.88 3.82
N GLN A 52 -5.36 -0.58 5.04
CA GLN A 52 -4.91 0.62 5.73
C GLN A 52 -3.39 0.64 5.89
N VAL A 53 -2.82 -0.53 6.16
CA VAL A 53 -1.37 -0.66 6.32
C VAL A 53 -0.65 -0.35 5.02
N TRP A 54 -0.83 -1.21 4.03
CA TRP A 54 -0.18 -1.03 2.73
C TRP A 54 -0.13 0.44 2.36
N PHE A 55 -1.24 1.15 2.57
CA PHE A 55 -1.32 2.57 2.26
C PHE A 55 -0.29 3.36 3.04
N LYS A 56 -0.12 3.02 4.31
CA LYS A 56 0.83 3.69 5.18
C LYS A 56 2.25 3.27 4.86
N ASN A 57 2.47 1.97 4.77
CA ASN A 57 3.79 1.43 4.45
C ASN A 57 4.28 1.92 3.10
N ARG A 58 3.35 2.09 2.16
CA ARG A 58 3.67 2.55 0.82
C ARG A 58 3.99 4.04 0.83
N ARG A 59 3.02 4.84 1.26
CA ARG A 59 3.18 6.29 1.31
C ARG A 59 4.44 6.66 2.10
N ALA A 60 4.64 5.99 3.24
CA ALA A 60 5.80 6.25 4.09
C ALA A 60 7.08 6.33 3.26
N LYS A 61 7.05 5.70 2.09
CA LYS A 61 8.21 5.69 1.21
C LYS A 61 8.59 7.11 0.79
N CYS A 62 7.57 7.94 0.55
CA CYS A 62 7.78 9.32 0.14
C CYS A 62 8.96 9.93 0.90
N ARG A 63 9.23 9.41 2.09
CA ARG A 63 10.33 9.90 2.92
C ARG A 63 11.62 9.16 2.59
N GLN A 64 11.52 7.83 2.46
CA GLN A 64 12.68 7.01 2.15
C GLN A 64 13.28 7.38 0.80
N GLN A 65 12.54 8.17 0.03
CA GLN A 65 13.00 8.59 -1.28
C GLN A 65 13.63 9.98 -1.22
N GLN A 66 14.56 10.17 -0.29
CA GLN A 66 15.23 11.45 -0.12
C GLN A 66 14.27 12.61 -0.36
N GLN A 67 13.14 12.57 0.33
CA GLN A 67 12.13 13.62 0.20
C GLN A 67 12.78 14.99 0.13
N GLN A 68 12.48 15.72 -0.95
CA GLN A 68 13.04 17.06 -1.15
C GLN A 68 12.43 18.05 -0.17
N GLN A 69 13.03 18.15 1.01
CA GLN A 69 12.55 19.07 2.04
C GLN A 69 13.58 19.24 3.15
N GLN A 70 13.94 20.49 3.43
CA GLN A 70 14.91 20.79 4.47
C GLN A 70 14.23 20.97 5.82
N ASN A 71 14.58 20.11 6.78
CA ASN A 71 14.00 20.18 8.11
C ASN A 71 15.08 20.50 9.16
N GLY A 72 16.19 19.78 9.09
CA GLY A 72 17.28 20.01 10.03
C GLY A 72 18.35 18.94 9.95
N GLY A 73 18.22 17.91 10.79
CA GLY A 73 19.20 16.83 10.80
C GLY A 73 19.29 16.14 12.14
N GLN A 74 19.88 14.95 12.16
CA GLN A 74 20.03 14.19 13.38
C GLN A 74 20.97 13.01 13.18
N SER A 75 21.67 12.62 14.24
CA SER A 75 22.61 11.51 14.18
C SER A 75 21.91 10.19 14.49
N GLY A 76 22.52 9.08 14.05
CA GLY A 76 21.94 7.77 14.29
C GLY A 76 22.99 6.71 14.51
N PRO A 77 23.50 6.62 15.74
CA PRO A 77 24.51 5.63 16.11
C PRO A 77 23.98 4.21 16.12
N SER A 78 24.83 3.26 16.50
CA SER A 78 24.43 1.86 16.55
C SER A 78 24.70 1.26 17.93
N SER A 79 24.08 0.13 18.21
CA SER A 79 24.24 -0.54 19.49
C SER A 79 25.02 -1.84 19.34
N GLY A 80 25.25 -2.52 20.45
CA GLY A 80 25.99 -3.77 20.42
C GLY A 80 25.26 -4.89 21.15
N GLY A 1 21.36 3.94 7.66
CA GLY A 1 21.27 2.58 7.16
C GLY A 1 20.48 1.68 8.08
N SER A 2 19.15 1.76 8.00
CA SER A 2 18.28 0.95 8.85
C SER A 2 17.74 -0.24 8.07
N SER A 3 18.44 -1.37 8.17
CA SER A 3 18.03 -2.59 7.47
C SER A 3 16.86 -3.26 8.19
N GLY A 4 15.69 -3.23 7.55
CA GLY A 4 14.51 -3.83 8.14
C GLY A 4 14.11 -5.12 7.46
N SER A 5 14.77 -6.21 7.83
CA SER A 5 14.49 -7.52 7.23
C SER A 5 14.18 -8.55 8.32
N SER A 6 13.14 -9.34 8.09
CA SER A 6 12.73 -10.36 9.05
C SER A 6 12.17 -11.58 8.33
N GLY A 7 12.85 -12.72 8.49
CA GLY A 7 12.40 -13.94 7.85
C GLY A 7 10.97 -14.31 8.22
N ARG A 8 10.15 -14.58 7.22
CA ARG A 8 8.76 -14.95 7.44
C ARG A 8 8.29 -15.98 6.43
N ARG A 9 7.08 -16.50 6.63
CA ARG A 9 6.52 -17.50 5.73
C ARG A 9 6.86 -17.17 4.28
N GLU A 10 6.42 -16.01 3.83
CA GLU A 10 6.66 -15.58 2.45
C GLU A 10 7.07 -14.11 2.41
N ARG A 11 8.08 -13.80 1.61
CA ARG A 11 8.57 -12.44 1.47
C ARG A 11 7.47 -11.51 0.96
N THR A 12 6.68 -12.01 0.01
CA THR A 12 5.60 -11.22 -0.57
C THR A 12 4.25 -11.91 -0.35
N THR A 13 3.28 -11.14 0.15
CA THR A 13 1.95 -11.68 0.42
C THR A 13 0.93 -11.09 -0.54
N PHE A 14 1.16 -9.86 -0.98
CA PHE A 14 0.27 -9.18 -1.91
C PHE A 14 0.47 -9.69 -3.33
N THR A 15 -0.60 -10.20 -3.94
CA THR A 15 -0.53 -10.72 -5.30
C THR A 15 -0.77 -9.61 -6.33
N ARG A 16 -0.43 -9.88 -7.57
CA ARG A 16 -0.60 -8.91 -8.64
C ARG A 16 -2.01 -8.34 -8.64
N ALA A 17 -3.00 -9.21 -8.44
CA ALA A 17 -4.40 -8.78 -8.41
C ALA A 17 -4.66 -7.87 -7.21
N GLN A 18 -4.35 -8.36 -6.01
CA GLN A 18 -4.56 -7.59 -4.80
C GLN A 18 -3.90 -6.22 -4.90
N LEU A 19 -2.73 -6.18 -5.53
CA LEU A 19 -1.99 -4.92 -5.69
C LEU A 19 -2.68 -4.03 -6.72
N ASP A 20 -3.01 -4.59 -7.87
CA ASP A 20 -3.66 -3.85 -8.93
C ASP A 20 -4.76 -2.95 -8.37
N VAL A 21 -5.44 -3.44 -7.33
CA VAL A 21 -6.51 -2.67 -6.69
C VAL A 21 -5.96 -1.68 -5.68
N LEU A 22 -5.11 -2.17 -4.78
CA LEU A 22 -4.50 -1.32 -3.76
C LEU A 22 -3.90 -0.07 -4.38
N GLU A 23 -3.11 -0.26 -5.43
CA GLU A 23 -2.47 0.87 -6.11
C GLU A 23 -3.50 1.76 -6.79
N ALA A 24 -4.45 1.14 -7.48
CA ALA A 24 -5.50 1.88 -8.18
C ALA A 24 -6.21 2.83 -7.22
N LEU A 25 -6.44 2.38 -6.00
CA LEU A 25 -7.11 3.21 -5.00
C LEU A 25 -6.17 4.27 -4.44
N PHE A 26 -4.87 4.04 -4.62
CA PHE A 26 -3.86 4.98 -4.14
C PHE A 26 -3.61 6.08 -5.17
N ALA A 27 -3.96 5.81 -6.42
CA ALA A 27 -3.78 6.77 -7.50
C ALA A 27 -4.95 7.73 -7.58
N LYS A 28 -6.14 7.24 -7.23
CA LYS A 28 -7.35 8.05 -7.27
C LYS A 28 -7.51 8.84 -5.98
N THR A 29 -7.28 8.19 -4.85
CA THR A 29 -7.40 8.84 -3.55
C THR A 29 -6.30 8.38 -2.60
N ARG A 30 -5.55 9.34 -2.06
CA ARG A 30 -4.47 9.03 -1.13
C ARG A 30 -5.02 8.68 0.25
N TYR A 31 -6.18 9.23 0.57
CA TYR A 31 -6.81 8.98 1.87
C TYR A 31 -8.26 8.54 1.69
N PRO A 32 -8.46 7.25 1.38
CA PRO A 32 -9.79 6.67 1.18
C PRO A 32 -10.58 6.59 2.49
N ASP A 33 -11.90 6.51 2.37
CA ASP A 33 -12.77 6.43 3.52
C ASP A 33 -13.06 4.96 3.88
N ILE A 34 -13.90 4.75 4.88
CA ILE A 34 -14.26 3.41 5.31
C ILE A 34 -15.01 2.66 4.22
N PHE A 35 -15.75 3.41 3.40
CA PHE A 35 -16.52 2.82 2.32
C PHE A 35 -15.60 2.22 1.26
N MET A 36 -14.60 2.99 0.84
CA MET A 36 -13.66 2.54 -0.17
C MET A 36 -12.84 1.37 0.35
N ARG A 37 -12.17 1.57 1.48
CA ARG A 37 -11.35 0.53 2.08
C ARG A 37 -12.12 -0.77 2.21
N GLU A 38 -13.38 -0.67 2.63
CA GLU A 38 -14.23 -1.84 2.79
C GLU A 38 -14.38 -2.58 1.47
N GLU A 39 -14.81 -1.87 0.44
CA GLU A 39 -15.00 -2.46 -0.88
C GLU A 39 -13.79 -3.28 -1.30
N VAL A 40 -12.65 -2.59 -1.45
CA VAL A 40 -11.41 -3.25 -1.86
C VAL A 40 -11.14 -4.47 -0.97
N ALA A 41 -11.01 -4.25 0.32
CA ALA A 41 -10.75 -5.33 1.27
C ALA A 41 -11.69 -6.50 1.04
N LEU A 42 -12.86 -6.20 0.50
CA LEU A 42 -13.87 -7.23 0.23
C LEU A 42 -13.72 -7.78 -1.19
N LYS A 43 -13.10 -6.98 -2.06
CA LYS A 43 -12.89 -7.37 -3.44
C LYS A 43 -11.62 -8.21 -3.59
N ILE A 44 -10.48 -7.59 -3.31
CA ILE A 44 -9.19 -8.28 -3.41
C ILE A 44 -9.13 -9.46 -2.45
N ASN A 45 -10.11 -9.54 -1.55
CA ASN A 45 -10.17 -10.63 -0.59
C ASN A 45 -9.11 -10.46 0.49
N LEU A 46 -9.04 -9.26 1.07
CA LEU A 46 -8.07 -8.97 2.11
C LEU A 46 -8.73 -8.25 3.28
N PRO A 47 -8.11 -8.36 4.46
CA PRO A 47 -8.63 -7.72 5.69
C PRO A 47 -8.49 -6.21 5.65
N GLU A 48 -9.59 -5.52 5.91
CA GLU A 48 -9.60 -4.06 5.90
C GLU A 48 -8.34 -3.51 6.54
N SER A 49 -7.81 -4.25 7.52
CA SER A 49 -6.60 -3.84 8.22
C SER A 49 -5.40 -3.79 7.27
N ARG A 50 -5.18 -4.89 6.56
CA ARG A 50 -4.07 -4.98 5.62
C ARG A 50 -4.09 -3.80 4.66
N VAL A 51 -5.26 -3.46 4.16
CA VAL A 51 -5.41 -2.35 3.23
C VAL A 51 -4.92 -1.04 3.84
N GLN A 52 -5.49 -0.69 4.99
CA GLN A 52 -5.11 0.54 5.69
C GLN A 52 -3.60 0.62 5.85
N VAL A 53 -3.00 -0.45 6.38
CA VAL A 53 -1.56 -0.49 6.60
C VAL A 53 -0.81 -0.25 5.29
N TRP A 54 -1.04 -1.13 4.31
CA TRP A 54 -0.39 -1.01 3.02
C TRP A 54 -0.26 0.45 2.59
N PHE A 55 -1.30 1.23 2.84
CA PHE A 55 -1.32 2.65 2.49
C PHE A 55 -0.29 3.42 3.33
N LYS A 56 -0.46 3.36 4.65
CA LYS A 56 0.44 4.05 5.56
C LYS A 56 1.90 3.74 5.23
N ASN A 57 2.17 2.48 4.91
CA ASN A 57 3.52 2.04 4.57
C ASN A 57 3.94 2.59 3.21
N ARG A 58 3.11 2.36 2.21
CA ARG A 58 3.40 2.84 0.85
C ARG A 58 3.66 4.34 0.85
N ARG A 59 2.64 5.11 1.20
CA ARG A 59 2.76 6.56 1.24
C ARG A 59 4.12 6.98 1.78
N ALA A 60 4.44 6.52 2.98
CA ALA A 60 5.71 6.84 3.61
C ALA A 60 6.86 6.80 2.61
N LYS A 61 6.87 5.76 1.77
CA LYS A 61 7.90 5.61 0.76
C LYS A 61 8.33 6.96 0.20
N CYS A 62 7.34 7.80 -0.10
CA CYS A 62 7.62 9.13 -0.64
C CYS A 62 8.88 9.72 -0.02
N ARG A 63 8.96 9.66 1.29
CA ARG A 63 10.12 10.19 2.01
C ARG A 63 11.40 9.45 1.62
N GLN A 64 11.36 8.12 1.74
CA GLN A 64 12.52 7.30 1.40
C GLN A 64 13.04 7.64 0.00
N GLN A 65 12.13 7.66 -0.98
CA GLN A 65 12.49 7.96 -2.35
C GLN A 65 13.80 7.27 -2.74
N GLN A 66 14.00 6.07 -2.20
CA GLN A 66 15.21 5.31 -2.48
C GLN A 66 15.63 5.46 -3.94
N GLN A 67 14.66 5.28 -4.85
CA GLN A 67 14.92 5.40 -6.27
C GLN A 67 15.77 6.64 -6.57
N GLN A 68 16.36 6.67 -7.77
CA GLN A 68 17.19 7.80 -8.17
C GLN A 68 16.46 9.11 -7.97
N GLN A 69 17.12 10.07 -7.30
CA GLN A 69 16.52 11.36 -7.05
C GLN A 69 16.36 12.15 -8.35
N GLN A 70 15.32 12.98 -8.40
CA GLN A 70 15.05 13.78 -9.58
C GLN A 70 15.45 15.24 -9.37
N ASN A 71 16.65 15.59 -9.83
CA ASN A 71 17.15 16.95 -9.68
C ASN A 71 16.05 17.98 -9.92
N GLY A 72 16.14 19.11 -9.22
CA GLY A 72 15.14 20.15 -9.38
C GLY A 72 15.00 21.00 -8.13
N GLY A 73 15.58 22.19 -8.16
CA GLY A 73 15.51 23.09 -7.01
C GLY A 73 14.09 23.34 -6.57
N GLN A 74 13.91 23.64 -5.29
CA GLN A 74 12.58 23.91 -4.74
C GLN A 74 12.69 24.49 -3.33
N SER A 75 12.08 25.65 -3.14
CA SER A 75 12.10 26.32 -1.85
C SER A 75 10.70 26.76 -1.43
N GLY A 76 10.18 26.16 -0.37
CA GLY A 76 8.84 26.50 0.11
C GLY A 76 8.81 26.73 1.60
N PRO A 77 9.48 27.79 2.06
CA PRO A 77 9.53 28.14 3.49
C PRO A 77 8.19 28.63 4.01
N SER A 78 7.43 29.30 3.15
CA SER A 78 6.13 29.83 3.54
C SER A 78 5.07 29.47 2.50
N SER A 79 4.50 28.27 2.62
CA SER A 79 3.48 27.81 1.69
C SER A 79 2.53 26.83 2.36
N GLY A 80 1.36 26.63 1.75
CA GLY A 80 0.39 25.71 2.31
C GLY A 80 -0.23 26.24 3.59
N GLY A 1 33.40 -11.65 3.79
CA GLY A 1 31.96 -11.37 3.79
C GLY A 1 31.13 -12.60 3.59
N SER A 2 29.90 -12.58 4.07
CA SER A 2 28.99 -13.71 3.94
C SER A 2 27.53 -13.25 3.98
N SER A 3 26.68 -13.94 3.22
CA SER A 3 25.27 -13.61 3.17
C SER A 3 24.46 -14.78 2.64
N GLY A 4 23.15 -14.75 2.90
CA GLY A 4 22.28 -15.82 2.44
C GLY A 4 21.42 -15.40 1.25
N SER A 5 20.35 -16.15 0.99
CA SER A 5 19.46 -15.84 -0.12
C SER A 5 18.00 -16.06 0.29
N SER A 6 17.11 -15.29 -0.32
CA SER A 6 15.69 -15.39 -0.03
C SER A 6 14.97 -16.24 -1.07
N GLY A 7 13.98 -17.01 -0.63
CA GLY A 7 13.23 -17.86 -1.53
C GLY A 7 11.75 -17.89 -1.21
N ARG A 8 11.36 -18.79 -0.31
CA ARG A 8 9.96 -18.91 0.08
C ARG A 8 9.63 -17.96 1.23
N ARG A 9 8.76 -17.00 0.94
CA ARG A 9 8.35 -16.02 1.96
C ARG A 9 7.17 -16.54 2.77
N GLU A 10 7.48 -17.20 3.88
CA GLU A 10 6.44 -17.75 4.75
C GLU A 10 5.36 -16.71 5.03
N ARG A 11 5.78 -15.45 5.13
CA ARG A 11 4.84 -14.36 5.41
C ARG A 11 4.07 -13.98 4.15
N THR A 12 2.74 -14.05 4.23
CA THR A 12 1.89 -13.72 3.10
C THR A 12 2.36 -12.44 2.41
N THR A 13 2.04 -12.32 1.13
CA THR A 13 2.43 -11.15 0.35
C THR A 13 1.31 -10.71 -0.58
N PHE A 14 1.33 -9.43 -0.96
CA PHE A 14 0.31 -8.89 -1.86
C PHE A 14 0.52 -9.40 -3.28
N THR A 15 -0.50 -10.07 -3.82
CA THR A 15 -0.44 -10.61 -5.17
C THR A 15 -0.72 -9.53 -6.21
N ARG A 16 -0.23 -9.75 -7.43
CA ARG A 16 -0.43 -8.79 -8.51
C ARG A 16 -1.85 -8.24 -8.51
N ALA A 17 -2.81 -9.12 -8.23
CA ALA A 17 -4.21 -8.72 -8.19
C ALA A 17 -4.49 -7.79 -7.02
N GLN A 18 -4.02 -8.17 -5.84
CA GLN A 18 -4.22 -7.36 -4.64
C GLN A 18 -3.51 -6.02 -4.76
N LEU A 19 -2.40 -6.01 -5.49
CA LEU A 19 -1.61 -4.79 -5.68
C LEU A 19 -2.25 -3.91 -6.75
N ASP A 20 -2.77 -4.54 -7.81
CA ASP A 20 -3.41 -3.81 -8.90
C ASP A 20 -4.51 -2.91 -8.38
N VAL A 21 -5.35 -3.44 -7.49
CA VAL A 21 -6.45 -2.68 -6.92
C VAL A 21 -5.94 -1.69 -5.87
N LEU A 22 -5.32 -2.21 -4.81
CA LEU A 22 -4.79 -1.37 -3.75
C LEU A 22 -4.15 -0.11 -4.31
N GLU A 23 -3.25 -0.29 -5.28
CA GLU A 23 -2.58 0.84 -5.91
C GLU A 23 -3.58 1.75 -6.62
N ALA A 24 -4.45 1.16 -7.42
CA ALA A 24 -5.45 1.91 -8.16
C ALA A 24 -6.23 2.84 -7.23
N LEU A 25 -6.49 2.37 -6.01
CA LEU A 25 -7.22 3.16 -5.02
C LEU A 25 -6.31 4.20 -4.37
N PHE A 26 -5.01 3.93 -4.38
CA PHE A 26 -4.04 4.84 -3.80
C PHE A 26 -3.65 5.93 -4.78
N ALA A 27 -3.90 5.69 -6.06
CA ALA A 27 -3.58 6.64 -7.10
C ALA A 27 -4.72 7.64 -7.31
N LYS A 28 -5.92 7.23 -6.91
CA LYS A 28 -7.10 8.09 -7.04
C LYS A 28 -7.32 8.91 -5.78
N THR A 29 -7.25 8.25 -4.63
CA THR A 29 -7.44 8.92 -3.35
C THR A 29 -6.40 8.47 -2.32
N ARG A 30 -5.61 9.41 -1.84
CA ARG A 30 -4.58 9.12 -0.85
C ARG A 30 -5.20 8.75 0.49
N TYR A 31 -6.37 9.29 0.77
CA TYR A 31 -7.07 9.01 2.02
C TYR A 31 -8.51 8.55 1.76
N PRO A 32 -8.65 7.26 1.43
CA PRO A 32 -9.96 6.67 1.14
C PRO A 32 -10.83 6.55 2.39
N ASP A 33 -12.14 6.62 2.22
CA ASP A 33 -13.07 6.52 3.33
C ASP A 33 -13.31 5.06 3.70
N ILE A 34 -14.08 4.85 4.76
CA ILE A 34 -14.39 3.50 5.23
C ILE A 34 -15.00 2.66 4.12
N PHE A 35 -15.91 3.27 3.35
CA PHE A 35 -16.56 2.57 2.25
C PHE A 35 -15.54 2.03 1.26
N MET A 36 -14.64 2.90 0.81
CA MET A 36 -13.61 2.52 -0.15
C MET A 36 -12.76 1.38 0.39
N ARG A 37 -12.26 1.55 1.62
CA ARG A 37 -11.43 0.54 2.25
C ARG A 37 -12.16 -0.80 2.31
N GLU A 38 -13.43 -0.76 2.73
CA GLU A 38 -14.24 -1.97 2.83
C GLU A 38 -14.37 -2.66 1.48
N GLU A 39 -14.75 -1.87 0.47
CA GLU A 39 -14.91 -2.40 -0.88
C GLU A 39 -13.71 -3.23 -1.30
N VAL A 40 -12.56 -2.57 -1.40
CA VAL A 40 -11.32 -3.25 -1.79
C VAL A 40 -11.07 -4.48 -0.92
N ALA A 41 -10.94 -4.26 0.38
CA ALA A 41 -10.71 -5.36 1.31
C ALA A 41 -11.68 -6.51 1.07
N LEU A 42 -12.83 -6.20 0.48
CA LEU A 42 -13.83 -7.21 0.18
C LEU A 42 -13.68 -7.74 -1.23
N LYS A 43 -13.08 -6.92 -2.10
CA LYS A 43 -12.88 -7.31 -3.49
C LYS A 43 -11.60 -8.13 -3.64
N ILE A 44 -10.47 -7.54 -3.25
CA ILE A 44 -9.19 -8.22 -3.33
C ILE A 44 -9.10 -9.37 -2.34
N ASN A 45 -10.17 -9.56 -1.57
CA ASN A 45 -10.22 -10.63 -0.58
C ASN A 45 -9.12 -10.45 0.47
N LEU A 46 -9.11 -9.28 1.11
CA LEU A 46 -8.12 -8.98 2.13
C LEU A 46 -8.76 -8.27 3.32
N PRO A 47 -8.12 -8.38 4.50
CA PRO A 47 -8.60 -7.76 5.72
C PRO A 47 -8.48 -6.24 5.69
N GLU A 48 -9.60 -5.56 5.92
CA GLU A 48 -9.62 -4.10 5.92
C GLU A 48 -8.33 -3.54 6.53
N SER A 49 -7.75 -4.30 7.45
CA SER A 49 -6.52 -3.88 8.11
C SER A 49 -5.35 -3.83 7.13
N ARG A 50 -5.22 -4.88 6.34
CA ARG A 50 -4.14 -4.97 5.35
C ARG A 50 -4.25 -3.85 4.33
N VAL A 51 -5.45 -3.30 4.18
CA VAL A 51 -5.70 -2.22 3.24
C VAL A 51 -5.27 -0.88 3.83
N GLN A 52 -5.79 -0.55 5.00
CA GLN A 52 -5.47 0.71 5.67
C GLN A 52 -3.96 0.83 5.89
N VAL A 53 -3.33 -0.28 6.25
CA VAL A 53 -1.89 -0.29 6.50
C VAL A 53 -1.12 -0.15 5.19
N TRP A 54 -1.42 -1.02 4.24
CA TRP A 54 -0.75 -0.99 2.94
C TRP A 54 -0.58 0.44 2.44
N PHE A 55 -1.43 1.34 2.93
CA PHE A 55 -1.37 2.73 2.54
C PHE A 55 -0.27 3.47 3.30
N LYS A 56 -0.25 3.30 4.61
CA LYS A 56 0.75 3.94 5.46
C LYS A 56 2.15 3.48 5.08
N ASN A 57 2.23 2.32 4.43
CA ASN A 57 3.53 1.77 4.01
C ASN A 57 3.98 2.40 2.71
N ARG A 58 3.19 2.21 1.66
CA ARG A 58 3.52 2.75 0.34
C ARG A 58 3.79 4.26 0.44
N ARG A 59 2.83 5.00 0.99
CA ARG A 59 2.95 6.44 1.13
C ARG A 59 4.32 6.80 1.68
N ALA A 60 4.75 6.12 2.73
CA ALA A 60 6.05 6.37 3.34
C ALA A 60 7.16 6.41 2.30
N LYS A 61 7.11 5.46 1.36
CA LYS A 61 8.11 5.39 0.31
C LYS A 61 8.22 6.73 -0.43
N CYS A 62 7.08 7.36 -0.66
CA CYS A 62 7.04 8.64 -1.37
C CYS A 62 7.99 9.64 -0.70
N ARG A 63 7.88 9.79 0.61
CA ARG A 63 8.71 10.71 1.35
C ARG A 63 10.18 10.59 0.92
N GLN A 64 10.71 9.37 0.99
CA GLN A 64 12.09 9.11 0.61
C GLN A 64 12.37 9.63 -0.80
N GLN A 65 11.54 9.22 -1.75
CA GLN A 65 11.69 9.64 -3.14
C GLN A 65 12.93 9.00 -3.76
N GLN A 66 13.15 7.72 -3.47
CA GLN A 66 14.30 7.01 -3.99
C GLN A 66 13.87 6.03 -5.09
N GLN A 67 14.66 5.97 -6.16
CA GLN A 67 14.37 5.08 -7.28
C GLN A 67 12.87 5.05 -7.57
N GLN A 68 12.24 6.22 -7.51
CA GLN A 68 10.81 6.33 -7.77
C GLN A 68 10.53 7.35 -8.87
N GLN A 69 9.79 6.93 -9.88
CA GLN A 69 9.45 7.81 -11.00
C GLN A 69 9.14 9.22 -10.50
N GLN A 70 10.09 10.13 -10.75
CA GLN A 70 9.92 11.52 -10.32
C GLN A 70 9.26 12.35 -11.41
N ASN A 71 8.47 13.33 -11.01
CA ASN A 71 7.78 14.20 -11.96
C ASN A 71 8.69 15.32 -12.45
N GLY A 72 8.48 15.75 -13.68
CA GLY A 72 9.30 16.82 -14.24
C GLY A 72 8.50 18.06 -14.54
N GLY A 73 9.19 19.13 -14.92
CA GLY A 73 8.51 20.38 -15.23
C GLY A 73 8.82 21.47 -14.22
N GLN A 74 7.78 22.01 -13.60
CA GLN A 74 7.95 23.06 -12.60
C GLN A 74 7.60 22.56 -11.21
N SER A 75 8.22 23.15 -10.20
CA SER A 75 7.97 22.76 -8.81
C SER A 75 7.96 23.97 -7.89
N GLY A 76 7.31 23.84 -6.74
CA GLY A 76 7.24 24.94 -5.80
C GLY A 76 8.61 25.42 -5.37
N PRO A 77 8.73 26.74 -5.11
CA PRO A 77 9.98 27.36 -4.69
C PRO A 77 10.39 26.95 -3.27
N SER A 78 11.54 27.43 -2.82
CA SER A 78 12.03 27.11 -1.49
C SER A 78 12.08 28.37 -0.62
N SER A 79 11.86 28.19 0.68
CA SER A 79 11.88 29.30 1.62
C SER A 79 13.29 29.56 2.14
N GLY A 80 13.92 28.50 2.64
CA GLY A 80 15.27 28.62 3.16
C GLY A 80 15.31 29.29 4.52
N GLY A 1 -28.02 -24.08 7.05
CA GLY A 1 -26.96 -23.39 6.35
C GLY A 1 -25.68 -24.19 6.29
N SER A 2 -24.73 -23.73 5.48
CA SER A 2 -23.46 -24.43 5.32
C SER A 2 -22.29 -23.51 5.69
N SER A 3 -21.88 -23.57 6.96
CA SER A 3 -20.78 -22.74 7.44
C SER A 3 -19.64 -22.72 6.43
N GLY A 4 -19.10 -23.90 6.13
CA GLY A 4 -18.00 -24.00 5.18
C GLY A 4 -16.65 -23.87 5.85
N SER A 5 -16.14 -24.99 6.37
CA SER A 5 -14.85 -24.99 7.04
C SER A 5 -13.71 -25.13 6.03
N SER A 6 -12.68 -24.31 6.20
CA SER A 6 -11.53 -24.34 5.30
C SER A 6 -10.24 -24.05 6.07
N GLY A 7 -9.36 -25.04 6.14
CA GLY A 7 -8.10 -24.86 6.84
C GLY A 7 -7.01 -24.32 5.94
N ARG A 8 -6.73 -23.03 6.07
CA ARG A 8 -5.71 -22.39 5.26
C ARG A 8 -5.04 -21.25 6.03
N ARG A 9 -3.79 -20.95 5.67
CA ARG A 9 -3.04 -19.89 6.32
C ARG A 9 -3.00 -18.63 5.46
N GLU A 10 -3.90 -17.69 5.75
CA GLU A 10 -3.96 -16.45 4.99
C GLU A 10 -2.56 -15.96 4.60
N ARG A 11 -2.32 -15.83 3.31
CA ARG A 11 -1.03 -15.37 2.82
C ARG A 11 -0.73 -13.95 3.29
N THR A 12 0.51 -13.51 3.10
CA THR A 12 0.93 -12.18 3.51
C THR A 12 1.35 -11.34 2.30
N THR A 13 1.79 -12.01 1.25
CA THR A 13 2.23 -11.33 0.04
C THR A 13 1.04 -10.95 -0.84
N PHE A 14 1.06 -9.73 -1.37
CA PHE A 14 -0.01 -9.25 -2.22
C PHE A 14 0.18 -9.72 -3.66
N THR A 15 -0.85 -10.32 -4.23
CA THR A 15 -0.80 -10.81 -5.59
C THR A 15 -1.07 -9.70 -6.59
N ARG A 16 -0.61 -9.88 -7.83
CA ARG A 16 -0.80 -8.90 -8.87
C ARG A 16 -2.19 -8.29 -8.80
N ALA A 17 -3.20 -9.14 -8.70
CA ALA A 17 -4.58 -8.69 -8.62
C ALA A 17 -4.80 -7.79 -7.41
N GLN A 18 -4.41 -8.28 -6.24
CA GLN A 18 -4.56 -7.53 -5.00
C GLN A 18 -3.87 -6.16 -5.11
N LEU A 19 -2.61 -6.18 -5.52
CA LEU A 19 -1.84 -4.95 -5.65
C LEU A 19 -2.52 -3.99 -6.63
N ASP A 20 -2.61 -4.40 -7.89
CA ASP A 20 -3.25 -3.59 -8.92
C ASP A 20 -4.42 -2.80 -8.34
N VAL A 21 -5.21 -3.46 -7.49
CA VAL A 21 -6.36 -2.82 -6.86
C VAL A 21 -5.93 -1.83 -5.80
N LEU A 22 -5.09 -2.28 -4.87
CA LEU A 22 -4.61 -1.43 -3.80
C LEU A 22 -3.98 -0.16 -4.34
N GLU A 23 -3.10 -0.31 -5.32
CA GLU A 23 -2.43 0.83 -5.94
C GLU A 23 -3.43 1.70 -6.69
N ALA A 24 -4.29 1.06 -7.48
CA ALA A 24 -5.28 1.76 -8.26
C ALA A 24 -6.06 2.75 -7.39
N LEU A 25 -6.51 2.27 -6.23
CA LEU A 25 -7.28 3.11 -5.31
C LEU A 25 -6.39 4.18 -4.69
N PHE A 26 -5.11 3.87 -4.53
CA PHE A 26 -4.15 4.80 -3.95
C PHE A 26 -3.76 5.88 -4.97
N ALA A 27 -3.81 5.52 -6.25
CA ALA A 27 -3.47 6.46 -7.31
C ALA A 27 -4.55 7.52 -7.49
N LYS A 28 -5.76 7.20 -7.04
CA LYS A 28 -6.88 8.12 -7.13
C LYS A 28 -7.08 8.89 -5.83
N THR A 29 -6.71 8.26 -4.72
CA THR A 29 -6.84 8.88 -3.41
C THR A 29 -5.92 8.23 -2.39
N ARG A 30 -4.91 8.98 -1.95
CA ARG A 30 -3.96 8.47 -0.96
C ARG A 30 -4.66 8.10 0.33
N TYR A 31 -5.69 8.86 0.69
CA TYR A 31 -6.44 8.62 1.92
C TYR A 31 -7.86 8.16 1.60
N PRO A 32 -8.00 6.87 1.28
CA PRO A 32 -9.31 6.28 0.95
C PRO A 32 -10.23 6.19 2.17
N ASP A 33 -11.43 6.72 2.03
CA ASP A 33 -12.41 6.69 3.12
C ASP A 33 -12.78 5.25 3.48
N ILE A 34 -13.21 5.05 4.72
CA ILE A 34 -13.60 3.73 5.18
C ILE A 34 -14.33 2.96 4.10
N PHE A 35 -15.25 3.62 3.41
CA PHE A 35 -16.03 3.01 2.35
C PHE A 35 -15.10 2.38 1.31
N MET A 36 -14.08 3.11 0.91
CA MET A 36 -13.12 2.62 -0.09
C MET A 36 -12.38 1.39 0.45
N ARG A 37 -11.87 1.50 1.67
CA ARG A 37 -11.13 0.41 2.29
C ARG A 37 -11.99 -0.85 2.35
N GLU A 38 -13.23 -0.69 2.79
CA GLU A 38 -14.15 -1.82 2.90
C GLU A 38 -14.33 -2.51 1.55
N GLU A 39 -14.63 -1.72 0.53
CA GLU A 39 -14.83 -2.26 -0.81
C GLU A 39 -13.66 -3.16 -1.23
N VAL A 40 -12.49 -2.54 -1.38
CA VAL A 40 -11.29 -3.28 -1.76
C VAL A 40 -11.09 -4.50 -0.88
N ALA A 41 -10.92 -4.27 0.41
CA ALA A 41 -10.73 -5.36 1.37
C ALA A 41 -11.71 -6.49 1.13
N LEU A 42 -12.84 -6.16 0.50
CA LEU A 42 -13.88 -7.14 0.21
C LEU A 42 -13.70 -7.72 -1.19
N LYS A 43 -13.12 -6.93 -2.07
CA LYS A 43 -12.89 -7.37 -3.44
C LYS A 43 -11.63 -8.23 -3.54
N ILE A 44 -10.50 -7.65 -3.14
CA ILE A 44 -9.23 -8.36 -3.18
C ILE A 44 -9.20 -9.50 -2.16
N ASN A 45 -10.29 -9.63 -1.40
CA ASN A 45 -10.39 -10.68 -0.40
C ASN A 45 -9.31 -10.53 0.66
N LEU A 46 -9.25 -9.33 1.26
CA LEU A 46 -8.26 -9.05 2.30
C LEU A 46 -8.90 -8.33 3.47
N PRO A 47 -8.29 -8.46 4.66
CA PRO A 47 -8.78 -7.83 5.88
C PRO A 47 -8.62 -6.31 5.86
N GLU A 48 -9.72 -5.60 6.07
CA GLU A 48 -9.71 -4.14 6.08
C GLU A 48 -8.42 -3.61 6.71
N SER A 49 -7.90 -4.36 7.67
CA SER A 49 -6.67 -3.97 8.36
C SER A 49 -5.48 -3.97 7.41
N ARG A 50 -5.31 -5.08 6.69
CA ARG A 50 -4.22 -5.20 5.74
C ARG A 50 -4.15 -4.00 4.81
N VAL A 51 -5.32 -3.58 4.31
CA VAL A 51 -5.40 -2.44 3.40
C VAL A 51 -4.88 -1.17 4.07
N GLN A 52 -5.47 -0.84 5.22
CA GLN A 52 -5.07 0.35 5.96
C GLN A 52 -3.55 0.42 6.11
N VAL A 53 -2.94 -0.74 6.37
CA VAL A 53 -1.50 -0.83 6.53
C VAL A 53 -0.77 -0.56 5.22
N TRP A 54 -0.94 -1.47 4.27
CA TRP A 54 -0.29 -1.34 2.97
C TRP A 54 -0.27 0.12 2.51
N PHE A 55 -1.39 0.82 2.71
CA PHE A 55 -1.49 2.22 2.33
C PHE A 55 -0.52 3.08 3.13
N LYS A 56 -0.65 3.01 4.46
CA LYS A 56 0.21 3.79 5.35
C LYS A 56 1.67 3.63 4.96
N ASN A 57 2.02 2.47 4.42
CA ASN A 57 3.39 2.20 4.00
C ASN A 57 3.73 2.98 2.73
N ARG A 58 2.77 3.06 1.82
CA ARG A 58 2.96 3.77 0.56
C ARG A 58 2.97 5.27 0.79
N ARG A 59 1.83 5.80 1.23
CA ARG A 59 1.70 7.24 1.48
C ARG A 59 2.94 7.77 2.22
N ALA A 60 3.61 6.89 2.93
CA ALA A 60 4.81 7.26 3.68
C ALA A 60 5.99 7.50 2.74
N LYS A 61 6.14 6.63 1.76
CA LYS A 61 7.23 6.74 0.80
C LYS A 61 7.50 8.20 0.45
N CYS A 62 6.44 9.00 0.40
CA CYS A 62 6.56 10.42 0.07
C CYS A 62 7.73 11.05 0.84
N ARG A 63 7.74 10.85 2.15
CA ARG A 63 8.79 11.41 3.00
C ARG A 63 10.17 11.04 2.46
N GLN A 64 10.31 9.80 2.00
CA GLN A 64 11.58 9.32 1.46
C GLN A 64 12.02 10.17 0.28
N GLN A 65 11.06 10.65 -0.49
CA GLN A 65 11.35 11.48 -1.66
C GLN A 65 12.32 10.79 -2.59
N GLN A 66 12.10 9.50 -2.83
CA GLN A 66 12.96 8.71 -3.70
C GLN A 66 12.42 8.70 -5.12
N GLN A 67 13.33 8.76 -6.10
CA GLN A 67 12.94 8.76 -7.50
C GLN A 67 11.79 7.77 -7.75
N GLN A 68 10.57 8.29 -7.72
CA GLN A 68 9.39 7.46 -7.93
C GLN A 68 9.21 7.15 -9.41
N GLN A 69 9.04 8.19 -10.22
CA GLN A 69 8.86 8.04 -11.66
C GLN A 69 9.69 6.86 -12.18
N GLN A 70 9.09 6.07 -13.06
CA GLN A 70 9.75 4.91 -13.64
C GLN A 70 9.31 4.68 -15.08
N ASN A 71 10.27 4.56 -15.98
CA ASN A 71 9.98 4.34 -17.39
C ASN A 71 8.73 3.48 -17.56
N GLY A 72 7.90 3.82 -18.53
CA GLY A 72 6.68 3.07 -18.77
C GLY A 72 5.59 3.91 -19.38
N GLY A 73 4.49 4.07 -18.65
CA GLY A 73 3.38 4.86 -19.13
C GLY A 73 2.23 4.93 -18.15
N GLN A 74 1.20 5.69 -18.48
CA GLN A 74 0.03 5.85 -17.61
C GLN A 74 -1.25 5.91 -18.43
N SER A 75 -2.36 5.57 -17.79
CA SER A 75 -3.67 5.60 -18.46
C SER A 75 -4.65 6.48 -17.71
N GLY A 76 -5.82 6.68 -18.30
CA GLY A 76 -6.83 7.52 -17.67
C GLY A 76 -8.19 6.85 -17.64
N PRO A 77 -9.11 7.40 -16.83
CA PRO A 77 -10.46 6.86 -16.70
C PRO A 77 -11.30 7.08 -17.95
N SER A 78 -12.58 6.73 -17.87
CA SER A 78 -13.49 6.89 -19.00
C SER A 78 -14.94 7.06 -18.52
N SER A 79 -15.84 7.32 -19.47
CA SER A 79 -17.24 7.51 -19.14
C SER A 79 -18.13 6.68 -20.07
N GLY A 80 -19.43 6.74 -19.83
CA GLY A 80 -20.36 5.99 -20.66
C GLY A 80 -20.51 4.55 -20.21
N GLY A 1 16.03 -25.45 9.94
CA GLY A 1 15.54 -25.55 11.30
C GLY A 1 15.70 -26.95 11.87
N SER A 2 14.59 -27.52 12.35
CA SER A 2 14.62 -28.85 12.94
C SER A 2 13.35 -29.63 12.58
N SER A 3 13.44 -30.95 12.60
CA SER A 3 12.31 -31.80 12.27
C SER A 3 11.34 -31.90 13.44
N GLY A 4 10.33 -31.03 13.43
CA GLY A 4 9.34 -31.03 14.50
C GLY A 4 8.15 -30.15 14.19
N SER A 5 7.65 -29.46 15.21
CA SER A 5 6.50 -28.58 15.05
C SER A 5 6.92 -27.11 15.10
N SER A 6 6.18 -26.26 14.40
CA SER A 6 6.48 -24.84 14.37
C SER A 6 5.27 -24.03 13.89
N GLY A 7 4.87 -23.05 14.69
CA GLY A 7 3.74 -22.22 14.32
C GLY A 7 4.08 -21.20 13.25
N ARG A 8 4.33 -21.68 12.04
CA ARG A 8 4.67 -20.81 10.92
C ARG A 8 3.50 -20.67 9.96
N ARG A 9 3.07 -19.43 9.70
CA ARG A 9 1.97 -19.17 8.80
C ARG A 9 2.44 -18.45 7.54
N GLU A 10 2.26 -19.09 6.39
CA GLU A 10 2.67 -18.51 5.12
C GLU A 10 2.33 -17.02 5.06
N ARG A 11 3.32 -16.20 4.75
CA ARG A 11 3.13 -14.77 4.65
C ARG A 11 1.99 -14.42 3.72
N THR A 12 1.17 -13.44 4.11
CA THR A 12 0.04 -13.02 3.30
C THR A 12 0.45 -12.00 2.25
N THR A 13 1.57 -12.27 1.58
CA THR A 13 2.08 -11.38 0.55
C THR A 13 0.97 -10.98 -0.43
N PHE A 14 1.02 -9.73 -0.87
CA PHE A 14 0.02 -9.22 -1.82
C PHE A 14 0.27 -9.74 -3.22
N THR A 15 -0.79 -10.14 -3.90
CA THR A 15 -0.68 -10.66 -5.27
C THR A 15 -0.91 -9.56 -6.29
N ARG A 16 -0.49 -9.83 -7.52
CA ARG A 16 -0.65 -8.86 -8.61
C ARG A 16 -2.06 -8.28 -8.62
N ALA A 17 -3.06 -9.15 -8.45
CA ALA A 17 -4.44 -8.72 -8.44
C ALA A 17 -4.73 -7.81 -7.25
N GLN A 18 -4.45 -8.29 -6.05
CA GLN A 18 -4.67 -7.51 -4.84
C GLN A 18 -3.98 -6.16 -4.93
N LEU A 19 -2.79 -6.15 -5.49
CA LEU A 19 -2.02 -4.92 -5.64
C LEU A 19 -2.64 -4.00 -6.68
N ASP A 20 -2.90 -4.54 -7.87
CA ASP A 20 -3.51 -3.78 -8.95
C ASP A 20 -4.58 -2.83 -8.41
N VAL A 21 -5.41 -3.34 -7.50
CA VAL A 21 -6.47 -2.55 -6.90
C VAL A 21 -5.92 -1.57 -5.87
N LEU A 22 -5.11 -2.09 -4.95
CA LEU A 22 -4.51 -1.27 -3.90
C LEU A 22 -3.87 -0.01 -4.49
N GLU A 23 -3.06 -0.20 -5.53
CA GLU A 23 -2.39 0.91 -6.18
C GLU A 23 -3.41 1.89 -6.76
N ALA A 24 -4.35 1.36 -7.53
CA ALA A 24 -5.39 2.20 -8.14
C ALA A 24 -6.01 3.15 -7.13
N LEU A 25 -6.50 2.60 -6.03
CA LEU A 25 -7.12 3.40 -4.99
C LEU A 25 -6.18 4.51 -4.52
N PHE A 26 -4.87 4.25 -4.63
CA PHE A 26 -3.87 5.23 -4.22
C PHE A 26 -3.78 6.36 -5.23
N ALA A 27 -4.12 6.08 -6.47
CA ALA A 27 -4.08 7.08 -7.54
C ALA A 27 -5.30 7.97 -7.50
N LYS A 28 -6.46 7.38 -7.21
CA LYS A 28 -7.71 8.13 -7.13
C LYS A 28 -7.80 8.89 -5.81
N THR A 29 -7.22 8.33 -4.76
CA THR A 29 -7.24 8.95 -3.45
C THR A 29 -6.21 8.32 -2.51
N ARG A 30 -5.29 9.15 -2.02
CA ARG A 30 -4.25 8.66 -1.12
C ARG A 30 -4.82 8.33 0.26
N TYR A 31 -5.99 8.88 0.55
CA TYR A 31 -6.64 8.65 1.83
C TYR A 31 -8.11 8.29 1.63
N PRO A 32 -8.37 7.02 1.30
CA PRO A 32 -9.74 6.53 1.07
C PRO A 32 -10.54 6.45 2.36
N ASP A 33 -11.87 6.41 2.22
CA ASP A 33 -12.75 6.33 3.37
C ASP A 33 -13.06 4.88 3.73
N ILE A 34 -13.84 4.68 4.80
CA ILE A 34 -14.21 3.34 5.24
C ILE A 34 -14.92 2.58 4.14
N PHE A 35 -15.81 3.27 3.42
CA PHE A 35 -16.56 2.65 2.34
C PHE A 35 -15.62 2.07 1.28
N MET A 36 -14.67 2.88 0.84
CA MET A 36 -13.70 2.46 -0.16
C MET A 36 -12.86 1.30 0.35
N ARG A 37 -12.28 1.47 1.53
CA ARG A 37 -11.44 0.44 2.13
C ARG A 37 -12.21 -0.88 2.23
N GLU A 38 -13.45 -0.82 2.72
CA GLU A 38 -14.28 -2.00 2.87
C GLU A 38 -14.42 -2.74 1.54
N GLU A 39 -14.83 -2.02 0.51
CA GLU A 39 -15.01 -2.61 -0.82
C GLU A 39 -13.76 -3.39 -1.23
N VAL A 40 -12.66 -2.67 -1.42
CA VAL A 40 -11.40 -3.30 -1.82
C VAL A 40 -11.10 -4.52 -0.96
N ALA A 41 -10.98 -4.31 0.35
CA ALA A 41 -10.69 -5.40 1.27
C ALA A 41 -11.61 -6.60 1.01
N LEU A 42 -12.78 -6.33 0.47
CA LEU A 42 -13.75 -7.38 0.16
C LEU A 42 -13.53 -7.93 -1.25
N LYS A 43 -12.95 -7.10 -2.11
CA LYS A 43 -12.68 -7.50 -3.48
C LYS A 43 -11.37 -8.27 -3.58
N ILE A 44 -10.27 -7.59 -3.29
CA ILE A 44 -8.95 -8.21 -3.34
C ILE A 44 -8.86 -9.40 -2.40
N ASN A 45 -9.88 -9.56 -1.55
CA ASN A 45 -9.91 -10.67 -0.61
C ASN A 45 -8.90 -10.47 0.51
N LEU A 46 -8.88 -9.27 1.09
CA LEU A 46 -7.95 -8.96 2.16
C LEU A 46 -8.67 -8.26 3.31
N PRO A 47 -8.07 -8.33 4.52
CA PRO A 47 -8.64 -7.71 5.71
C PRO A 47 -8.57 -6.18 5.67
N GLU A 48 -9.72 -5.53 5.81
CA GLU A 48 -9.78 -4.07 5.77
C GLU A 48 -8.61 -3.47 6.54
N SER A 49 -8.07 -4.23 7.49
CA SER A 49 -6.94 -3.76 8.28
C SER A 49 -5.67 -3.68 7.45
N ARG A 50 -5.43 -4.72 6.64
CA ARG A 50 -4.25 -4.77 5.79
C ARG A 50 -4.22 -3.58 4.83
N VAL A 51 -5.36 -3.29 4.22
CA VAL A 51 -5.46 -2.18 3.29
C VAL A 51 -4.93 -0.88 3.90
N GLN A 52 -5.52 -0.49 5.03
CA GLN A 52 -5.10 0.72 5.72
C GLN A 52 -3.60 0.75 5.93
N VAL A 53 -3.05 -0.40 6.33
CA VAL A 53 -1.61 -0.52 6.57
C VAL A 53 -0.82 -0.30 5.28
N TRP A 54 -1.11 -1.11 4.26
CA TRP A 54 -0.43 -1.00 2.99
C TRP A 54 -0.22 0.46 2.60
N PHE A 55 -1.20 1.29 2.89
CA PHE A 55 -1.11 2.72 2.58
C PHE A 55 -0.06 3.40 3.44
N LYS A 56 -0.19 3.25 4.75
CA LYS A 56 0.75 3.86 5.68
C LYS A 56 2.19 3.58 5.27
N ASN A 57 2.42 2.38 4.75
CA ASN A 57 3.76 1.99 4.30
C ASN A 57 4.09 2.61 2.95
N ARG A 58 3.20 2.41 1.98
CA ARG A 58 3.39 2.95 0.64
C ARG A 58 3.63 4.45 0.69
N ARG A 59 2.62 5.20 1.10
CA ARG A 59 2.72 6.65 1.18
C ARG A 59 4.08 7.06 1.75
N ALA A 60 4.48 6.44 2.85
CA ALA A 60 5.75 6.74 3.48
C ALA A 60 6.89 6.70 2.47
N LYS A 61 6.95 5.63 1.70
CA LYS A 61 8.00 5.47 0.68
C LYS A 61 8.35 6.82 0.06
N CYS A 62 7.33 7.60 -0.25
CA CYS A 62 7.54 8.92 -0.86
C CYS A 62 8.59 9.71 -0.09
N ARG A 63 8.40 9.82 1.22
CA ARG A 63 9.33 10.56 2.07
C ARG A 63 10.71 9.92 2.03
N GLN A 64 10.76 8.62 2.24
CA GLN A 64 12.03 7.89 2.23
C GLN A 64 12.83 8.20 0.97
N GLN A 65 12.15 8.23 -0.17
CA GLN A 65 12.79 8.52 -1.45
C GLN A 65 13.86 9.59 -1.28
N GLN A 66 14.92 9.50 -2.07
CA GLN A 66 16.02 10.46 -2.01
C GLN A 66 15.49 11.87 -1.83
N GLN A 67 16.30 12.74 -1.24
CA GLN A 67 15.92 14.12 -1.01
C GLN A 67 17.13 15.04 -1.03
N GLN A 68 16.89 16.35 -0.97
CA GLN A 68 17.95 17.33 -0.99
C GLN A 68 18.84 17.19 0.26
N GLN A 69 20.13 17.42 0.09
CA GLN A 69 21.08 17.32 1.20
C GLN A 69 21.90 18.60 1.32
N GLN A 70 22.43 18.83 2.52
CA GLN A 70 23.24 20.02 2.79
C GLN A 70 24.71 19.65 2.95
N ASN A 71 24.98 18.68 3.83
CA ASN A 71 26.34 18.24 4.08
C ASN A 71 26.63 16.91 3.38
N GLY A 72 27.82 16.80 2.81
CA GLY A 72 28.19 15.58 2.11
C GLY A 72 27.65 14.34 2.79
N GLY A 73 27.15 13.40 1.97
CA GLY A 73 26.59 12.17 2.52
C GLY A 73 27.17 10.94 1.86
N GLN A 74 28.33 10.49 2.34
CA GLN A 74 28.99 9.32 1.78
C GLN A 74 29.45 8.38 2.90
N SER A 75 29.47 7.09 2.60
CA SER A 75 29.89 6.08 3.58
C SER A 75 29.94 4.69 2.94
N GLY A 76 30.82 3.85 3.46
CA GLY A 76 30.95 2.50 2.94
C GLY A 76 31.12 1.47 4.03
N PRO A 77 30.59 0.26 3.79
CA PRO A 77 30.66 -0.85 4.75
C PRO A 77 32.08 -1.39 4.90
N SER A 78 32.58 -1.42 6.12
CA SER A 78 33.93 -1.91 6.40
C SER A 78 33.88 -3.37 6.88
N SER A 79 34.18 -4.29 5.98
CA SER A 79 34.18 -5.71 6.31
C SER A 79 35.60 -6.20 6.59
N GLY A 80 36.00 -6.11 7.85
CA GLY A 80 37.33 -6.56 8.24
C GLY A 80 37.34 -7.97 8.79
N GLY A 1 19.38 -4.84 0.83
CA GLY A 1 20.45 -5.35 0.00
C GLY A 1 19.94 -6.04 -1.24
N SER A 2 20.87 -6.45 -2.11
CA SER A 2 20.51 -7.12 -3.36
C SER A 2 21.24 -8.44 -3.49
N SER A 3 20.79 -9.28 -4.42
CA SER A 3 21.40 -10.58 -4.65
C SER A 3 21.18 -11.04 -6.09
N GLY A 4 22.10 -11.86 -6.59
CA GLY A 4 21.98 -12.36 -7.95
C GLY A 4 21.28 -13.70 -8.01
N SER A 5 20.12 -13.80 -7.36
CA SER A 5 19.35 -15.03 -7.35
C SER A 5 17.88 -14.76 -7.67
N SER A 6 17.32 -15.58 -8.56
CA SER A 6 15.93 -15.42 -8.97
C SER A 6 15.01 -15.42 -7.75
N GLY A 7 14.47 -14.26 -7.42
CA GLY A 7 13.58 -14.14 -6.28
C GLY A 7 14.27 -13.57 -5.06
N ARG A 8 13.50 -13.33 -4.00
CA ARG A 8 14.04 -12.78 -2.77
C ARG A 8 13.79 -13.73 -1.60
N ARG A 9 14.79 -13.85 -0.73
CA ARG A 9 14.68 -14.72 0.43
C ARG A 9 13.28 -14.67 1.03
N GLU A 10 12.82 -13.45 1.32
CA GLU A 10 11.49 -13.25 1.90
C GLU A 10 10.57 -12.54 0.91
N ARG A 11 9.26 -12.65 1.14
CA ARG A 11 8.28 -12.01 0.28
C ARG A 11 6.99 -11.71 1.04
N THR A 12 6.24 -10.74 0.55
CA THR A 12 4.99 -10.34 1.19
C THR A 12 3.82 -11.17 0.67
N THR A 13 2.71 -11.16 1.40
CA THR A 13 1.53 -11.92 1.01
C THR A 13 0.62 -11.09 0.11
N PHE A 14 1.23 -10.22 -0.70
CA PHE A 14 0.48 -9.37 -1.62
C PHE A 14 0.57 -9.89 -3.05
N THR A 15 -0.58 -10.24 -3.62
CA THR A 15 -0.62 -10.75 -4.99
C THR A 15 -0.77 -9.62 -6.00
N ARG A 16 -0.23 -9.81 -7.19
CA ARG A 16 -0.30 -8.81 -8.24
C ARG A 16 -1.73 -8.31 -8.42
N ALA A 17 -2.68 -9.24 -8.41
CA ALA A 17 -4.08 -8.90 -8.57
C ALA A 17 -4.54 -7.95 -7.47
N GLN A 18 -4.14 -8.24 -6.24
CA GLN A 18 -4.52 -7.42 -5.10
C GLN A 18 -3.83 -6.06 -5.16
N LEU A 19 -2.50 -6.06 -5.24
CA LEU A 19 -1.72 -4.83 -5.31
C LEU A 19 -2.36 -3.85 -6.29
N ASP A 20 -2.54 -4.29 -7.53
CA ASP A 20 -3.13 -3.45 -8.57
C ASP A 20 -4.29 -2.63 -8.00
N VAL A 21 -5.20 -3.31 -7.29
CA VAL A 21 -6.35 -2.65 -6.70
C VAL A 21 -5.93 -1.64 -5.65
N LEU A 22 -5.12 -2.10 -4.69
CA LEU A 22 -4.64 -1.23 -3.62
C LEU A 22 -4.04 0.06 -4.18
N GLU A 23 -3.15 -0.09 -5.15
CA GLU A 23 -2.50 1.05 -5.78
C GLU A 23 -3.51 1.91 -6.52
N ALA A 24 -4.35 1.26 -7.33
CA ALA A 24 -5.37 1.96 -8.11
C ALA A 24 -6.17 2.90 -7.22
N LEU A 25 -6.38 2.50 -5.97
CA LEU A 25 -7.14 3.31 -5.02
C LEU A 25 -6.30 4.47 -4.50
N PHE A 26 -4.99 4.27 -4.47
CA PHE A 26 -4.07 5.31 -4.00
C PHE A 26 -3.86 6.38 -5.05
N ALA A 27 -4.04 6.01 -6.31
CA ALA A 27 -3.88 6.94 -7.42
C ALA A 27 -5.09 7.84 -7.56
N LYS A 28 -6.25 7.35 -7.11
CA LYS A 28 -7.48 8.11 -7.19
C LYS A 28 -7.74 8.86 -5.90
N THR A 29 -7.52 8.19 -4.77
CA THR A 29 -7.73 8.80 -3.46
C THR A 29 -6.65 8.35 -2.48
N ARG A 30 -5.79 9.28 -2.07
CA ARG A 30 -4.72 8.97 -1.13
C ARG A 30 -5.29 8.58 0.23
N TYR A 31 -6.41 9.19 0.59
CA TYR A 31 -7.06 8.91 1.87
C TYR A 31 -8.51 8.48 1.67
N PRO A 32 -8.69 7.19 1.32
CA PRO A 32 -10.01 6.62 1.09
C PRO A 32 -10.83 6.49 2.38
N ASP A 33 -12.14 6.62 2.26
CA ASP A 33 -13.03 6.52 3.42
C ASP A 33 -13.23 5.06 3.81
N ILE A 34 -13.90 4.84 4.94
CA ILE A 34 -14.16 3.50 5.43
C ILE A 34 -14.96 2.70 4.42
N PHE A 35 -15.76 3.39 3.61
CA PHE A 35 -16.57 2.73 2.58
C PHE A 35 -15.70 2.17 1.48
N MET A 36 -14.77 2.98 0.98
CA MET A 36 -13.88 2.56 -0.09
C MET A 36 -13.03 1.37 0.36
N ARG A 37 -12.32 1.53 1.47
CA ARG A 37 -11.47 0.47 2.00
C ARG A 37 -12.26 -0.83 2.15
N GLU A 38 -13.48 -0.72 2.64
CA GLU A 38 -14.33 -1.88 2.84
C GLU A 38 -14.54 -2.63 1.53
N GLU A 39 -14.93 -1.90 0.49
CA GLU A 39 -15.16 -2.50 -0.82
C GLU A 39 -13.94 -3.30 -1.28
N VAL A 40 -12.82 -2.60 -1.44
CA VAL A 40 -11.58 -3.24 -1.88
C VAL A 40 -11.26 -4.46 -1.03
N ALA A 41 -11.07 -4.24 0.27
CA ALA A 41 -10.77 -5.32 1.19
C ALA A 41 -11.67 -6.53 0.95
N LEU A 42 -12.89 -6.25 0.50
CA LEU A 42 -13.85 -7.32 0.23
C LEU A 42 -13.69 -7.84 -1.20
N LYS A 43 -13.19 -7.00 -2.09
CA LYS A 43 -12.98 -7.38 -3.47
C LYS A 43 -11.69 -8.17 -3.64
N ILE A 44 -10.56 -7.54 -3.33
CA ILE A 44 -9.27 -8.18 -3.44
C ILE A 44 -9.16 -9.37 -2.49
N ASN A 45 -10.18 -9.53 -1.64
CA ASN A 45 -10.20 -10.64 -0.68
C ASN A 45 -9.11 -10.45 0.38
N LEU A 46 -9.09 -9.28 1.00
CA LEU A 46 -8.11 -8.98 2.04
C LEU A 46 -8.76 -8.27 3.21
N PRO A 47 -8.13 -8.37 4.38
CA PRO A 47 -8.63 -7.73 5.61
C PRO A 47 -8.50 -6.21 5.56
N GLU A 48 -9.61 -5.53 5.83
CA GLU A 48 -9.62 -4.06 5.82
C GLU A 48 -8.33 -3.50 6.41
N SER A 49 -7.73 -4.26 7.31
CA SER A 49 -6.48 -3.84 7.96
C SER A 49 -5.33 -3.78 6.96
N ARG A 50 -5.06 -4.91 6.32
CA ARG A 50 -3.99 -5.00 5.33
C ARG A 50 -4.08 -3.86 4.34
N VAL A 51 -5.30 -3.42 4.06
CA VAL A 51 -5.53 -2.32 3.12
C VAL A 51 -5.11 -0.99 3.71
N GLN A 52 -5.59 -0.70 4.91
CA GLN A 52 -5.27 0.55 5.59
C GLN A 52 -3.77 0.67 5.83
N VAL A 53 -3.13 -0.47 6.12
CA VAL A 53 -1.70 -0.50 6.37
C VAL A 53 -0.91 -0.31 5.08
N TRP A 54 -1.21 -1.14 4.08
CA TRP A 54 -0.53 -1.06 2.80
C TRP A 54 -0.34 0.40 2.36
N PHE A 55 -1.20 1.27 2.87
CA PHE A 55 -1.14 2.69 2.53
C PHE A 55 -0.02 3.38 3.30
N LYS A 56 0.01 3.18 4.61
CA LYS A 56 1.03 3.77 5.46
C LYS A 56 2.43 3.31 5.05
N ASN A 57 2.48 2.17 4.36
CA ASN A 57 3.75 1.62 3.91
C ASN A 57 4.23 2.32 2.65
N ARG A 58 3.49 2.15 1.55
CA ARG A 58 3.84 2.78 0.28
C ARG A 58 4.01 4.28 0.44
N ARG A 59 2.96 4.95 0.92
CA ARG A 59 3.00 6.39 1.12
C ARG A 59 4.34 6.82 1.72
N ALA A 60 4.64 6.31 2.91
CA ALA A 60 5.88 6.64 3.58
C ALA A 60 7.05 6.72 2.60
N LYS A 61 7.14 5.75 1.71
CA LYS A 61 8.19 5.71 0.71
C LYS A 61 8.19 6.98 -0.14
N CYS A 62 7.00 7.34 -0.63
CA CYS A 62 6.86 8.52 -1.46
C CYS A 62 7.67 9.68 -0.90
N ARG A 63 7.64 9.85 0.41
CA ARG A 63 8.38 10.92 1.07
C ARG A 63 9.81 10.99 0.56
N GLN A 64 10.46 9.83 0.49
CA GLN A 64 11.83 9.76 0.01
C GLN A 64 11.97 10.35 -1.39
N GLN A 65 11.11 9.89 -2.30
CA GLN A 65 11.13 10.38 -3.67
C GLN A 65 11.12 11.90 -3.72
N GLN A 66 11.63 12.46 -4.82
CA GLN A 66 11.68 13.91 -4.98
C GLN A 66 10.29 14.52 -4.91
N GLN A 67 10.19 15.66 -4.24
CA GLN A 67 8.91 16.36 -4.09
C GLN A 67 8.70 17.35 -5.23
N GLN A 68 7.51 17.96 -5.26
CA GLN A 68 7.18 18.93 -6.29
C GLN A 68 6.48 20.14 -5.70
N GLN A 69 7.00 21.33 -6.02
CA GLN A 69 6.43 22.58 -5.51
C GLN A 69 4.93 22.63 -5.78
N GLN A 70 4.14 22.39 -4.75
CA GLN A 70 2.68 22.42 -4.87
C GLN A 70 2.09 23.57 -4.06
N ASN A 71 1.28 24.39 -4.72
CA ASN A 71 0.65 25.53 -4.07
C ASN A 71 -0.52 25.08 -3.19
N GLY A 72 -1.40 24.27 -3.76
CA GLY A 72 -2.54 23.77 -3.03
C GLY A 72 -2.23 23.51 -1.56
N GLY A 73 -3.21 23.73 -0.70
CA GLY A 73 -3.00 23.51 0.72
C GLY A 73 -3.35 24.72 1.56
N GLN A 74 -3.84 24.50 2.77
CA GLN A 74 -4.22 25.58 3.66
C GLN A 74 -4.41 25.07 5.09
N SER A 75 -4.27 25.98 6.05
CA SER A 75 -4.42 25.62 7.46
C SER A 75 -4.59 26.86 8.32
N GLY A 76 -5.53 26.81 9.26
CA GLY A 76 -5.78 27.94 10.14
C GLY A 76 -6.67 27.58 11.31
N PRO A 77 -6.06 27.02 12.37
CA PRO A 77 -6.79 26.61 13.58
C PRO A 77 -7.30 27.82 14.38
N SER A 78 -8.43 27.64 15.03
CA SER A 78 -9.02 28.71 15.83
C SER A 78 -8.37 28.78 17.21
N SER A 79 -8.31 29.99 17.77
CA SER A 79 -7.71 30.19 19.08
C SER A 79 -8.02 31.59 19.60
N GLY A 80 -8.12 31.72 20.92
CA GLY A 80 -8.40 33.01 21.53
C GLY A 80 -9.65 32.98 22.39
N GLY A 1 -2.19 -20.83 4.62
CA GLY A 1 -1.81 -20.44 5.96
C GLY A 1 -0.33 -20.16 6.10
N SER A 2 0.08 -19.63 7.24
CA SER A 2 1.47 -19.31 7.49
C SER A 2 1.69 -18.90 8.94
N SER A 3 2.93 -19.01 9.40
CA SER A 3 3.28 -18.67 10.77
C SER A 3 4.57 -17.85 10.82
N GLY A 4 4.91 -17.37 12.01
CA GLY A 4 6.12 -16.58 12.17
C GLY A 4 7.38 -17.40 11.97
N SER A 5 7.67 -17.75 10.72
CA SER A 5 8.85 -18.55 10.40
C SER A 5 9.39 -18.19 9.02
N SER A 6 10.63 -18.55 8.77
CA SER A 6 11.27 -18.27 7.49
C SER A 6 11.99 -19.51 6.95
N GLY A 7 11.32 -20.22 6.04
CA GLY A 7 11.90 -21.42 5.46
C GLY A 7 11.86 -21.41 3.95
N ARG A 8 10.68 -21.24 3.39
CA ARG A 8 10.51 -21.22 1.94
C ARG A 8 10.10 -19.84 1.46
N ARG A 9 9.19 -19.20 2.20
CA ARG A 9 8.72 -17.86 1.85
C ARG A 9 8.41 -17.77 0.36
N GLU A 10 7.77 -18.81 -0.17
CA GLU A 10 7.41 -18.84 -1.58
C GLU A 10 6.24 -17.91 -1.88
N ARG A 11 5.23 -17.94 -1.02
CA ARG A 11 4.05 -17.10 -1.18
C ARG A 11 4.34 -15.66 -0.73
N THR A 12 3.64 -14.71 -1.34
CA THR A 12 3.82 -13.31 -1.00
C THR A 12 2.60 -12.76 -0.27
N THR A 13 2.78 -11.63 0.41
CA THR A 13 1.70 -10.99 1.16
C THR A 13 0.70 -10.34 0.20
N PHE A 14 1.22 -9.60 -0.77
CA PHE A 14 0.37 -8.91 -1.75
C PHE A 14 0.59 -9.47 -3.15
N THR A 15 -0.49 -9.94 -3.77
CA THR A 15 -0.40 -10.49 -5.12
C THR A 15 -0.64 -9.42 -6.17
N ARG A 16 -0.31 -9.73 -7.42
CA ARG A 16 -0.48 -8.79 -8.52
C ARG A 16 -1.90 -8.24 -8.53
N ALA A 17 -2.88 -9.12 -8.37
CA ALA A 17 -4.29 -8.72 -8.35
C ALA A 17 -4.58 -7.77 -7.19
N GLN A 18 -4.20 -8.19 -5.99
CA GLN A 18 -4.42 -7.38 -4.79
C GLN A 18 -3.76 -6.01 -4.93
N LEU A 19 -2.59 -5.99 -5.57
CA LEU A 19 -1.86 -4.75 -5.77
C LEU A 19 -2.49 -3.90 -6.87
N ASP A 20 -3.01 -4.56 -7.89
CA ASP A 20 -3.65 -3.87 -9.00
C ASP A 20 -4.76 -2.95 -8.51
N VAL A 21 -5.50 -3.43 -7.50
CA VAL A 21 -6.60 -2.65 -6.93
C VAL A 21 -6.09 -1.65 -5.92
N LEU A 22 -5.45 -2.14 -4.87
CA LEU A 22 -4.91 -1.28 -3.82
C LEU A 22 -4.27 -0.03 -4.43
N GLU A 23 -3.39 -0.23 -5.39
CA GLU A 23 -2.70 0.88 -6.06
C GLU A 23 -3.71 1.77 -6.78
N ALA A 24 -4.52 1.16 -7.63
CA ALA A 24 -5.52 1.89 -8.40
C ALA A 24 -6.30 2.85 -7.50
N LEU A 25 -6.64 2.40 -6.30
CA LEU A 25 -7.37 3.22 -5.35
C LEU A 25 -6.46 4.23 -4.68
N PHE A 26 -5.17 3.93 -4.66
CA PHE A 26 -4.19 4.82 -4.05
C PHE A 26 -3.79 5.94 -5.00
N ALA A 27 -4.04 5.73 -6.29
CA ALA A 27 -3.73 6.73 -7.30
C ALA A 27 -4.84 7.76 -7.45
N LYS A 28 -6.06 7.36 -7.07
CA LYS A 28 -7.21 8.24 -7.15
C LYS A 28 -7.42 8.99 -5.83
N THR A 29 -7.37 8.25 -4.73
CA THR A 29 -7.56 8.85 -3.41
C THR A 29 -6.50 8.34 -2.43
N ARG A 30 -5.61 9.24 -2.01
CA ARG A 30 -4.55 8.88 -1.08
C ARG A 30 -5.13 8.54 0.30
N TYR A 31 -6.24 9.19 0.64
CA TYR A 31 -6.90 8.96 1.92
C TYR A 31 -8.34 8.52 1.73
N PRO A 32 -8.53 7.22 1.44
CA PRO A 32 -9.86 6.64 1.22
C PRO A 32 -10.67 6.57 2.51
N ASP A 33 -11.98 6.38 2.36
CA ASP A 33 -12.88 6.29 3.51
C ASP A 33 -13.19 4.84 3.84
N ILE A 34 -13.93 4.64 4.93
CA ILE A 34 -14.30 3.29 5.35
C ILE A 34 -14.98 2.52 4.22
N PHE A 35 -15.81 3.21 3.46
CA PHE A 35 -16.52 2.60 2.34
C PHE A 35 -15.53 2.10 1.29
N MET A 36 -14.53 2.91 0.99
CA MET A 36 -13.52 2.55 -0.01
C MET A 36 -12.68 1.37 0.48
N ARG A 37 -12.13 1.51 1.68
CA ARG A 37 -11.30 0.46 2.26
C ARG A 37 -12.06 -0.87 2.32
N GLU A 38 -13.29 -0.82 2.79
CA GLU A 38 -14.12 -2.02 2.90
C GLU A 38 -14.27 -2.69 1.53
N GLU A 39 -14.66 -1.91 0.54
CA GLU A 39 -14.86 -2.43 -0.82
C GLU A 39 -13.63 -3.22 -1.27
N VAL A 40 -12.51 -2.52 -1.45
CA VAL A 40 -11.28 -3.14 -1.88
C VAL A 40 -10.97 -4.39 -1.05
N ALA A 41 -10.80 -4.19 0.26
CA ALA A 41 -10.51 -5.30 1.16
C ALA A 41 -11.42 -6.49 0.89
N LEU A 42 -12.64 -6.19 0.46
CA LEU A 42 -13.62 -7.24 0.16
C LEU A 42 -13.44 -7.77 -1.26
N LYS A 43 -12.90 -6.93 -2.14
CA LYS A 43 -12.67 -7.31 -3.52
C LYS A 43 -11.36 -8.07 -3.67
N ILE A 44 -10.25 -7.41 -3.35
CA ILE A 44 -8.94 -8.04 -3.44
C ILE A 44 -8.85 -9.27 -2.54
N ASN A 45 -9.85 -9.44 -1.68
CA ASN A 45 -9.88 -10.58 -0.76
C ASN A 45 -8.86 -10.40 0.35
N LEU A 46 -8.86 -9.23 0.97
CA LEU A 46 -7.91 -8.94 2.06
C LEU A 46 -8.63 -8.27 3.22
N PRO A 47 -8.04 -8.38 4.43
CA PRO A 47 -8.59 -7.78 5.64
C PRO A 47 -8.52 -6.27 5.63
N GLU A 48 -9.66 -5.62 5.82
CA GLU A 48 -9.73 -4.16 5.84
C GLU A 48 -8.55 -3.57 6.63
N SER A 49 -8.00 -4.37 7.54
CA SER A 49 -6.88 -3.93 8.35
C SER A 49 -5.60 -3.82 7.52
N ARG A 50 -5.39 -4.79 6.64
CA ARG A 50 -4.22 -4.80 5.78
C ARG A 50 -4.23 -3.61 4.82
N VAL A 51 -5.39 -3.35 4.23
CA VAL A 51 -5.53 -2.24 3.30
C VAL A 51 -5.05 -0.94 3.92
N GLN A 52 -5.68 -0.54 5.02
CA GLN A 52 -5.32 0.69 5.71
C GLN A 52 -3.81 0.81 5.85
N VAL A 53 -3.18 -0.23 6.39
CA VAL A 53 -1.75 -0.24 6.59
C VAL A 53 -1.01 -0.07 5.27
N TRP A 54 -1.30 -0.96 4.32
CA TRP A 54 -0.66 -0.90 3.00
C TRP A 54 -0.53 0.53 2.53
N PHE A 55 -1.56 1.34 2.77
CA PHE A 55 -1.56 2.74 2.37
C PHE A 55 -0.49 3.52 3.13
N LYS A 56 -0.68 3.66 4.44
CA LYS A 56 0.27 4.39 5.27
C LYS A 56 1.70 3.97 4.97
N ASN A 57 1.96 2.67 5.00
CA ASN A 57 3.29 2.15 4.72
C ASN A 57 3.77 2.58 3.34
N ARG A 58 3.02 2.19 2.30
CA ARG A 58 3.37 2.54 0.93
C ARG A 58 3.80 4.00 0.84
N ARG A 59 2.91 4.90 1.24
CA ARG A 59 3.20 6.33 1.20
C ARG A 59 4.65 6.60 1.60
N ALA A 60 5.03 6.12 2.77
CA ALA A 60 6.39 6.32 3.28
C ALA A 60 7.42 6.06 2.17
N LYS A 61 7.25 4.95 1.46
CA LYS A 61 8.17 4.59 0.39
C LYS A 61 8.35 5.75 -0.59
N CYS A 62 7.25 6.21 -1.15
CA CYS A 62 7.28 7.33 -2.10
C CYS A 62 8.01 8.52 -1.51
N ARG A 63 7.60 8.93 -0.31
CA ARG A 63 8.21 10.07 0.37
C ARG A 63 9.72 10.03 0.23
N GLN A 64 10.31 8.86 0.47
CA GLN A 64 11.75 8.70 0.37
C GLN A 64 12.24 9.00 -1.04
N GLN A 65 11.62 8.35 -2.03
CA GLN A 65 11.99 8.55 -3.42
C GLN A 65 11.76 10.00 -3.84
N GLN A 66 12.50 10.45 -4.85
CA GLN A 66 12.38 11.81 -5.35
C GLN A 66 10.98 12.07 -5.90
N GLN A 67 10.19 12.83 -5.17
CA GLN A 67 8.83 13.14 -5.59
C GLN A 67 8.84 14.03 -6.83
N GLN A 68 7.69 14.09 -7.51
CA GLN A 68 7.57 14.90 -8.71
C GLN A 68 6.70 16.14 -8.45
N GLN A 69 6.62 17.00 -9.45
CA GLN A 69 5.82 18.22 -9.33
C GLN A 69 4.37 17.90 -8.97
N GLN A 70 3.82 18.65 -8.03
CA GLN A 70 2.45 18.43 -7.59
C GLN A 70 1.46 19.06 -8.58
N ASN A 71 0.28 18.45 -8.69
CA ASN A 71 -0.75 18.95 -9.59
C ASN A 71 -1.66 19.94 -8.89
N GLY A 72 -2.09 20.97 -9.61
CA GLY A 72 -2.97 21.97 -9.03
C GLY A 72 -4.44 21.63 -9.22
N GLY A 73 -5.29 22.16 -8.36
CA GLY A 73 -6.71 21.90 -8.45
C GLY A 73 -7.52 22.68 -7.44
N GLN A 74 -8.77 22.99 -7.78
CA GLN A 74 -9.63 23.74 -6.88
C GLN A 74 -11.08 23.69 -7.37
N SER A 75 -11.98 24.27 -6.58
CA SER A 75 -13.40 24.29 -6.92
C SER A 75 -14.06 25.60 -6.47
N GLY A 76 -15.23 25.87 -7.01
CA GLY A 76 -15.95 27.08 -6.65
C GLY A 76 -17.42 27.03 -7.04
N PRO A 77 -18.24 26.42 -6.17
CA PRO A 77 -19.68 26.29 -6.40
C PRO A 77 -20.40 27.63 -6.30
N SER A 78 -21.72 27.58 -6.42
CA SER A 78 -22.54 28.79 -6.35
C SER A 78 -23.60 28.67 -5.26
N SER A 79 -24.38 29.73 -5.07
CA SER A 79 -25.42 29.74 -4.06
C SER A 79 -26.62 30.56 -4.54
N GLY A 80 -27.65 30.65 -3.68
CA GLY A 80 -28.84 31.40 -4.03
C GLY A 80 -30.06 30.93 -3.26
N GLY A 1 23.84 -1.16 -11.79
CA GLY A 1 22.73 -2.06 -11.95
C GLY A 1 21.95 -2.26 -10.66
N SER A 2 20.66 -2.54 -10.79
CA SER A 2 19.80 -2.74 -9.62
C SER A 2 19.08 -4.09 -9.71
N SER A 3 19.28 -4.92 -8.69
CA SER A 3 18.64 -6.24 -8.65
C SER A 3 17.83 -6.40 -7.38
N GLY A 4 17.11 -7.52 -7.29
CA GLY A 4 16.30 -7.79 -6.12
C GLY A 4 14.82 -7.54 -6.38
N SER A 5 14.00 -7.75 -5.35
CA SER A 5 12.56 -7.57 -5.48
C SER A 5 12.03 -6.63 -4.40
N SER A 6 12.77 -5.55 -4.15
CA SER A 6 12.40 -4.58 -3.13
C SER A 6 12.07 -5.27 -1.81
N GLY A 7 12.84 -6.29 -1.49
CA GLY A 7 12.61 -7.02 -0.24
C GLY A 7 13.33 -8.36 -0.23
N ARG A 8 13.47 -8.93 0.96
CA ARG A 8 14.14 -10.23 1.12
C ARG A 8 13.47 -11.05 2.21
N ARG A 9 13.64 -12.37 2.13
CA ARG A 9 13.06 -13.27 3.11
C ARG A 9 11.71 -12.77 3.57
N GLU A 10 10.89 -12.31 2.63
CA GLU A 10 9.56 -11.80 2.94
C GLU A 10 8.50 -12.46 2.08
N ARG A 11 7.33 -12.71 2.67
CA ARG A 11 6.23 -13.35 1.95
C ARG A 11 5.57 -12.36 0.99
N THR A 12 5.07 -12.90 -0.12
CA THR A 12 4.41 -12.08 -1.13
C THR A 12 2.90 -12.02 -0.91
N THR A 13 2.49 -12.02 0.35
CA THR A 13 1.08 -11.97 0.69
C THR A 13 0.29 -11.14 -0.31
N PHE A 14 0.85 -9.99 -0.69
CA PHE A 14 0.19 -9.11 -1.65
C PHE A 14 0.45 -9.58 -3.08
N THR A 15 -0.56 -10.18 -3.69
CA THR A 15 -0.44 -10.68 -5.05
C THR A 15 -0.65 -9.55 -6.07
N ARG A 16 -0.29 -9.81 -7.32
CA ARG A 16 -0.43 -8.83 -8.39
C ARG A 16 -1.87 -8.32 -8.46
N ALA A 17 -2.83 -9.24 -8.35
CA ALA A 17 -4.24 -8.90 -8.41
C ALA A 17 -4.63 -7.98 -7.24
N GLN A 18 -4.18 -8.35 -6.05
CA GLN A 18 -4.48 -7.58 -4.84
C GLN A 18 -3.82 -6.19 -4.91
N LEU A 19 -2.66 -6.13 -5.57
CA LEU A 19 -1.94 -4.88 -5.70
C LEU A 19 -2.62 -3.96 -6.70
N ASP A 20 -2.80 -4.45 -7.92
CA ASP A 20 -3.44 -3.66 -8.97
C ASP A 20 -4.58 -2.82 -8.40
N VAL A 21 -5.43 -3.46 -7.60
CA VAL A 21 -6.57 -2.77 -7.00
C VAL A 21 -6.11 -1.76 -5.95
N LEU A 22 -5.37 -2.25 -4.96
CA LEU A 22 -4.87 -1.39 -3.90
C LEU A 22 -4.28 -0.09 -4.46
N GLU A 23 -3.42 -0.24 -5.47
CA GLU A 23 -2.80 0.92 -6.10
C GLU A 23 -3.85 1.80 -6.77
N ALA A 24 -4.75 1.19 -7.52
CA ALA A 24 -5.82 1.91 -8.21
C ALA A 24 -6.48 2.91 -7.28
N LEU A 25 -6.71 2.50 -6.04
CA LEU A 25 -7.34 3.37 -5.06
C LEU A 25 -6.36 4.39 -4.52
N PHE A 26 -5.08 4.05 -4.55
CA PHE A 26 -4.04 4.95 -4.06
C PHE A 26 -3.71 6.02 -5.11
N ALA A 27 -4.08 5.75 -6.36
CA ALA A 27 -3.82 6.68 -7.44
C ALA A 27 -4.94 7.72 -7.55
N LYS A 28 -6.14 7.34 -7.11
CA LYS A 28 -7.29 8.24 -7.15
C LYS A 28 -7.41 9.03 -5.85
N THR A 29 -7.22 8.34 -4.73
CA THR A 29 -7.31 8.97 -3.41
C THR A 29 -6.25 8.43 -2.46
N ARG A 30 -5.36 9.31 -2.01
CA ARG A 30 -4.30 8.93 -1.10
C ARG A 30 -4.85 8.58 0.28
N TYR A 31 -5.98 9.20 0.63
CA TYR A 31 -6.62 8.95 1.92
C TYR A 31 -8.06 8.50 1.74
N PRO A 32 -8.23 7.20 1.45
CA PRO A 32 -9.56 6.60 1.24
C PRO A 32 -10.36 6.52 2.54
N ASP A 33 -11.67 6.35 2.40
CA ASP A 33 -12.54 6.26 3.57
C ASP A 33 -12.91 4.80 3.85
N ILE A 34 -13.65 4.58 4.93
CA ILE A 34 -14.06 3.23 5.32
C ILE A 34 -14.75 2.53 4.16
N PHE A 35 -15.50 3.30 3.37
CA PHE A 35 -16.22 2.75 2.23
C PHE A 35 -15.25 2.21 1.18
N MET A 36 -14.26 3.02 0.83
CA MET A 36 -13.27 2.62 -0.16
C MET A 36 -12.47 1.42 0.31
N ARG A 37 -11.87 1.55 1.49
CA ARG A 37 -11.08 0.47 2.07
C ARG A 37 -11.91 -0.81 2.20
N GLU A 38 -13.17 -0.66 2.60
CA GLU A 38 -14.06 -1.80 2.76
C GLU A 38 -14.25 -2.53 1.43
N GLU A 39 -14.56 -1.77 0.38
CA GLU A 39 -14.78 -2.34 -0.95
C GLU A 39 -13.58 -3.19 -1.37
N VAL A 40 -12.42 -2.55 -1.50
CA VAL A 40 -11.20 -3.24 -1.90
C VAL A 40 -10.96 -4.47 -1.03
N ALA A 41 -10.78 -4.25 0.27
CA ALA A 41 -10.55 -5.33 1.21
C ALA A 41 -11.51 -6.49 0.96
N LEU A 42 -12.69 -6.17 0.44
CA LEU A 42 -13.70 -7.19 0.15
C LEU A 42 -13.54 -7.74 -1.26
N LYS A 43 -12.95 -6.92 -2.14
CA LYS A 43 -12.74 -7.33 -3.52
C LYS A 43 -11.47 -8.17 -3.65
N ILE A 44 -10.33 -7.56 -3.31
CA ILE A 44 -9.05 -8.25 -3.39
C ILE A 44 -9.01 -9.45 -2.44
N ASN A 45 -10.03 -9.56 -1.59
CA ASN A 45 -10.11 -10.66 -0.63
C ASN A 45 -9.05 -10.50 0.46
N LEU A 46 -9.01 -9.33 1.07
CA LEU A 46 -8.04 -9.05 2.13
C LEU A 46 -8.71 -8.34 3.30
N PRO A 47 -8.11 -8.47 4.49
CA PRO A 47 -8.63 -7.85 5.71
C PRO A 47 -8.47 -6.33 5.70
N GLU A 48 -9.58 -5.62 5.89
CA GLU A 48 -9.56 -4.17 5.91
C GLU A 48 -8.30 -3.64 6.58
N SER A 49 -7.83 -4.34 7.61
CA SER A 49 -6.64 -3.95 8.33
C SER A 49 -5.43 -3.88 7.40
N ARG A 50 -5.24 -4.95 6.63
CA ARG A 50 -4.11 -5.02 5.69
C ARG A 50 -4.16 -3.85 4.71
N VAL A 51 -5.36 -3.44 4.34
CA VAL A 51 -5.55 -2.33 3.40
C VAL A 51 -5.15 -1.00 4.03
N GLN A 52 -5.79 -0.68 5.16
CA GLN A 52 -5.50 0.56 5.86
C GLN A 52 -4.01 0.74 6.08
N VAL A 53 -3.32 -0.37 6.37
CA VAL A 53 -1.88 -0.33 6.58
C VAL A 53 -1.12 -0.20 5.27
N TRP A 54 -1.45 -1.06 4.31
CA TRP A 54 -0.81 -1.03 3.01
C TRP A 54 -0.62 0.39 2.52
N PHE A 55 -1.45 1.30 3.01
CA PHE A 55 -1.39 2.70 2.62
C PHE A 55 -0.27 3.42 3.37
N LYS A 56 -0.35 3.44 4.70
CA LYS A 56 0.66 4.09 5.52
C LYS A 56 2.06 3.65 5.12
N ASN A 57 2.16 2.45 4.56
CA ASN A 57 3.44 1.90 4.14
C ASN A 57 3.82 2.43 2.76
N ARG A 58 2.82 2.64 1.91
CA ARG A 58 3.04 3.15 0.56
C ARG A 58 3.40 4.63 0.59
N ARG A 59 2.45 5.45 1.01
CA ARG A 59 2.67 6.90 1.08
C ARG A 59 3.96 7.21 1.83
N ALA A 60 4.36 6.31 2.71
CA ALA A 60 5.59 6.50 3.48
C ALA A 60 6.81 6.61 2.58
N LYS A 61 6.84 5.79 1.53
CA LYS A 61 7.95 5.79 0.58
C LYS A 61 8.33 7.23 0.21
N CYS A 62 7.34 8.11 0.16
CA CYS A 62 7.58 9.51 -0.19
C CYS A 62 8.86 10.02 0.46
N ARG A 63 9.11 9.58 1.69
CA ARG A 63 10.30 10.00 2.43
C ARG A 63 11.41 8.96 2.28
N GLN A 64 11.04 7.68 2.30
CA GLN A 64 12.00 6.60 2.17
C GLN A 64 12.87 6.79 0.93
N GLN A 65 12.23 6.91 -0.24
CA GLN A 65 12.95 7.10 -1.49
C GLN A 65 14.12 8.07 -1.31
N GLN A 66 15.19 7.84 -2.07
CA GLN A 66 16.38 8.69 -1.99
C GLN A 66 16.83 8.84 -0.55
N GLN A 67 16.89 7.73 0.18
CA GLN A 67 17.32 7.76 1.58
C GLN A 67 18.82 7.97 1.69
N GLN A 68 19.26 8.44 2.86
CA GLN A 68 20.68 8.68 3.09
C GLN A 68 21.53 7.64 2.37
N GLN A 69 21.16 6.37 2.51
CA GLN A 69 21.90 5.28 1.88
C GLN A 69 22.04 5.52 0.37
N GLN A 70 23.11 4.99 -0.20
CA GLN A 70 23.35 5.14 -1.63
C GLN A 70 22.11 4.82 -2.44
N ASN A 71 21.62 5.80 -3.20
CA ASN A 71 20.43 5.60 -4.02
C ASN A 71 20.56 6.35 -5.35
N GLY A 72 19.55 6.22 -6.19
CA GLY A 72 19.56 6.89 -7.49
C GLY A 72 20.22 8.26 -7.41
N GLY A 73 19.62 9.17 -6.66
CA GLY A 73 20.18 10.50 -6.53
C GLY A 73 21.09 10.64 -5.34
N GLN A 74 22.25 9.99 -5.40
CA GLN A 74 23.22 10.03 -4.31
C GLN A 74 23.46 11.47 -3.87
N SER A 75 23.61 12.37 -4.83
CA SER A 75 23.86 13.78 -4.53
C SER A 75 22.68 14.39 -3.77
N GLY A 76 21.47 14.13 -4.25
CA GLY A 76 20.29 14.65 -3.60
C GLY A 76 20.53 16.01 -2.99
N PRO A 77 20.82 16.04 -1.68
CA PRO A 77 21.07 17.29 -0.94
C PRO A 77 22.39 17.94 -1.36
N SER A 78 22.31 19.21 -1.75
CA SER A 78 23.49 19.96 -2.17
C SER A 78 24.14 20.65 -0.99
N SER A 79 25.24 20.08 -0.50
CA SER A 79 25.96 20.63 0.63
C SER A 79 27.29 21.24 0.19
N GLY A 80 28.07 20.44 -0.54
CA GLY A 80 29.36 20.92 -1.02
C GLY A 80 30.50 20.01 -0.60
N GLY A 1 13.53 -13.15 -10.60
CA GLY A 1 13.26 -12.50 -9.32
C GLY A 1 12.13 -13.18 -8.57
N SER A 2 12.33 -14.44 -8.21
CA SER A 2 11.32 -15.20 -7.47
C SER A 2 11.03 -14.56 -6.12
N SER A 3 10.02 -15.08 -5.43
CA SER A 3 9.64 -14.56 -4.12
C SER A 3 10.71 -14.90 -3.08
N GLY A 4 11.75 -14.08 -3.01
CA GLY A 4 12.82 -14.31 -2.06
C GLY A 4 13.71 -15.47 -2.46
N SER A 5 13.78 -16.47 -1.60
CA SER A 5 14.62 -17.65 -1.86
C SER A 5 13.96 -18.91 -1.34
N SER A 6 13.85 -19.91 -2.19
CA SER A 6 13.23 -21.18 -1.82
C SER A 6 11.87 -20.95 -1.17
N GLY A 7 11.04 -20.15 -1.83
CA GLY A 7 9.72 -19.86 -1.31
C GLY A 7 8.64 -19.89 -2.38
N ARG A 8 7.97 -21.03 -2.51
CA ARG A 8 6.93 -21.19 -3.51
C ARG A 8 5.80 -20.19 -3.28
N ARG A 9 4.90 -20.09 -4.25
CA ARG A 9 3.77 -19.17 -4.16
C ARG A 9 3.21 -19.14 -2.73
N GLU A 10 2.97 -17.94 -2.22
CA GLU A 10 2.42 -17.78 -0.88
C GLU A 10 1.11 -17.01 -0.91
N ARG A 11 0.33 -17.15 0.17
CA ARG A 11 -0.96 -16.48 0.26
C ARG A 11 -0.85 -15.20 1.10
N THR A 12 -0.06 -15.28 2.17
CA THR A 12 0.14 -14.13 3.05
C THR A 12 0.64 -12.92 2.28
N THR A 13 1.67 -13.14 1.47
CA THR A 13 2.26 -12.07 0.66
C THR A 13 1.23 -11.46 -0.28
N PHE A 14 1.47 -10.23 -0.71
CA PHE A 14 0.58 -9.53 -1.61
C PHE A 14 0.66 -10.11 -3.02
N THR A 15 -0.47 -10.15 -3.71
CA THR A 15 -0.52 -10.68 -5.07
C THR A 15 -0.73 -9.56 -6.09
N ARG A 16 -0.53 -9.88 -7.36
CA ARG A 16 -0.70 -8.91 -8.43
C ARG A 16 -2.11 -8.33 -8.42
N ALA A 17 -3.10 -9.20 -8.27
CA ALA A 17 -4.50 -8.78 -8.24
C ALA A 17 -4.75 -7.82 -7.09
N GLN A 18 -4.27 -8.17 -5.91
CA GLN A 18 -4.45 -7.34 -4.73
C GLN A 18 -3.72 -6.00 -4.89
N LEU A 19 -2.47 -6.08 -5.34
CA LEU A 19 -1.66 -4.87 -5.54
C LEU A 19 -2.32 -3.93 -6.55
N ASP A 20 -2.59 -4.44 -7.74
CA ASP A 20 -3.22 -3.65 -8.79
C ASP A 20 -4.31 -2.75 -8.21
N VAL A 21 -5.27 -3.37 -7.52
CA VAL A 21 -6.36 -2.63 -6.92
C VAL A 21 -5.86 -1.63 -5.89
N LEU A 22 -5.24 -2.14 -4.82
CA LEU A 22 -4.70 -1.29 -3.76
C LEU A 22 -4.09 -0.02 -4.35
N GLU A 23 -3.16 -0.19 -5.27
CA GLU A 23 -2.49 0.94 -5.91
C GLU A 23 -3.50 1.81 -6.67
N ALA A 24 -4.39 1.16 -7.41
CA ALA A 24 -5.41 1.87 -8.18
C ALA A 24 -6.18 2.84 -7.29
N LEU A 25 -6.35 2.49 -6.03
CA LEU A 25 -7.07 3.34 -5.08
C LEU A 25 -6.15 4.38 -4.46
N PHE A 26 -4.84 4.13 -4.55
CA PHE A 26 -3.85 5.04 -4.02
C PHE A 26 -3.53 6.15 -5.00
N ALA A 27 -3.92 5.95 -6.26
CA ALA A 27 -3.68 6.94 -7.30
C ALA A 27 -4.84 7.93 -7.41
N LYS A 28 -6.02 7.46 -7.03
CA LYS A 28 -7.21 8.31 -7.09
C LYS A 28 -7.41 9.06 -5.76
N THR A 29 -7.27 8.33 -4.65
CA THR A 29 -7.43 8.92 -3.34
C THR A 29 -6.44 8.32 -2.34
N ARG A 30 -5.51 9.15 -1.87
CA ARG A 30 -4.50 8.71 -0.92
C ARG A 30 -5.13 8.37 0.42
N TYR A 31 -6.20 9.09 0.76
CA TYR A 31 -6.90 8.88 2.02
C TYR A 31 -8.35 8.46 1.77
N PRO A 32 -8.55 7.17 1.49
CA PRO A 32 -9.88 6.61 1.23
C PRO A 32 -10.74 6.55 2.48
N ASP A 33 -12.06 6.45 2.29
CA ASP A 33 -12.98 6.39 3.41
C ASP A 33 -13.30 4.94 3.78
N ILE A 34 -14.07 4.76 4.84
CA ILE A 34 -14.45 3.42 5.29
C ILE A 34 -15.10 2.62 4.16
N PHE A 35 -15.97 3.28 3.40
CA PHE A 35 -16.66 2.63 2.29
C PHE A 35 -15.65 2.09 1.28
N MET A 36 -14.71 2.92 0.86
CA MET A 36 -13.68 2.52 -0.09
C MET A 36 -12.86 1.36 0.44
N ARG A 37 -12.35 1.51 1.65
CA ARG A 37 -11.54 0.47 2.27
C ARG A 37 -12.30 -0.86 2.33
N GLU A 38 -13.58 -0.79 2.67
CA GLU A 38 -14.41 -1.98 2.75
C GLU A 38 -14.49 -2.68 1.40
N GLU A 39 -14.92 -1.94 0.38
CA GLU A 39 -15.03 -2.50 -0.96
C GLU A 39 -13.78 -3.29 -1.34
N VAL A 40 -12.66 -2.59 -1.42
CA VAL A 40 -11.39 -3.21 -1.77
C VAL A 40 -11.13 -4.45 -0.90
N ALA A 41 -11.07 -4.25 0.41
CA ALA A 41 -10.83 -5.34 1.34
C ALA A 41 -11.77 -6.51 1.06
N LEU A 42 -12.95 -6.21 0.53
CA LEU A 42 -13.93 -7.24 0.22
C LEU A 42 -13.76 -7.74 -1.21
N LYS A 43 -13.15 -6.91 -2.06
CA LYS A 43 -12.92 -7.27 -3.46
C LYS A 43 -11.66 -8.12 -3.60
N ILE A 44 -10.51 -7.50 -3.33
CA ILE A 44 -9.24 -8.21 -3.43
C ILE A 44 -9.20 -9.42 -2.48
N ASN A 45 -10.20 -9.51 -1.61
CA ASN A 45 -10.27 -10.62 -0.67
C ASN A 45 -9.22 -10.47 0.42
N LEU A 46 -9.11 -9.29 1.00
CA LEU A 46 -8.14 -9.02 2.05
C LEU A 46 -8.78 -8.25 3.21
N PRO A 47 -8.20 -8.40 4.41
CA PRO A 47 -8.68 -7.72 5.61
C PRO A 47 -8.44 -6.21 5.57
N GLU A 48 -9.50 -5.44 5.82
CA GLU A 48 -9.40 -3.98 5.81
C GLU A 48 -8.07 -3.53 6.40
N SER A 49 -7.57 -4.28 7.38
CA SER A 49 -6.31 -3.95 8.04
C SER A 49 -5.17 -3.90 7.02
N ARG A 50 -5.05 -4.96 6.22
CA ARG A 50 -4.01 -5.03 5.21
C ARG A 50 -4.08 -3.84 4.25
N VAL A 51 -5.28 -3.32 4.06
CA VAL A 51 -5.48 -2.18 3.18
C VAL A 51 -5.02 -0.88 3.84
N GLN A 52 -5.57 -0.59 5.02
CA GLN A 52 -5.22 0.61 5.76
C GLN A 52 -3.71 0.70 5.96
N VAL A 53 -3.08 -0.44 6.22
CA VAL A 53 -1.65 -0.50 6.43
C VAL A 53 -0.88 -0.35 5.11
N TRP A 54 -1.28 -1.13 4.11
CA TRP A 54 -0.64 -1.08 2.80
C TRP A 54 -0.50 0.36 2.32
N PHE A 55 -1.31 1.25 2.88
CA PHE A 55 -1.28 2.66 2.50
C PHE A 55 -0.19 3.41 3.27
N LYS A 56 -0.27 3.35 4.59
CA LYS A 56 0.71 4.01 5.46
C LYS A 56 2.13 3.64 5.04
N ASN A 57 2.28 2.49 4.39
CA ASN A 57 3.58 2.04 3.94
C ASN A 57 4.03 2.78 2.69
N ARG A 58 3.31 2.55 1.58
CA ARG A 58 3.63 3.21 0.32
C ARG A 58 3.78 4.71 0.51
N ARG A 59 2.73 5.35 1.01
CA ARG A 59 2.74 6.79 1.23
C ARG A 59 4.09 7.24 1.80
N ALA A 60 4.55 6.53 2.83
CA ALA A 60 5.83 6.86 3.46
C ALA A 60 6.96 6.88 2.44
N LYS A 61 7.05 5.82 1.65
CA LYS A 61 8.09 5.71 0.62
C LYS A 61 8.00 6.87 -0.37
N CYS A 62 6.78 7.32 -0.63
CA CYS A 62 6.56 8.43 -1.56
C CYS A 62 7.39 9.64 -1.15
N ARG A 63 7.12 10.17 0.03
CA ARG A 63 7.84 11.33 0.53
C ARG A 63 9.30 11.01 0.79
N GLN A 64 9.59 9.72 0.99
CA GLN A 64 10.96 9.27 1.24
C GLN A 64 11.85 9.53 0.03
N GLN A 65 11.29 9.32 -1.16
CA GLN A 65 12.04 9.54 -2.40
C GLN A 65 11.99 11.00 -2.81
N GLN A 66 13.14 11.52 -3.23
CA GLN A 66 13.24 12.91 -3.66
C GLN A 66 13.37 13.01 -5.17
N GLN A 67 12.74 14.03 -5.75
CA GLN A 67 12.78 14.22 -7.19
C GLN A 67 14.19 13.99 -7.74
N GLN A 68 14.27 13.23 -8.83
CA GLN A 68 15.56 12.94 -9.44
C GLN A 68 16.02 14.09 -10.33
N GLN A 69 17.34 14.23 -10.46
CA GLN A 69 17.90 15.29 -11.28
C GLN A 69 17.61 15.06 -12.76
N GLN A 70 17.65 16.13 -13.55
CA GLN A 70 17.38 16.04 -14.98
C GLN A 70 17.96 14.76 -15.56
N ASN A 71 19.28 14.64 -15.51
CA ASN A 71 19.96 13.45 -16.04
C ASN A 71 19.18 12.19 -15.72
N GLY A 72 18.88 11.41 -16.75
CA GLY A 72 18.13 10.18 -16.56
C GLY A 72 18.50 9.48 -15.26
N GLY A 73 17.48 8.92 -14.60
CA GLY A 73 17.72 8.23 -13.34
C GLY A 73 16.47 7.56 -12.81
N GLN A 74 16.41 7.39 -11.48
CA GLN A 74 15.26 6.77 -10.85
C GLN A 74 14.18 7.80 -10.53
N SER A 75 13.11 7.80 -11.32
CA SER A 75 12.02 8.74 -11.13
C SER A 75 10.74 8.23 -11.79
N GLY A 76 9.63 8.92 -11.52
CA GLY A 76 8.35 8.52 -12.10
C GLY A 76 7.23 9.45 -11.70
N PRO A 77 5.99 8.95 -11.80
CA PRO A 77 4.80 9.73 -11.46
C PRO A 77 4.68 9.98 -9.96
N SER A 78 4.71 11.25 -9.57
CA SER A 78 4.61 11.62 -8.17
C SER A 78 3.16 11.77 -7.74
N SER A 79 2.42 12.60 -8.48
CA SER A 79 1.01 12.83 -8.18
C SER A 79 0.34 11.56 -7.67
N GLY A 80 0.49 10.48 -8.43
CA GLY A 80 -0.10 9.22 -8.04
C GLY A 80 0.26 8.09 -8.98
N GLY A 1 -19.33 -15.48 8.71
CA GLY A 1 -18.18 -16.12 8.09
C GLY A 1 -17.05 -15.14 7.83
N SER A 2 -15.83 -15.53 8.18
CA SER A 2 -14.66 -14.68 7.98
C SER A 2 -13.40 -15.51 7.82
N SER A 3 -12.40 -14.94 7.16
CA SER A 3 -11.13 -15.64 6.93
C SER A 3 -9.96 -14.80 7.40
N GLY A 4 -8.84 -15.45 7.70
CA GLY A 4 -7.66 -14.74 8.16
C GLY A 4 -6.43 -15.62 8.18
N SER A 5 -5.34 -15.09 8.71
CA SER A 5 -4.08 -15.84 8.78
C SER A 5 -3.16 -15.26 9.86
N SER A 6 -2.24 -16.08 10.34
CA SER A 6 -1.31 -15.65 11.38
C SER A 6 -0.01 -16.44 11.29
N GLY A 7 1.10 -15.73 11.07
CA GLY A 7 2.39 -16.37 10.97
C GLY A 7 3.54 -15.41 11.13
N ARG A 8 4.19 -15.45 12.29
CA ARG A 8 5.31 -14.56 12.58
C ARG A 8 6.46 -14.81 11.60
N ARG A 9 6.44 -14.11 10.48
CA ARG A 9 7.48 -14.25 9.47
C ARG A 9 7.38 -13.14 8.42
N GLU A 10 8.50 -12.86 7.77
CA GLU A 10 8.53 -11.82 6.74
C GLU A 10 8.04 -12.35 5.40
N ARG A 11 6.79 -12.08 5.09
CA ARG A 11 6.20 -12.54 3.83
C ARG A 11 5.12 -11.58 3.35
N THR A 12 5.18 -11.21 2.08
CA THR A 12 4.21 -10.29 1.50
C THR A 12 2.96 -11.03 1.03
N THR A 13 1.80 -10.60 1.52
CA THR A 13 0.54 -11.23 1.16
C THR A 13 -0.24 -10.38 0.16
N PHE A 14 0.49 -9.75 -0.76
CA PHE A 14 -0.12 -8.90 -1.77
C PHE A 14 0.24 -9.38 -3.18
N THR A 15 -0.72 -10.03 -3.84
CA THR A 15 -0.50 -10.54 -5.18
C THR A 15 -0.72 -9.45 -6.23
N ARG A 16 -0.25 -9.70 -7.44
CA ARG A 16 -0.40 -8.74 -8.53
C ARG A 16 -1.82 -8.22 -8.61
N ALA A 17 -2.79 -9.11 -8.41
CA ALA A 17 -4.20 -8.75 -8.47
C ALA A 17 -4.57 -7.86 -7.28
N GLN A 18 -4.21 -8.31 -6.08
CA GLN A 18 -4.52 -7.56 -4.86
C GLN A 18 -3.88 -6.18 -4.91
N LEU A 19 -2.70 -6.09 -5.50
CA LEU A 19 -1.99 -4.82 -5.60
C LEU A 19 -2.67 -3.89 -6.60
N ASP A 20 -2.77 -4.36 -7.84
CA ASP A 20 -3.40 -3.58 -8.90
C ASP A 20 -4.59 -2.79 -8.36
N VAL A 21 -5.41 -3.46 -7.55
CA VAL A 21 -6.59 -2.82 -6.96
C VAL A 21 -6.19 -1.78 -5.93
N LEU A 22 -5.38 -2.19 -4.96
CA LEU A 22 -4.93 -1.29 -3.91
C LEU A 22 -4.36 -0.01 -4.50
N GLU A 23 -3.54 -0.15 -5.54
CA GLU A 23 -2.92 1.00 -6.20
C GLU A 23 -3.98 1.84 -6.91
N ALA A 24 -4.78 1.18 -7.74
CA ALA A 24 -5.84 1.87 -8.49
C ALA A 24 -6.55 2.89 -7.61
N LEU A 25 -6.89 2.48 -6.39
CA LEU A 25 -7.58 3.36 -5.45
C LEU A 25 -6.65 4.47 -4.97
N PHE A 26 -5.36 4.18 -4.89
CA PHE A 26 -4.38 5.16 -4.44
C PHE A 26 -4.15 6.23 -5.51
N ALA A 27 -4.31 5.84 -6.78
CA ALA A 27 -4.13 6.77 -7.89
C ALA A 27 -5.26 7.79 -7.94
N LYS A 28 -6.39 7.44 -7.33
CA LYS A 28 -7.55 8.34 -7.30
C LYS A 28 -7.65 9.07 -5.97
N THR A 29 -7.30 8.38 -4.89
CA THR A 29 -7.34 8.96 -3.56
C THR A 29 -6.33 8.29 -2.63
N ARG A 30 -5.32 9.04 -2.22
CA ARG A 30 -4.30 8.52 -1.32
C ARG A 30 -4.88 8.21 0.05
N TYR A 31 -5.92 8.94 0.44
CA TYR A 31 -6.56 8.74 1.73
C TYR A 31 -8.04 8.36 1.54
N PRO A 32 -8.28 7.07 1.25
CA PRO A 32 -9.63 6.56 1.05
C PRO A 32 -10.43 6.51 2.35
N ASP A 33 -11.75 6.50 2.22
CA ASP A 33 -12.65 6.46 3.37
C ASP A 33 -12.93 5.02 3.78
N ILE A 34 -13.64 4.85 4.90
CA ILE A 34 -13.98 3.53 5.41
C ILE A 34 -14.68 2.70 4.34
N PHE A 35 -15.63 3.32 3.65
CA PHE A 35 -16.38 2.64 2.60
C PHE A 35 -15.44 2.09 1.53
N MET A 36 -14.54 2.94 1.05
CA MET A 36 -13.57 2.53 0.03
C MET A 36 -12.73 1.36 0.51
N ARG A 37 -12.17 1.49 1.70
CA ARG A 37 -11.34 0.44 2.27
C ARG A 37 -12.09 -0.89 2.33
N GLU A 38 -13.36 -0.82 2.70
CA GLU A 38 -14.20 -2.02 2.78
C GLU A 38 -14.32 -2.69 1.42
N GLU A 39 -14.69 -1.92 0.41
CA GLU A 39 -14.85 -2.44 -0.94
C GLU A 39 -13.62 -3.23 -1.36
N VAL A 40 -12.48 -2.56 -1.42
CA VAL A 40 -11.23 -3.20 -1.81
C VAL A 40 -10.96 -4.42 -0.95
N ALA A 41 -10.82 -4.21 0.36
CA ALA A 41 -10.57 -5.31 1.29
C ALA A 41 -11.47 -6.50 1.01
N LEU A 42 -12.65 -6.23 0.46
CA LEU A 42 -13.61 -7.27 0.13
C LEU A 42 -13.39 -7.80 -1.28
N LYS A 43 -12.80 -6.97 -2.14
CA LYS A 43 -12.53 -7.35 -3.52
C LYS A 43 -11.23 -8.15 -3.61
N ILE A 44 -10.12 -7.50 -3.27
CA ILE A 44 -8.81 -8.14 -3.32
C ILE A 44 -8.77 -9.36 -2.39
N ASN A 45 -9.81 -9.50 -1.57
CA ASN A 45 -9.87 -10.61 -0.64
C ASN A 45 -8.85 -10.46 0.48
N LEU A 46 -8.79 -9.26 1.06
CA LEU A 46 -7.85 -8.98 2.14
C LEU A 46 -8.55 -8.27 3.29
N PRO A 47 -7.99 -8.41 4.50
CA PRO A 47 -8.54 -7.78 5.71
C PRO A 47 -8.37 -6.26 5.70
N GLU A 48 -9.44 -5.55 6.00
CA GLU A 48 -9.41 -4.09 6.02
C GLU A 48 -8.09 -3.59 6.60
N SER A 49 -7.54 -4.33 7.56
CA SER A 49 -6.28 -3.97 8.19
C SER A 49 -5.16 -3.89 7.15
N ARG A 50 -4.95 -4.99 6.42
CA ARG A 50 -3.91 -5.05 5.41
C ARG A 50 -4.01 -3.85 4.45
N VAL A 51 -5.25 -3.46 4.15
CA VAL A 51 -5.48 -2.34 3.25
C VAL A 51 -5.05 -1.02 3.89
N GLN A 52 -5.57 -0.75 5.08
CA GLN A 52 -5.23 0.47 5.80
C GLN A 52 -3.72 0.63 5.96
N VAL A 53 -3.06 -0.46 6.33
CA VAL A 53 -1.62 -0.45 6.52
C VAL A 53 -0.90 -0.22 5.19
N TRP A 54 -1.17 -1.09 4.22
CA TRP A 54 -0.55 -0.98 2.90
C TRP A 54 -0.42 0.48 2.49
N PHE A 55 -1.43 1.28 2.80
CA PHE A 55 -1.42 2.69 2.46
C PHE A 55 -0.41 3.46 3.30
N LYS A 56 -0.44 3.24 4.60
CA LYS A 56 0.49 3.89 5.52
C LYS A 56 1.93 3.64 5.11
N ASN A 57 2.25 2.38 4.82
CA ASN A 57 3.59 2.00 4.42
C ASN A 57 3.97 2.65 3.08
N ARG A 58 3.18 2.37 2.06
CA ARG A 58 3.43 2.92 0.73
C ARG A 58 3.68 4.43 0.81
N ARG A 59 2.75 5.16 1.41
CA ARG A 59 2.87 6.60 1.54
C ARG A 59 4.21 6.97 2.19
N ALA A 60 4.54 6.26 3.27
CA ALA A 60 5.79 6.51 3.99
C ALA A 60 7.00 6.29 3.09
N LYS A 61 6.95 5.22 2.29
CA LYS A 61 8.03 4.90 1.38
C LYS A 61 8.38 6.08 0.49
N CYS A 62 7.38 6.60 -0.22
CA CYS A 62 7.58 7.74 -1.10
C CYS A 62 8.42 8.81 -0.43
N ARG A 63 8.05 9.17 0.81
CA ARG A 63 8.77 10.18 1.55
C ARG A 63 10.26 9.86 1.62
N GLN A 64 10.58 8.68 2.15
CA GLN A 64 11.97 8.25 2.26
C GLN A 64 12.68 8.32 0.92
N GLN A 65 12.07 7.71 -0.10
CA GLN A 65 12.64 7.71 -1.44
C GLN A 65 12.70 9.12 -2.01
N GLN A 66 13.85 9.48 -2.57
CA GLN A 66 14.02 10.80 -3.16
C GLN A 66 13.57 11.89 -2.20
N GLN A 67 13.92 11.74 -0.93
CA GLN A 67 13.55 12.71 0.10
C GLN A 67 14.46 13.93 0.05
N GLN A 68 13.86 15.11 -0.04
CA GLN A 68 14.62 16.35 -0.10
C GLN A 68 15.84 16.21 -0.98
N GLN A 69 15.67 15.53 -2.11
CA GLN A 69 16.76 15.31 -3.06
C GLN A 69 16.59 16.19 -4.29
N GLN A 70 17.70 16.49 -4.95
CA GLN A 70 17.69 17.33 -6.15
C GLN A 70 17.75 16.46 -7.41
N ASN A 71 16.59 16.22 -8.01
CA ASN A 71 16.53 15.41 -9.23
C ASN A 71 15.29 15.78 -10.05
N GLY A 72 15.27 15.31 -11.30
CA GLY A 72 14.15 15.59 -12.17
C GLY A 72 14.31 16.90 -12.92
N GLY A 73 13.98 18.00 -12.28
CA GLY A 73 14.12 19.30 -12.91
C GLY A 73 13.06 20.28 -12.43
N GLN A 74 12.21 20.74 -13.34
CA GLN A 74 11.16 21.69 -13.01
C GLN A 74 10.12 21.06 -12.09
N SER A 75 9.54 21.86 -11.22
CA SER A 75 8.54 21.38 -10.28
C SER A 75 7.44 22.42 -10.06
N GLY A 76 6.20 21.96 -9.95
CA GLY A 76 5.09 22.88 -9.74
C GLY A 76 3.80 22.35 -10.34
N PRO A 77 2.67 22.65 -9.68
CA PRO A 77 1.34 22.23 -10.14
C PRO A 77 0.91 22.93 -11.41
N SER A 78 1.38 24.16 -11.59
CA SER A 78 1.03 24.95 -12.77
C SER A 78 2.28 25.27 -13.59
N SER A 79 2.07 25.72 -14.82
CA SER A 79 3.17 26.06 -15.72
C SER A 79 3.76 27.42 -15.35
N GLY A 80 5.04 27.60 -15.67
CA GLY A 80 5.71 28.85 -15.38
C GLY A 80 7.13 28.90 -15.90
N GLY A 1 10.86 -28.85 5.68
CA GLY A 1 12.06 -28.30 5.08
C GLY A 1 12.67 -29.20 4.04
N SER A 2 13.60 -30.05 4.46
CA SER A 2 14.27 -30.97 3.55
C SER A 2 14.66 -30.28 2.25
N SER A 3 15.17 -29.06 2.38
CA SER A 3 15.59 -28.28 1.21
C SER A 3 16.86 -28.86 0.60
N GLY A 4 16.76 -29.27 -0.67
CA GLY A 4 17.91 -29.83 -1.36
C GLY A 4 17.62 -30.16 -2.80
N SER A 5 17.04 -29.21 -3.52
CA SER A 5 16.70 -29.41 -4.92
C SER A 5 16.52 -28.07 -5.63
N SER A 6 16.79 -28.06 -6.93
CA SER A 6 16.66 -26.84 -7.74
C SER A 6 15.20 -26.44 -7.86
N GLY A 7 14.87 -25.26 -7.32
CA GLY A 7 13.50 -24.77 -7.38
C GLY A 7 13.25 -23.65 -6.40
N ARG A 8 13.83 -22.48 -6.68
CA ARG A 8 13.67 -21.32 -5.82
C ARG A 8 12.22 -20.84 -5.83
N ARG A 9 11.50 -21.13 -4.75
CA ARG A 9 10.10 -20.73 -4.64
C ARG A 9 9.97 -19.36 -3.97
N GLU A 10 9.44 -18.39 -4.69
CA GLU A 10 9.27 -17.05 -4.16
C GLU A 10 8.10 -16.99 -3.20
N ARG A 11 8.25 -16.20 -2.13
CA ARG A 11 7.21 -16.06 -1.13
C ARG A 11 6.80 -14.59 -0.97
N THR A 12 5.49 -14.34 -0.97
CA THR A 12 4.98 -12.98 -0.83
C THR A 12 3.68 -12.97 -0.04
N THR A 13 3.20 -11.77 0.29
CA THR A 13 1.96 -11.62 1.04
C THR A 13 0.84 -11.10 0.16
N PHE A 14 1.17 -10.15 -0.72
CA PHE A 14 0.20 -9.57 -1.62
C PHE A 14 0.35 -10.12 -3.04
N THR A 15 -0.76 -10.20 -3.76
CA THR A 15 -0.76 -10.71 -5.12
C THR A 15 -0.96 -9.60 -6.14
N ARG A 16 -0.58 -9.85 -7.38
CA ARG A 16 -0.73 -8.87 -8.45
C ARG A 16 -2.12 -8.25 -8.42
N ALA A 17 -3.14 -9.09 -8.39
CA ALA A 17 -4.53 -8.62 -8.36
C ALA A 17 -4.77 -7.69 -7.17
N GLN A 18 -4.41 -8.17 -5.98
CA GLN A 18 -4.58 -7.38 -4.77
C GLN A 18 -3.85 -6.05 -4.87
N LEU A 19 -2.66 -6.08 -5.45
CA LEU A 19 -1.85 -4.87 -5.61
C LEU A 19 -2.51 -3.91 -6.60
N ASP A 20 -2.67 -4.36 -7.84
CA ASP A 20 -3.28 -3.53 -8.88
C ASP A 20 -4.46 -2.74 -8.32
N VAL A 21 -5.32 -3.42 -7.58
CA VAL A 21 -6.49 -2.77 -6.99
C VAL A 21 -6.08 -1.74 -5.94
N LEU A 22 -5.20 -2.16 -5.03
CA LEU A 22 -4.73 -1.27 -3.96
C LEU A 22 -4.16 0.02 -4.56
N GLU A 23 -3.30 -0.14 -5.56
CA GLU A 23 -2.68 1.02 -6.20
C GLU A 23 -3.73 1.87 -6.93
N ALA A 24 -4.58 1.20 -7.71
CA ALA A 24 -5.62 1.89 -8.46
C ALA A 24 -6.38 2.86 -7.56
N LEU A 25 -6.69 2.42 -6.35
CA LEU A 25 -7.42 3.26 -5.39
C LEU A 25 -6.56 4.43 -4.93
N PHE A 26 -5.26 4.19 -4.78
CA PHE A 26 -4.33 5.22 -4.34
C PHE A 26 -4.16 6.29 -5.42
N ALA A 27 -4.16 5.86 -6.68
CA ALA A 27 -4.01 6.78 -7.80
C ALA A 27 -5.17 7.77 -7.85
N LYS A 28 -6.35 7.33 -7.44
CA LYS A 28 -7.54 8.17 -7.44
C LYS A 28 -7.63 8.98 -6.15
N THR A 29 -7.22 8.37 -5.05
CA THR A 29 -7.26 9.02 -3.74
C THR A 29 -6.25 8.41 -2.78
N ARG A 30 -5.33 9.24 -2.30
CA ARG A 30 -4.30 8.78 -1.37
C ARG A 30 -4.90 8.46 0.00
N TYR A 31 -6.02 9.11 0.31
CA TYR A 31 -6.68 8.89 1.58
C TYR A 31 -8.11 8.38 1.37
N PRO A 32 -8.23 7.07 1.12
CA PRO A 32 -9.53 6.43 0.89
C PRO A 32 -10.37 6.35 2.17
N ASP A 33 -11.66 6.64 2.03
CA ASP A 33 -12.58 6.60 3.17
C ASP A 33 -12.88 5.17 3.57
N ILE A 34 -13.35 4.99 4.81
CA ILE A 34 -13.69 3.66 5.32
C ILE A 34 -14.45 2.85 4.27
N PHE A 35 -15.37 3.51 3.57
CA PHE A 35 -16.16 2.85 2.53
C PHE A 35 -15.26 2.26 1.45
N MET A 36 -14.27 3.03 1.02
CA MET A 36 -13.35 2.58 -0.01
C MET A 36 -12.52 1.39 0.48
N ARG A 37 -11.94 1.54 1.67
CA ARG A 37 -11.12 0.48 2.24
C ARG A 37 -11.93 -0.82 2.37
N GLU A 38 -13.17 -0.70 2.82
CA GLU A 38 -14.04 -1.85 3.00
C GLU A 38 -14.29 -2.54 1.66
N GLU A 39 -14.64 -1.76 0.64
CA GLU A 39 -14.91 -2.29 -0.68
C GLU A 39 -13.75 -3.17 -1.16
N VAL A 40 -12.58 -2.56 -1.35
CA VAL A 40 -11.40 -3.29 -1.80
C VAL A 40 -11.16 -4.52 -0.94
N ALA A 41 -10.93 -4.31 0.35
CA ALA A 41 -10.68 -5.40 1.27
C ALA A 41 -11.67 -6.54 1.05
N LEU A 42 -12.85 -6.20 0.55
CA LEU A 42 -13.89 -7.19 0.30
C LEU A 42 -13.78 -7.75 -1.12
N LYS A 43 -13.26 -6.93 -2.04
CA LYS A 43 -13.10 -7.34 -3.42
C LYS A 43 -11.84 -8.19 -3.59
N ILE A 44 -10.70 -7.62 -3.23
CA ILE A 44 -9.43 -8.34 -3.33
C ILE A 44 -9.36 -9.49 -2.34
N ASN A 45 -10.41 -9.64 -1.54
CA ASN A 45 -10.47 -10.71 -0.54
C ASN A 45 -9.36 -10.57 0.48
N LEU A 46 -9.29 -9.40 1.11
CA LEU A 46 -8.27 -9.12 2.11
C LEU A 46 -8.87 -8.41 3.32
N PRO A 47 -8.21 -8.55 4.48
CA PRO A 47 -8.66 -7.92 5.73
C PRO A 47 -8.49 -6.40 5.70
N GLU A 48 -9.55 -5.69 6.05
CA GLU A 48 -9.52 -4.23 6.07
C GLU A 48 -8.20 -3.73 6.64
N SER A 49 -7.63 -4.49 7.57
CA SER A 49 -6.37 -4.13 8.20
C SER A 49 -5.23 -4.09 7.18
N ARG A 50 -5.13 -5.17 6.40
CA ARG A 50 -4.09 -5.27 5.38
C ARG A 50 -4.12 -4.06 4.46
N VAL A 51 -5.32 -3.62 4.09
CA VAL A 51 -5.49 -2.48 3.20
C VAL A 51 -4.92 -1.21 3.83
N GLN A 52 -5.40 -0.88 5.03
CA GLN A 52 -4.96 0.30 5.74
C GLN A 52 -3.43 0.34 5.82
N VAL A 53 -2.83 -0.78 6.24
CA VAL A 53 -1.39 -0.88 6.36
C VAL A 53 -0.70 -0.59 5.03
N TRP A 54 -0.95 -1.46 4.05
CA TRP A 54 -0.35 -1.31 2.72
C TRP A 54 -0.28 0.16 2.33
N PHE A 55 -1.35 0.90 2.62
CA PHE A 55 -1.41 2.32 2.29
C PHE A 55 -0.43 3.11 3.14
N LYS A 56 -0.52 2.94 4.46
CA LYS A 56 0.37 3.64 5.39
C LYS A 56 1.82 3.52 4.96
N ASN A 57 2.21 2.30 4.58
CA ASN A 57 3.58 2.03 4.15
C ASN A 57 3.95 2.91 2.95
N ARG A 58 3.19 2.79 1.87
CA ARG A 58 3.43 3.57 0.66
C ARG A 58 3.58 5.05 1.00
N ARG A 59 2.61 5.60 1.72
CA ARG A 59 2.63 7.00 2.11
C ARG A 59 3.99 7.37 2.71
N ALA A 60 4.38 6.67 3.75
CA ALA A 60 5.65 6.92 4.42
C ALA A 60 6.76 7.17 3.40
N LYS A 61 6.87 6.27 2.43
CA LYS A 61 7.89 6.39 1.39
C LYS A 61 7.94 7.81 0.84
N CYS A 62 6.78 8.40 0.63
CA CYS A 62 6.69 9.76 0.11
C CYS A 62 7.08 10.78 1.17
N ARG A 63 6.51 10.63 2.37
CA ARG A 63 6.80 11.54 3.47
C ARG A 63 8.30 11.64 3.73
N GLN A 64 8.93 10.49 3.92
CA GLN A 64 10.37 10.45 4.17
C GLN A 64 11.13 11.22 3.10
N GLN A 65 10.81 10.96 1.84
CA GLN A 65 11.46 11.63 0.72
C GLN A 65 11.72 13.10 1.05
N GLN A 66 12.87 13.60 0.60
CA GLN A 66 13.23 14.99 0.85
C GLN A 66 12.23 15.95 0.20
N GLN A 67 11.37 16.55 1.01
CA GLN A 67 10.37 17.48 0.52
C GLN A 67 10.57 18.87 1.11
N GLN A 68 9.91 19.86 0.52
CA GLN A 68 10.03 21.23 0.99
C GLN A 68 8.84 21.61 1.88
N GLN A 69 9.14 22.12 3.07
CA GLN A 69 8.11 22.51 4.02
C GLN A 69 7.27 23.66 3.46
N GLN A 70 6.08 23.86 4.04
CA GLN A 70 5.19 24.92 3.61
C GLN A 70 4.66 25.71 4.79
N ASN A 71 4.60 27.02 4.65
CA ASN A 71 4.11 27.89 5.71
C ASN A 71 2.58 27.87 5.78
N GLY A 72 2.04 28.29 6.92
CA GLY A 72 0.59 28.30 7.09
C GLY A 72 -0.05 29.53 6.50
N GLY A 73 -1.06 30.07 7.19
CA GLY A 73 -1.74 31.26 6.72
C GLY A 73 -2.49 31.98 7.81
N GLN A 74 -3.16 33.06 7.46
CA GLN A 74 -3.91 33.85 8.42
C GLN A 74 -5.33 34.10 7.92
N SER A 75 -6.12 34.82 8.73
CA SER A 75 -7.49 35.13 8.38
C SER A 75 -7.63 36.58 7.93
N GLY A 76 -8.85 36.98 7.58
CA GLY A 76 -9.09 38.34 7.15
C GLY A 76 -10.22 39.00 7.91
N PRO A 77 -10.12 40.33 8.10
CA PRO A 77 -11.12 41.11 8.82
C PRO A 77 -12.43 41.22 8.04
N SER A 78 -13.34 42.04 8.56
CA SER A 78 -14.64 42.24 7.91
C SER A 78 -14.79 43.67 7.41
N SER A 79 -15.90 43.95 6.74
CA SER A 79 -16.16 45.28 6.21
C SER A 79 -16.79 46.18 7.28
N GLY A 80 -17.95 45.76 7.78
CA GLY A 80 -18.63 46.54 8.80
C GLY A 80 -19.35 47.75 8.22
N GLY A 1 -14.89 -29.62 15.35
CA GLY A 1 -13.98 -29.57 14.23
C GLY A 1 -12.63 -28.95 14.60
N SER A 2 -11.87 -29.66 15.42
CA SER A 2 -10.57 -29.17 15.86
C SER A 2 -9.45 -30.04 15.29
N SER A 3 -8.95 -29.65 14.11
CA SER A 3 -7.88 -30.39 13.47
C SER A 3 -6.76 -29.45 13.02
N GLY A 4 -5.59 -29.62 13.64
CA GLY A 4 -4.45 -28.77 13.30
C GLY A 4 -3.65 -29.34 12.13
N SER A 5 -3.51 -28.55 11.08
CA SER A 5 -2.76 -28.97 9.90
C SER A 5 -1.77 -27.90 9.48
N SER A 6 -0.82 -28.29 8.63
CA SER A 6 0.20 -27.37 8.16
C SER A 6 0.72 -27.79 6.79
N GLY A 7 0.83 -26.82 5.87
CA GLY A 7 1.31 -27.12 4.53
C GLY A 7 2.80 -26.95 4.40
N ARG A 8 3.30 -26.98 3.17
CA ARG A 8 4.73 -26.83 2.92
C ARG A 8 5.24 -25.48 3.45
N ARG A 9 4.76 -24.40 2.85
CA ARG A 9 5.16 -23.07 3.25
C ARG A 9 3.96 -22.13 3.32
N GLU A 10 4.12 -21.02 4.05
CA GLU A 10 3.04 -20.05 4.18
C GLU A 10 3.12 -18.99 3.09
N ARG A 11 1.99 -18.69 2.47
CA ARG A 11 1.93 -17.70 1.40
C ARG A 11 1.30 -16.40 1.91
N THR A 12 2.15 -15.48 2.37
CA THR A 12 1.67 -14.20 2.88
C THR A 12 2.30 -13.04 2.12
N THR A 13 1.72 -12.70 0.98
CA THR A 13 2.23 -11.60 0.16
C THR A 13 1.14 -11.02 -0.73
N PHE A 14 1.28 -9.76 -1.10
CA PHE A 14 0.31 -9.09 -1.96
C PHE A 14 0.42 -9.60 -3.39
N THR A 15 -0.70 -10.11 -3.91
CA THR A 15 -0.73 -10.64 -5.27
C THR A 15 -1.11 -9.55 -6.27
N ARG A 16 -0.77 -9.76 -7.54
CA ARG A 16 -1.08 -8.79 -8.59
C ARG A 16 -2.54 -8.35 -8.51
N ALA A 17 -3.43 -9.33 -8.39
CA ALA A 17 -4.86 -9.04 -8.31
C ALA A 17 -5.17 -8.12 -7.14
N GLN A 18 -4.45 -8.30 -6.04
CA GLN A 18 -4.65 -7.49 -4.84
C GLN A 18 -4.00 -6.12 -5.00
N LEU A 19 -2.88 -6.08 -5.73
CA LEU A 19 -2.16 -4.84 -5.96
C LEU A 19 -2.92 -3.94 -6.93
N ASP A 20 -3.09 -4.42 -8.15
CA ASP A 20 -3.80 -3.66 -9.17
C ASP A 20 -4.94 -2.84 -8.56
N VAL A 21 -5.57 -3.41 -7.53
CA VAL A 21 -6.67 -2.74 -6.85
C VAL A 21 -6.15 -1.73 -5.83
N LEU A 22 -5.33 -2.21 -4.90
CA LEU A 22 -4.76 -1.36 -3.86
C LEU A 22 -4.11 -0.13 -4.48
N GLU A 23 -3.24 -0.34 -5.46
CA GLU A 23 -2.54 0.75 -6.11
C GLU A 23 -3.52 1.65 -6.87
N ALA A 24 -4.41 1.04 -7.65
CA ALA A 24 -5.40 1.77 -8.41
C ALA A 24 -6.15 2.76 -7.52
N LEU A 25 -6.54 2.29 -6.33
CA LEU A 25 -7.27 3.13 -5.38
C LEU A 25 -6.33 4.11 -4.69
N PHE A 26 -5.05 3.77 -4.65
CA PHE A 26 -4.06 4.61 -4.01
C PHE A 26 -3.61 5.74 -4.94
N ALA A 27 -3.85 5.53 -6.24
CA ALA A 27 -3.47 6.53 -7.24
C ALA A 27 -4.56 7.58 -7.39
N LYS A 28 -5.79 7.22 -7.04
CA LYS A 28 -6.91 8.14 -7.14
C LYS A 28 -7.12 8.90 -5.83
N THR A 29 -7.11 8.17 -4.72
CA THR A 29 -7.29 8.76 -3.41
C THR A 29 -6.31 8.20 -2.40
N ARG A 30 -5.32 9.01 -2.01
CA ARG A 30 -4.31 8.57 -1.05
C ARG A 30 -4.95 8.26 0.30
N TYR A 31 -6.00 8.99 0.63
CA TYR A 31 -6.70 8.79 1.90
C TYR A 31 -8.16 8.43 1.67
N PRO A 32 -8.42 7.15 1.36
CA PRO A 32 -9.77 6.65 1.11
C PRO A 32 -10.63 6.61 2.37
N ASP A 33 -11.92 6.40 2.21
CA ASP A 33 -12.85 6.34 3.34
C ASP A 33 -13.18 4.91 3.69
N ILE A 34 -13.94 4.73 4.76
CA ILE A 34 -14.34 3.39 5.20
C ILE A 34 -15.05 2.63 4.09
N PHE A 35 -15.88 3.34 3.33
CA PHE A 35 -16.62 2.73 2.24
C PHE A 35 -15.67 2.17 1.17
N MET A 36 -14.66 2.96 0.82
CA MET A 36 -13.68 2.55 -0.18
C MET A 36 -12.83 1.38 0.34
N ARG A 37 -12.26 1.55 1.53
CA ARG A 37 -11.43 0.53 2.13
C ARG A 37 -12.19 -0.79 2.25
N GLU A 38 -13.45 -0.70 2.68
CA GLU A 38 -14.28 -1.89 2.83
C GLU A 38 -14.41 -2.65 1.52
N GLU A 39 -14.80 -1.93 0.47
CA GLU A 39 -14.97 -2.53 -0.85
C GLU A 39 -13.72 -3.32 -1.24
N VAL A 40 -12.61 -2.62 -1.38
CA VAL A 40 -11.34 -3.25 -1.75
C VAL A 40 -11.06 -4.46 -0.88
N ALA A 41 -10.95 -4.24 0.43
CA ALA A 41 -10.68 -5.31 1.38
C ALA A 41 -11.57 -6.52 1.09
N LEU A 42 -12.74 -6.26 0.51
CA LEU A 42 -13.69 -7.33 0.20
C LEU A 42 -13.48 -7.84 -1.23
N LYS A 43 -12.92 -6.99 -2.08
CA LYS A 43 -12.66 -7.35 -3.47
C LYS A 43 -11.36 -8.14 -3.59
N ILE A 44 -10.26 -7.53 -3.18
CA ILE A 44 -8.95 -8.17 -3.24
C ILE A 44 -8.87 -9.34 -2.25
N ASN A 45 -9.94 -9.54 -1.49
CA ASN A 45 -10.00 -10.62 -0.52
C ASN A 45 -8.94 -10.45 0.55
N LEU A 46 -8.92 -9.27 1.17
CA LEU A 46 -7.95 -8.96 2.22
C LEU A 46 -8.62 -8.22 3.37
N PRO A 47 -8.03 -8.33 4.58
CA PRO A 47 -8.54 -7.67 5.78
C PRO A 47 -8.37 -6.15 5.72
N GLU A 48 -9.43 -5.43 6.05
CA GLU A 48 -9.39 -3.98 6.04
C GLU A 48 -8.06 -3.46 6.59
N SER A 49 -7.48 -4.22 7.51
CA SER A 49 -6.21 -3.85 8.12
C SER A 49 -5.10 -3.76 7.06
N ARG A 50 -4.87 -4.87 6.36
CA ARG A 50 -3.84 -4.91 5.33
C ARG A 50 -3.99 -3.74 4.37
N VAL A 51 -5.24 -3.38 4.06
CA VAL A 51 -5.51 -2.28 3.15
C VAL A 51 -5.05 -0.95 3.74
N GLN A 52 -5.53 -0.65 4.95
CA GLN A 52 -5.17 0.59 5.62
C GLN A 52 -3.65 0.72 5.75
N VAL A 53 -3.01 -0.36 6.19
CA VAL A 53 -1.56 -0.37 6.36
C VAL A 53 -0.85 -0.21 5.02
N TRP A 54 -1.26 -1.00 4.04
CA TRP A 54 -0.66 -0.94 2.71
C TRP A 54 -0.51 0.49 2.24
N PHE A 55 -1.38 1.37 2.73
CA PHE A 55 -1.34 2.77 2.36
C PHE A 55 -0.38 3.55 3.25
N LYS A 56 -0.55 3.40 4.56
CA LYS A 56 0.31 4.08 5.52
C LYS A 56 1.78 3.72 5.30
N ASN A 57 2.01 2.56 4.71
CA ASN A 57 3.37 2.09 4.43
C ASN A 57 3.92 2.75 3.17
N ARG A 58 3.07 2.85 2.15
CA ARG A 58 3.47 3.45 0.88
C ARG A 58 3.71 4.95 1.04
N ARG A 59 2.79 5.62 1.72
CA ARG A 59 2.91 7.06 1.94
C ARG A 59 4.28 7.41 2.50
N ALA A 60 4.72 6.64 3.48
CA ALA A 60 6.03 6.88 4.10
C ALA A 60 7.14 6.88 3.06
N LYS A 61 7.13 5.87 2.20
CA LYS A 61 8.14 5.75 1.15
C LYS A 61 8.08 6.93 0.20
N CYS A 62 6.86 7.35 -0.15
CA CYS A 62 6.68 8.48 -1.05
C CYS A 62 7.26 9.76 -0.45
N ARG A 63 6.88 10.05 0.78
CA ARG A 63 7.37 11.25 1.46
C ARG A 63 8.89 11.23 1.58
N GLN A 64 9.42 10.10 2.09
CA GLN A 64 10.85 9.96 2.25
C GLN A 64 11.58 10.13 0.92
N GLN A 65 11.06 9.50 -0.12
CA GLN A 65 11.66 9.58 -1.44
C GLN A 65 12.00 11.02 -1.80
N GLN A 66 13.11 11.21 -2.51
CA GLN A 66 13.54 12.54 -2.91
C GLN A 66 12.35 13.39 -3.35
N GLN A 67 12.41 14.68 -3.03
CA GLN A 67 11.34 15.61 -3.37
C GLN A 67 11.90 16.90 -3.97
N GLN A 68 11.24 17.40 -5.01
CA GLN A 68 11.68 18.62 -5.67
C GLN A 68 11.25 19.85 -4.87
N GLN A 69 12.14 20.33 -4.01
CA GLN A 69 11.87 21.50 -3.19
C GLN A 69 12.92 22.59 -3.41
N GLN A 70 12.72 23.73 -2.74
CA GLN A 70 13.65 24.84 -2.86
C GLN A 70 15.09 24.37 -2.65
N ASN A 71 15.31 23.60 -1.59
CA ASN A 71 16.63 23.08 -1.29
C ASN A 71 17.56 24.21 -0.82
N GLY A 72 17.02 25.10 0.00
CA GLY A 72 17.81 26.23 0.50
C GLY A 72 17.43 26.61 1.91
N GLY A 73 17.24 25.61 2.77
CA GLY A 73 16.87 25.88 4.15
C GLY A 73 17.47 24.86 5.10
N GLN A 74 17.03 24.91 6.36
CA GLN A 74 17.52 23.99 7.38
C GLN A 74 17.13 22.55 7.04
N SER A 75 18.05 21.82 6.43
CA SER A 75 17.80 20.43 6.06
C SER A 75 17.80 19.53 7.29
N GLY A 76 18.76 19.74 8.18
CA GLY A 76 18.86 18.93 9.38
C GLY A 76 20.27 18.44 9.65
N PRO A 77 20.64 18.34 10.92
CA PRO A 77 21.97 17.87 11.33
C PRO A 77 22.17 16.38 11.05
N SER A 78 23.38 15.90 11.29
CA SER A 78 23.71 14.49 11.06
C SER A 78 24.24 13.85 12.34
N SER A 79 24.18 12.51 12.37
CA SER A 79 24.65 11.77 13.54
C SER A 79 26.15 11.51 13.46
N GLY A 80 26.56 10.82 12.39
CA GLY A 80 27.97 10.53 12.21
C GLY A 80 28.40 10.60 10.75
N GLY A 1 8.85 -12.24 25.30
CA GLY A 1 8.75 -13.11 26.46
C GLY A 1 7.42 -12.97 27.18
N SER A 2 7.46 -12.49 28.41
CA SER A 2 6.24 -12.31 29.20
C SER A 2 5.14 -11.68 28.37
N SER A 3 4.19 -12.51 27.92
CA SER A 3 3.08 -12.04 27.11
C SER A 3 2.16 -11.15 27.92
N GLY A 4 1.18 -10.54 27.25
CA GLY A 4 0.24 -9.67 27.92
C GLY A 4 -0.82 -9.13 26.98
N SER A 5 -1.79 -9.97 26.63
CA SER A 5 -2.86 -9.56 25.73
C SER A 5 -2.33 -9.30 24.32
N SER A 6 -1.43 -10.17 23.87
CA SER A 6 -0.84 -10.04 22.54
C SER A 6 -0.38 -11.39 22.00
N GLY A 7 -0.78 -11.68 20.77
CA GLY A 7 -0.42 -12.95 20.16
C GLY A 7 0.75 -12.82 19.20
N ARG A 8 0.49 -12.94 17.91
CA ARG A 8 1.53 -12.84 16.91
C ARG A 8 1.11 -11.89 15.78
N ARG A 9 2.10 -11.33 15.09
CA ARG A 9 1.82 -10.40 13.99
C ARG A 9 1.49 -11.16 12.71
N GLU A 10 1.05 -10.41 11.70
CA GLU A 10 0.70 -11.02 10.42
C GLU A 10 1.73 -10.70 9.35
N ARG A 11 1.90 -11.61 8.40
CA ARG A 11 2.86 -11.43 7.32
C ARG A 11 2.28 -10.56 6.20
N THR A 12 3.13 -9.71 5.62
CA THR A 12 2.69 -8.83 4.54
C THR A 12 2.95 -9.46 3.18
N THR A 13 1.89 -10.01 2.58
CA THR A 13 2.01 -10.65 1.27
C THR A 13 0.88 -10.20 0.34
N PHE A 14 1.25 -9.55 -0.76
CA PHE A 14 0.27 -9.07 -1.72
C PHE A 14 0.59 -9.58 -3.13
N THR A 15 -0.44 -9.93 -3.87
CA THR A 15 -0.27 -10.43 -5.23
C THR A 15 -0.52 -9.34 -6.26
N ARG A 16 -0.06 -9.56 -7.49
CA ARG A 16 -0.23 -8.59 -8.56
C ARG A 16 -1.68 -8.10 -8.62
N ALA A 17 -2.62 -9.03 -8.49
CA ALA A 17 -4.04 -8.69 -8.53
C ALA A 17 -4.42 -7.78 -7.37
N GLN A 18 -4.18 -8.25 -6.15
CA GLN A 18 -4.50 -7.48 -4.95
C GLN A 18 -3.87 -6.09 -5.02
N LEU A 19 -2.62 -6.03 -5.46
CA LEU A 19 -1.92 -4.75 -5.57
C LEU A 19 -2.56 -3.86 -6.64
N ASP A 20 -2.63 -4.37 -7.86
CA ASP A 20 -3.23 -3.62 -8.96
C ASP A 20 -4.42 -2.80 -8.48
N VAL A 21 -5.18 -3.36 -7.53
CA VAL A 21 -6.34 -2.68 -6.98
C VAL A 21 -5.95 -1.67 -5.93
N LEU A 22 -5.10 -2.09 -5.00
CA LEU A 22 -4.64 -1.21 -3.93
C LEU A 22 -4.00 0.06 -4.50
N GLU A 23 -3.17 -0.10 -5.52
CA GLU A 23 -2.51 1.02 -6.15
C GLU A 23 -3.52 1.90 -6.89
N ALA A 24 -4.48 1.26 -7.55
CA ALA A 24 -5.50 1.99 -8.29
C ALA A 24 -6.26 2.94 -7.38
N LEU A 25 -6.52 2.51 -6.15
CA LEU A 25 -7.24 3.33 -5.18
C LEU A 25 -6.31 4.38 -4.56
N PHE A 26 -5.01 4.13 -4.64
CA PHE A 26 -4.03 5.04 -4.09
C PHE A 26 -3.74 6.18 -5.05
N ALA A 27 -4.01 5.95 -6.34
CA ALA A 27 -3.78 6.96 -7.36
C ALA A 27 -4.91 7.98 -7.40
N LYS A 28 -6.13 7.50 -7.13
CA LYS A 28 -7.30 8.37 -7.14
C LYS A 28 -7.42 9.13 -5.81
N THR A 29 -7.28 8.40 -4.71
CA THR A 29 -7.37 9.01 -3.38
C THR A 29 -6.29 8.45 -2.45
N ARG A 30 -5.58 9.35 -1.80
CA ARG A 30 -4.51 8.95 -0.88
C ARG A 30 -5.10 8.51 0.47
N TYR A 31 -6.23 9.09 0.83
CA TYR A 31 -6.89 8.75 2.09
C TYR A 31 -8.33 8.29 1.85
N PRO A 32 -8.48 7.02 1.47
CA PRO A 32 -9.80 6.44 1.19
C PRO A 32 -10.62 6.26 2.47
N ASP A 33 -11.90 6.60 2.39
CA ASP A 33 -12.80 6.48 3.53
C ASP A 33 -13.03 5.02 3.89
N ILE A 34 -13.74 4.78 4.98
CA ILE A 34 -14.04 3.43 5.42
C ILE A 34 -14.77 2.64 4.35
N PHE A 35 -15.68 3.32 3.65
CA PHE A 35 -16.45 2.68 2.59
C PHE A 35 -15.54 2.11 1.51
N MET A 36 -14.62 2.94 1.03
CA MET A 36 -13.67 2.52 0.00
C MET A 36 -12.87 1.30 0.46
N ARG A 37 -12.28 1.42 1.66
CA ARG A 37 -11.48 0.33 2.22
C ARG A 37 -12.27 -0.98 2.23
N GLU A 38 -13.55 -0.89 2.61
CA GLU A 38 -14.41 -2.07 2.68
C GLU A 38 -14.49 -2.75 1.31
N GLU A 39 -14.89 -1.98 0.30
CA GLU A 39 -15.02 -2.50 -1.05
C GLU A 39 -13.78 -3.30 -1.46
N VAL A 40 -12.63 -2.62 -1.45
CA VAL A 40 -11.37 -3.26 -1.81
C VAL A 40 -11.10 -4.48 -0.94
N ALA A 41 -11.02 -4.26 0.37
CA ALA A 41 -10.78 -5.35 1.31
C ALA A 41 -11.68 -6.53 1.03
N LEU A 42 -12.83 -6.27 0.41
CA LEU A 42 -13.78 -7.32 0.08
C LEU A 42 -13.55 -7.85 -1.34
N LYS A 43 -12.97 -7.01 -2.19
CA LYS A 43 -12.69 -7.38 -3.56
C LYS A 43 -11.40 -8.18 -3.66
N ILE A 44 -10.30 -7.56 -3.26
CA ILE A 44 -8.99 -8.21 -3.30
C ILE A 44 -8.94 -9.38 -2.33
N ASN A 45 -10.00 -9.55 -1.56
CA ASN A 45 -10.08 -10.63 -0.58
C ASN A 45 -9.03 -10.45 0.51
N LEU A 46 -9.04 -9.28 1.14
CA LEU A 46 -8.08 -8.99 2.20
C LEU A 46 -8.78 -8.27 3.37
N PRO A 47 -8.19 -8.38 4.56
CA PRO A 47 -8.73 -7.76 5.77
C PRO A 47 -8.60 -6.24 5.75
N GLU A 48 -9.71 -5.55 6.00
CA GLU A 48 -9.73 -4.09 6.00
C GLU A 48 -8.46 -3.54 6.64
N SER A 49 -7.94 -4.26 7.63
CA SER A 49 -6.72 -3.83 8.32
C SER A 49 -5.55 -3.74 7.36
N ARG A 50 -5.21 -4.87 6.74
CA ARG A 50 -4.10 -4.91 5.80
C ARG A 50 -4.22 -3.79 4.76
N VAL A 51 -5.44 -3.54 4.30
CA VAL A 51 -5.70 -2.50 3.32
C VAL A 51 -5.24 -1.14 3.83
N GLN A 52 -5.73 -0.76 5.00
CA GLN A 52 -5.38 0.52 5.60
C GLN A 52 -3.87 0.63 5.80
N VAL A 53 -3.27 -0.43 6.30
CA VAL A 53 -1.83 -0.46 6.54
C VAL A 53 -1.06 -0.20 5.25
N TRP A 54 -1.28 -1.05 4.25
CA TRP A 54 -0.60 -0.92 2.97
C TRP A 54 -0.46 0.55 2.58
N PHE A 55 -1.51 1.32 2.79
CA PHE A 55 -1.51 2.74 2.47
C PHE A 55 -0.47 3.49 3.32
N LYS A 56 -0.44 3.18 4.61
CA LYS A 56 0.50 3.82 5.52
C LYS A 56 1.93 3.62 5.05
N ASN A 57 2.30 2.38 4.76
CA ASN A 57 3.64 2.06 4.29
C ASN A 57 3.89 2.63 2.91
N ARG A 58 3.16 2.11 1.92
CA ARG A 58 3.30 2.58 0.55
C ARG A 58 3.59 4.07 0.49
N ARG A 59 2.63 4.87 0.95
CA ARG A 59 2.79 6.32 0.95
C ARG A 59 4.21 6.71 1.34
N ALA A 60 4.73 6.07 2.38
CA ALA A 60 6.08 6.35 2.87
C ALA A 60 7.11 6.01 1.79
N LYS A 61 7.01 4.83 1.21
CA LYS A 61 7.94 4.39 0.19
C LYS A 61 8.08 5.44 -0.90
N CYS A 62 6.95 5.99 -1.35
CA CYS A 62 6.96 7.01 -2.39
C CYS A 62 7.91 8.15 -2.02
N ARG A 63 7.65 8.78 -0.87
CA ARG A 63 8.48 9.88 -0.40
C ARG A 63 9.95 9.54 -0.48
N GLN A 64 10.29 8.30 -0.13
CA GLN A 64 11.67 7.84 -0.16
C GLN A 64 12.25 7.94 -1.57
N GLN A 65 11.38 7.82 -2.56
CA GLN A 65 11.80 7.90 -3.96
C GLN A 65 13.12 7.17 -4.17
N GLN A 66 13.17 5.91 -3.74
CA GLN A 66 14.37 5.09 -3.89
C GLN A 66 14.69 4.86 -5.36
N GLN A 67 15.88 4.34 -5.62
CA GLN A 67 16.32 4.07 -6.99
C GLN A 67 15.25 3.29 -7.76
N GLN A 68 14.79 3.86 -8.86
CA GLN A 68 13.76 3.24 -9.69
C GLN A 68 14.22 1.86 -10.17
N GLN A 69 13.31 0.91 -10.17
CA GLN A 69 13.61 -0.46 -10.61
C GLN A 69 12.66 -0.91 -11.69
N GLN A 70 13.10 -1.85 -12.52
CA GLN A 70 12.28 -2.38 -13.61
C GLN A 70 11.93 -3.84 -13.36
N ASN A 71 10.72 -4.23 -13.78
CA ASN A 71 10.27 -5.61 -13.60
C ASN A 71 9.85 -6.21 -14.94
N GLY A 72 10.15 -7.50 -15.12
CA GLY A 72 9.80 -8.16 -16.36
C GLY A 72 8.53 -8.99 -16.24
N GLY A 73 8.12 -9.63 -17.32
CA GLY A 73 6.93 -10.44 -17.31
C GLY A 73 6.25 -10.50 -18.66
N GLN A 74 5.90 -11.72 -19.09
CA GLN A 74 5.24 -11.91 -20.38
C GLN A 74 4.30 -13.10 -20.33
N SER A 75 3.58 -13.32 -21.44
CA SER A 75 2.64 -14.43 -21.52
C SER A 75 3.30 -15.75 -21.14
N GLY A 76 3.06 -16.21 -19.93
CA GLY A 76 3.64 -17.46 -19.47
C GLY A 76 3.31 -17.75 -18.02
N PRO A 77 4.22 -17.37 -17.11
CA PRO A 77 4.04 -17.60 -15.68
C PRO A 77 2.93 -16.73 -15.08
N SER A 78 2.55 -15.70 -15.83
CA SER A 78 1.50 -14.78 -15.38
C SER A 78 0.14 -15.48 -15.37
N SER A 79 -0.79 -14.93 -14.59
CA SER A 79 -2.14 -15.49 -14.49
C SER A 79 -2.79 -15.57 -15.87
N GLY A 80 -3.47 -16.69 -16.13
CA GLY A 80 -4.13 -16.87 -17.41
C GLY A 80 -5.36 -17.75 -17.30
N GLY A 1 -3.03 -24.24 11.80
CA GLY A 1 -1.90 -24.04 10.91
C GLY A 1 -1.06 -22.84 11.32
N SER A 2 0.27 -23.00 11.24
CA SER A 2 1.19 -21.93 11.60
C SER A 2 1.24 -20.86 10.51
N SER A 3 1.78 -19.69 10.86
CA SER A 3 1.89 -18.59 9.92
C SER A 3 3.01 -18.84 8.91
N GLY A 4 4.21 -19.09 9.43
CA GLY A 4 5.36 -19.34 8.57
C GLY A 4 5.87 -20.77 8.70
N SER A 5 7.04 -21.02 8.10
CA SER A 5 7.64 -22.35 8.16
C SER A 5 9.14 -22.28 7.92
N SER A 6 9.88 -23.21 8.52
CA SER A 6 11.33 -23.25 8.38
C SER A 6 11.74 -23.27 6.91
N GLY A 7 12.90 -22.72 6.62
CA GLY A 7 13.39 -22.70 5.25
C GLY A 7 12.50 -21.86 4.34
N ARG A 8 12.85 -20.59 4.19
CA ARG A 8 12.09 -19.68 3.33
C ARG A 8 12.89 -18.42 3.02
N ARG A 9 12.64 -17.85 1.85
CA ARG A 9 13.34 -16.65 1.43
C ARG A 9 12.51 -15.40 1.74
N GLU A 10 11.36 -15.30 1.08
CA GLU A 10 10.47 -14.16 1.28
C GLU A 10 9.02 -14.61 1.37
N ARG A 11 8.14 -13.70 1.80
CA ARG A 11 6.73 -14.01 1.93
C ARG A 11 5.88 -13.05 1.10
N THR A 12 5.00 -13.60 0.27
CA THR A 12 4.14 -12.79 -0.59
C THR A 12 2.90 -12.33 0.18
N THR A 13 2.87 -11.04 0.52
CA THR A 13 1.75 -10.48 1.26
C THR A 13 0.67 -9.98 0.30
N PHE A 14 1.08 -9.32 -0.78
CA PHE A 14 0.15 -8.80 -1.77
C PHE A 14 0.46 -9.35 -3.15
N THR A 15 -0.57 -9.87 -3.81
CA THR A 15 -0.41 -10.43 -5.16
C THR A 15 -0.71 -9.40 -6.23
N ARG A 16 -0.05 -9.53 -7.37
CA ARG A 16 -0.25 -8.61 -8.48
C ARG A 16 -1.70 -8.14 -8.55
N ALA A 17 -2.62 -9.08 -8.38
CA ALA A 17 -4.05 -8.77 -8.42
C ALA A 17 -4.43 -7.82 -7.29
N GLN A 18 -3.98 -8.12 -6.08
CA GLN A 18 -4.28 -7.29 -4.92
C GLN A 18 -3.61 -5.92 -5.05
N LEU A 19 -2.35 -5.92 -5.46
CA LEU A 19 -1.60 -4.68 -5.62
C LEU A 19 -2.28 -3.76 -6.63
N ASP A 20 -2.66 -4.33 -7.77
CA ASP A 20 -3.32 -3.56 -8.82
C ASP A 20 -4.48 -2.74 -8.25
N VAL A 21 -5.31 -3.39 -7.45
CA VAL A 21 -6.46 -2.72 -6.83
C VAL A 21 -6.00 -1.68 -5.82
N LEU A 22 -5.24 -2.11 -4.82
CA LEU A 22 -4.75 -1.21 -3.79
C LEU A 22 -4.20 0.07 -4.40
N GLU A 23 -3.37 -0.08 -5.44
CA GLU A 23 -2.78 1.07 -6.11
C GLU A 23 -3.85 1.89 -6.83
N ALA A 24 -4.67 1.21 -7.64
CA ALA A 24 -5.73 1.88 -8.38
C ALA A 24 -6.53 2.81 -7.47
N LEU A 25 -6.77 2.37 -6.24
CA LEU A 25 -7.52 3.17 -5.28
C LEU A 25 -6.68 4.32 -4.75
N PHE A 26 -5.36 4.16 -4.77
CA PHE A 26 -4.45 5.19 -4.30
C PHE A 26 -4.26 6.27 -5.35
N ALA A 27 -4.41 5.89 -6.62
CA ALA A 27 -4.26 6.83 -7.72
C ALA A 27 -5.49 7.73 -7.85
N LYS A 28 -6.64 7.20 -7.46
CA LYS A 28 -7.89 7.95 -7.54
C LYS A 28 -8.10 8.79 -6.27
N THR A 29 -7.90 8.16 -5.12
CA THR A 29 -8.06 8.85 -3.84
C THR A 29 -6.95 8.46 -2.87
N ARG A 30 -6.02 9.38 -2.65
CA ARG A 30 -4.90 9.14 -1.74
C ARG A 30 -5.40 8.82 -0.33
N TYR A 31 -6.49 9.47 0.05
CA TYR A 31 -7.07 9.25 1.38
C TYR A 31 -8.48 8.68 1.27
N PRO A 32 -8.57 7.36 1.05
CA PRO A 32 -9.85 6.66 0.92
C PRO A 32 -10.60 6.59 2.24
N ASP A 33 -11.92 6.67 2.16
CA ASP A 33 -12.77 6.61 3.36
C ASP A 33 -13.02 5.17 3.78
N ILE A 34 -13.78 4.99 4.84
CA ILE A 34 -14.11 3.66 5.35
C ILE A 34 -14.81 2.83 4.29
N PHE A 35 -15.59 3.49 3.45
CA PHE A 35 -16.32 2.81 2.38
C PHE A 35 -15.35 2.20 1.36
N MET A 36 -14.40 3.00 0.91
CA MET A 36 -13.41 2.54 -0.06
C MET A 36 -12.60 1.37 0.50
N ARG A 37 -12.00 1.58 1.67
CA ARG A 37 -11.20 0.54 2.31
C ARG A 37 -11.98 -0.76 2.42
N GLU A 38 -13.21 -0.66 2.92
CA GLU A 38 -14.06 -1.83 3.08
C GLU A 38 -14.26 -2.55 1.74
N GLU A 39 -14.72 -1.80 0.74
CA GLU A 39 -14.96 -2.35 -0.58
C GLU A 39 -13.78 -3.21 -1.03
N VAL A 40 -12.66 -2.55 -1.32
CA VAL A 40 -11.46 -3.25 -1.76
C VAL A 40 -11.19 -4.49 -0.91
N ALA A 41 -11.01 -4.27 0.38
CA ALA A 41 -10.76 -5.37 1.31
C ALA A 41 -11.74 -6.52 1.09
N LEU A 42 -12.90 -6.21 0.55
CA LEU A 42 -13.92 -7.21 0.27
C LEU A 42 -13.81 -7.73 -1.15
N LYS A 43 -13.23 -6.92 -2.02
CA LYS A 43 -13.06 -7.30 -3.42
C LYS A 43 -11.80 -8.14 -3.61
N ILE A 44 -10.66 -7.59 -3.25
CA ILE A 44 -9.38 -8.29 -3.37
C ILE A 44 -9.31 -9.46 -2.38
N ASN A 45 -10.35 -9.61 -1.59
CA ASN A 45 -10.41 -10.70 -0.60
C ASN A 45 -9.28 -10.55 0.42
N LEU A 46 -9.20 -9.39 1.05
CA LEU A 46 -8.17 -9.13 2.05
C LEU A 46 -8.77 -8.40 3.25
N PRO A 47 -8.11 -8.53 4.41
CA PRO A 47 -8.54 -7.88 5.66
C PRO A 47 -8.37 -6.37 5.62
N GLU A 48 -9.42 -5.65 5.97
CA GLU A 48 -9.39 -4.19 5.98
C GLU A 48 -8.07 -3.69 6.57
N SER A 49 -7.47 -4.50 7.44
CA SER A 49 -6.21 -4.13 8.08
C SER A 49 -5.10 -4.00 7.05
N ARG A 50 -4.81 -5.09 6.35
CA ARG A 50 -3.77 -5.10 5.33
C ARG A 50 -3.91 -3.91 4.40
N VAL A 51 -5.13 -3.65 3.95
CA VAL A 51 -5.40 -2.53 3.06
C VAL A 51 -4.93 -1.21 3.66
N GLN A 52 -5.40 -0.91 4.87
CA GLN A 52 -5.03 0.32 5.55
C GLN A 52 -3.51 0.44 5.65
N VAL A 53 -2.89 -0.52 6.32
CA VAL A 53 -1.44 -0.52 6.48
C VAL A 53 -0.73 -0.27 5.16
N TRP A 54 -1.04 -1.10 4.17
CA TRP A 54 -0.44 -0.97 2.85
C TRP A 54 -0.27 0.50 2.46
N PHE A 55 -1.28 1.31 2.78
CA PHE A 55 -1.25 2.73 2.47
C PHE A 55 -0.22 3.46 3.34
N LYS A 56 -0.39 3.36 4.66
CA LYS A 56 0.51 4.00 5.60
C LYS A 56 1.96 3.66 5.29
N ASN A 57 2.25 2.36 5.19
CA ASN A 57 3.60 1.90 4.89
C ASN A 57 4.08 2.44 3.55
N ARG A 58 3.41 2.02 2.48
CA ARG A 58 3.77 2.47 1.14
C ARG A 58 4.04 3.97 1.11
N ARG A 59 3.00 4.76 1.36
CA ARG A 59 3.12 6.21 1.38
C ARG A 59 4.44 6.64 1.98
N ALA A 60 4.75 6.11 3.16
CA ALA A 60 5.99 6.44 3.85
C ALA A 60 7.21 6.00 3.04
N LYS A 61 7.14 4.79 2.51
CA LYS A 61 8.24 4.25 1.70
C LYS A 61 8.52 5.14 0.50
N CYS A 62 7.45 5.58 -0.16
CA CYS A 62 7.59 6.45 -1.33
C CYS A 62 8.53 7.61 -1.05
N ARG A 63 8.40 8.19 0.14
CA ARG A 63 9.25 9.32 0.53
C ARG A 63 10.71 8.89 0.64
N GLN A 64 10.95 7.79 1.35
CA GLN A 64 12.29 7.27 1.54
C GLN A 64 12.96 6.99 0.19
N GLN A 65 12.19 6.38 -0.72
CA GLN A 65 12.71 6.05 -2.04
C GLN A 65 13.59 7.17 -2.59
N GLN A 66 14.63 6.79 -3.32
CA GLN A 66 15.55 7.77 -3.90
C GLN A 66 14.80 8.98 -4.43
N GLN A 67 13.85 8.74 -5.32
CA GLN A 67 13.05 9.81 -5.91
C GLN A 67 12.59 10.79 -4.83
N GLN A 68 12.82 12.08 -5.09
CA GLN A 68 12.42 13.12 -4.15
C GLN A 68 12.37 14.48 -4.83
N GLN A 69 11.62 15.41 -4.23
CA GLN A 69 11.48 16.75 -4.78
C GLN A 69 12.83 17.31 -5.20
N GLN A 70 13.10 17.26 -6.51
CA GLN A 70 14.35 17.76 -7.06
C GLN A 70 15.51 17.48 -6.09
N ASN A 71 15.54 16.28 -5.54
CA ASN A 71 16.59 15.89 -4.61
C ASN A 71 17.72 15.15 -5.33
N GLY A 72 18.82 15.85 -5.56
CA GLY A 72 19.96 15.26 -6.23
C GLY A 72 20.23 13.85 -5.77
N GLY A 73 20.66 12.99 -6.70
CA GLY A 73 20.95 11.61 -6.35
C GLY A 73 21.80 10.93 -7.40
N GLN A 74 22.94 10.38 -6.98
CA GLN A 74 23.85 9.71 -7.89
C GLN A 74 23.40 8.27 -8.12
N SER A 75 23.12 7.94 -9.38
CA SER A 75 22.67 6.60 -9.73
C SER A 75 23.82 5.59 -9.63
N GLY A 76 23.50 4.37 -9.22
CA GLY A 76 24.52 3.35 -9.08
C GLY A 76 24.05 2.00 -9.59
N PRO A 77 24.71 0.92 -9.13
CA PRO A 77 24.37 -0.45 -9.54
C PRO A 77 23.03 -0.90 -8.98
N SER A 78 22.52 -0.17 -7.99
CA SER A 78 21.25 -0.50 -7.37
C SER A 78 20.18 -0.76 -8.43
N SER A 79 19.59 -1.95 -8.38
CA SER A 79 18.54 -2.33 -9.34
C SER A 79 17.15 -2.12 -8.74
N GLY A 80 16.14 -2.21 -9.59
CA GLY A 80 14.77 -2.03 -9.14
C GLY A 80 14.55 -2.54 -7.73
N GLY A 1 27.80 2.12 -17.06
CA GLY A 1 26.82 1.21 -17.61
C GLY A 1 25.79 0.76 -16.58
N SER A 2 25.14 -0.37 -16.84
CA SER A 2 24.13 -0.89 -15.93
C SER A 2 23.82 -2.34 -16.25
N SER A 3 23.00 -2.98 -15.40
CA SER A 3 22.62 -4.37 -15.60
C SER A 3 21.59 -4.79 -14.57
N GLY A 4 20.79 -5.81 -14.92
CA GLY A 4 19.78 -6.30 -14.01
C GLY A 4 19.15 -7.59 -14.49
N SER A 5 18.70 -8.42 -13.55
CA SER A 5 18.08 -9.69 -13.89
C SER A 5 16.64 -9.74 -13.39
N SER A 6 16.47 -9.86 -12.08
CA SER A 6 15.15 -9.92 -11.48
C SER A 6 15.03 -8.94 -10.31
N GLY A 7 13.87 -8.32 -10.18
CA GLY A 7 13.65 -7.36 -9.10
C GLY A 7 12.18 -7.19 -8.76
N ARG A 8 11.57 -8.28 -8.31
CA ARG A 8 10.15 -8.25 -7.96
C ARG A 8 9.95 -8.66 -6.50
N ARG A 9 9.81 -7.67 -5.62
CA ARG A 9 9.61 -7.93 -4.20
C ARG A 9 8.75 -9.17 -3.99
N GLU A 10 8.95 -9.84 -2.85
CA GLU A 10 8.21 -11.04 -2.53
C GLU A 10 6.70 -10.77 -2.57
N ARG A 11 6.04 -11.36 -3.56
CA ARG A 11 4.60 -11.18 -3.73
C ARG A 11 3.83 -12.34 -3.10
N THR A 12 4.28 -12.77 -1.92
CA THR A 12 3.65 -13.87 -1.21
C THR A 12 2.36 -13.42 -0.54
N THR A 13 2.46 -12.39 0.30
CA THR A 13 1.29 -11.87 1.00
C THR A 13 0.42 -11.01 0.08
N PHE A 14 1.08 -10.17 -0.72
CA PHE A 14 0.36 -9.31 -1.65
C PHE A 14 0.57 -9.77 -3.09
N THR A 15 -0.52 -10.16 -3.75
CA THR A 15 -0.46 -10.61 -5.13
C THR A 15 -0.71 -9.48 -6.11
N ARG A 16 -0.40 -9.71 -7.37
CA ARG A 16 -0.59 -8.70 -8.41
C ARG A 16 -2.05 -8.24 -8.46
N ALA A 17 -2.97 -9.20 -8.40
CA ALA A 17 -4.38 -8.89 -8.43
C ALA A 17 -4.77 -7.92 -7.32
N GLN A 18 -4.39 -8.25 -6.10
CA GLN A 18 -4.69 -7.41 -4.95
C GLN A 18 -3.99 -6.05 -5.07
N LEU A 19 -2.69 -6.08 -5.33
CA LEU A 19 -1.90 -4.86 -5.46
C LEU A 19 -2.50 -3.97 -6.56
N ASP A 20 -2.95 -4.58 -7.64
CA ASP A 20 -3.54 -3.84 -8.75
C ASP A 20 -4.67 -2.93 -8.27
N VAL A 21 -5.61 -3.51 -7.53
CA VAL A 21 -6.74 -2.76 -7.00
C VAL A 21 -6.29 -1.74 -5.97
N LEU A 22 -5.51 -2.19 -5.00
CA LEU A 22 -5.01 -1.31 -3.94
C LEU A 22 -4.34 -0.07 -4.53
N GLU A 23 -3.52 -0.29 -5.56
CA GLU A 23 -2.83 0.81 -6.22
C GLU A 23 -3.81 1.74 -6.92
N ALA A 24 -4.73 1.16 -7.67
CA ALA A 24 -5.74 1.94 -8.40
C ALA A 24 -6.45 2.90 -7.45
N LEU A 25 -6.68 2.47 -6.22
CA LEU A 25 -7.36 3.28 -5.24
C LEU A 25 -6.43 4.35 -4.67
N PHE A 26 -5.13 4.07 -4.70
CA PHE A 26 -4.14 5.00 -4.19
C PHE A 26 -3.84 6.09 -5.23
N ALA A 27 -4.20 5.83 -6.48
CA ALA A 27 -3.98 6.79 -7.56
C ALA A 27 -5.14 7.77 -7.66
N LYS A 28 -6.30 7.36 -7.15
CA LYS A 28 -7.48 8.21 -7.19
C LYS A 28 -7.65 8.97 -5.87
N THR A 29 -7.43 8.27 -4.76
CA THR A 29 -7.55 8.87 -3.43
C THR A 29 -6.49 8.34 -2.49
N ARG A 30 -5.48 9.15 -2.21
CA ARG A 30 -4.40 8.75 -1.32
C ARG A 30 -4.95 8.30 0.03
N TYR A 31 -5.99 8.99 0.50
CA TYR A 31 -6.61 8.66 1.77
C TYR A 31 -8.07 8.26 1.58
N PRO A 32 -8.29 7.00 1.20
CA PRO A 32 -9.64 6.47 0.98
C PRO A 32 -10.43 6.30 2.27
N ASP A 33 -11.69 6.69 2.25
CA ASP A 33 -12.55 6.59 3.43
C ASP A 33 -12.73 5.13 3.84
N ILE A 34 -13.51 4.92 4.90
CA ILE A 34 -13.76 3.58 5.40
C ILE A 34 -14.52 2.75 4.37
N PHE A 35 -15.49 3.37 3.71
CA PHE A 35 -16.30 2.70 2.70
C PHE A 35 -15.40 2.12 1.59
N MET A 36 -14.55 2.98 1.04
CA MET A 36 -13.65 2.56 -0.03
C MET A 36 -12.80 1.37 0.40
N ARG A 37 -12.20 1.46 1.58
CA ARG A 37 -11.37 0.39 2.12
C ARG A 37 -12.15 -0.92 2.18
N GLU A 38 -13.39 -0.84 2.64
CA GLU A 38 -14.24 -2.03 2.75
C GLU A 38 -14.40 -2.72 1.39
N GLU A 39 -14.80 -1.94 0.38
CA GLU A 39 -14.99 -2.48 -0.96
C GLU A 39 -13.75 -3.26 -1.40
N VAL A 40 -12.62 -2.57 -1.48
CA VAL A 40 -11.37 -3.20 -1.90
C VAL A 40 -11.05 -4.41 -1.04
N ALA A 41 -10.91 -4.20 0.26
CA ALA A 41 -10.61 -5.27 1.19
C ALA A 41 -11.51 -6.48 0.94
N LEU A 42 -12.70 -6.23 0.44
CA LEU A 42 -13.66 -7.30 0.15
C LEU A 42 -13.47 -7.83 -1.26
N LYS A 43 -12.94 -6.98 -2.14
CA LYS A 43 -12.70 -7.37 -3.52
C LYS A 43 -11.40 -8.16 -3.65
N ILE A 44 -10.28 -7.49 -3.34
CA ILE A 44 -8.98 -8.14 -3.42
C ILE A 44 -8.89 -9.33 -2.48
N ASN A 45 -9.89 -9.48 -1.62
CA ASN A 45 -9.93 -10.59 -0.67
C ASN A 45 -8.88 -10.40 0.43
N LEU A 46 -8.87 -9.21 1.03
CA LEU A 46 -7.93 -8.90 2.09
C LEU A 46 -8.63 -8.21 3.26
N PRO A 47 -8.02 -8.32 4.46
CA PRO A 47 -8.58 -7.72 5.68
C PRO A 47 -8.47 -6.20 5.66
N GLU A 48 -9.57 -5.52 6.00
CA GLU A 48 -9.60 -4.07 6.03
C GLU A 48 -8.30 -3.51 6.62
N SER A 49 -7.70 -4.26 7.53
CA SER A 49 -6.46 -3.85 8.18
C SER A 49 -5.32 -3.75 7.16
N ARG A 50 -5.04 -4.87 6.50
CA ARG A 50 -3.98 -4.91 5.50
C ARG A 50 -4.10 -3.75 4.52
N VAL A 51 -5.33 -3.52 4.04
CA VAL A 51 -5.59 -2.43 3.10
C VAL A 51 -5.09 -1.09 3.64
N GLN A 52 -5.54 -0.74 4.84
CA GLN A 52 -5.14 0.52 5.47
C GLN A 52 -3.62 0.59 5.59
N VAL A 53 -3.03 -0.43 6.21
CA VAL A 53 -1.59 -0.47 6.40
C VAL A 53 -0.85 -0.21 5.09
N TRP A 54 -1.11 -1.06 4.10
CA TRP A 54 -0.47 -0.91 2.79
C TRP A 54 -0.36 0.55 2.40
N PHE A 55 -1.40 1.33 2.68
CA PHE A 55 -1.42 2.74 2.36
C PHE A 55 -0.46 3.52 3.25
N LYS A 56 -0.65 3.40 4.55
CA LYS A 56 0.20 4.09 5.52
C LYS A 56 1.67 3.85 5.20
N ASN A 57 2.03 2.61 4.92
CA ASN A 57 3.41 2.26 4.61
C ASN A 57 3.83 2.87 3.28
N ARG A 58 3.05 2.60 2.23
CA ARG A 58 3.35 3.13 0.91
C ARG A 58 3.67 4.62 0.97
N ARG A 59 2.81 5.37 1.66
CA ARG A 59 3.00 6.82 1.79
C ARG A 59 4.41 7.13 2.28
N ALA A 60 4.81 6.49 3.38
CA ALA A 60 6.14 6.70 3.95
C ALA A 60 7.21 6.61 2.89
N LYS A 61 7.14 5.57 2.07
CA LYS A 61 8.11 5.35 1.00
C LYS A 61 8.38 6.66 0.25
N CYS A 62 7.35 7.20 -0.39
CA CYS A 62 7.47 8.44 -1.14
C CYS A 62 8.44 9.39 -0.45
N ARG A 63 8.18 9.69 0.82
CA ARG A 63 9.03 10.59 1.58
C ARG A 63 10.47 10.12 1.57
N GLN A 64 10.67 8.82 1.80
CA GLN A 64 12.01 8.24 1.81
C GLN A 64 12.73 8.48 0.49
N GLN A 65 12.11 8.03 -0.60
CA GLN A 65 12.69 8.20 -1.93
C GLN A 65 14.05 7.52 -2.02
N GLN A 66 14.15 6.33 -1.43
CA GLN A 66 15.40 5.57 -1.45
C GLN A 66 15.23 4.26 -2.22
N GLN A 67 16.35 3.72 -2.69
CA GLN A 67 16.32 2.47 -3.44
C GLN A 67 15.47 1.42 -2.73
N GLN A 68 15.15 0.33 -3.43
CA GLN A 68 14.35 -0.74 -2.86
C GLN A 68 15.05 -1.38 -1.67
N GLN A 69 14.31 -2.18 -0.93
CA GLN A 69 14.86 -2.87 0.24
C GLN A 69 14.06 -4.11 0.57
N GLN A 70 14.50 -4.84 1.60
CA GLN A 70 13.82 -6.06 2.01
C GLN A 70 13.18 -5.89 3.38
N ASN A 71 12.49 -6.93 3.84
CA ASN A 71 11.82 -6.89 5.14
C ASN A 71 11.73 -8.29 5.74
N GLY A 72 11.39 -8.35 7.02
CA GLY A 72 11.28 -9.64 7.70
C GLY A 72 10.13 -10.47 7.17
N GLY A 73 9.54 -11.28 8.04
CA GLY A 73 8.43 -12.12 7.63
C GLY A 73 7.52 -12.50 8.78
N GLN A 74 6.21 -12.44 8.55
CA GLN A 74 5.24 -12.77 9.58
C GLN A 74 4.45 -14.02 9.20
N SER A 75 4.05 -14.79 10.20
CA SER A 75 3.29 -16.01 9.98
C SER A 75 2.52 -16.41 11.24
N GLY A 76 1.48 -17.22 11.05
CA GLY A 76 0.68 -17.66 12.18
C GLY A 76 -0.41 -16.67 12.55
N PRO A 77 -1.54 -16.74 11.83
CA PRO A 77 -2.68 -15.86 12.07
C PRO A 77 -3.38 -16.14 13.39
N SER A 78 -4.30 -15.26 13.78
CA SER A 78 -5.03 -15.41 15.03
C SER A 78 -6.44 -14.85 14.90
N SER A 79 -7.24 -15.03 15.95
CA SER A 79 -8.61 -14.54 15.95
C SER A 79 -8.82 -13.53 17.08
N GLY A 80 -8.37 -13.89 18.28
CA GLY A 80 -8.51 -13.02 19.43
C GLY A 80 -7.22 -12.86 20.21
N GLY A 1 30.30 -7.10 -15.32
CA GLY A 1 28.89 -6.76 -15.31
C GLY A 1 28.07 -7.73 -14.48
N SER A 2 26.81 -7.92 -14.87
CA SER A 2 25.92 -8.83 -14.16
C SER A 2 25.82 -10.18 -14.88
N SER A 3 25.87 -11.25 -14.10
CA SER A 3 25.79 -12.60 -14.66
C SER A 3 24.34 -13.07 -14.73
N GLY A 4 23.72 -12.86 -15.88
CA GLY A 4 22.34 -13.27 -16.07
C GLY A 4 21.40 -12.60 -15.08
N SER A 5 20.56 -13.40 -14.43
CA SER A 5 19.61 -12.89 -13.46
C SER A 5 19.26 -13.95 -12.41
N SER A 6 18.99 -13.49 -11.19
CA SER A 6 18.65 -14.41 -10.10
C SER A 6 17.19 -14.23 -9.70
N GLY A 7 16.63 -15.28 -9.09
CA GLY A 7 15.25 -15.23 -8.65
C GLY A 7 15.12 -15.17 -7.14
N ARG A 8 14.45 -14.14 -6.63
CA ARG A 8 14.26 -13.98 -5.20
C ARG A 8 12.79 -13.70 -4.88
N ARG A 9 12.17 -14.61 -4.13
CA ARG A 9 10.77 -14.47 -3.76
C ARG A 9 10.55 -13.17 -3.00
N GLU A 10 9.28 -12.78 -2.86
CA GLU A 10 8.93 -11.55 -2.15
C GLU A 10 8.51 -11.85 -0.71
N ARG A 11 7.69 -12.88 -0.54
CA ARG A 11 7.22 -13.26 0.79
C ARG A 11 6.20 -12.25 1.31
N THR A 12 5.28 -11.85 0.45
CA THR A 12 4.24 -10.88 0.83
C THR A 12 2.85 -11.42 0.53
N THR A 13 1.87 -10.96 1.29
CA THR A 13 0.48 -11.39 1.10
C THR A 13 -0.25 -10.49 0.12
N PHE A 14 0.48 -10.05 -0.92
CA PHE A 14 -0.10 -9.17 -1.93
C PHE A 14 0.19 -9.70 -3.33
N THR A 15 -0.83 -10.30 -3.95
CA THR A 15 -0.68 -10.85 -5.30
C THR A 15 -0.89 -9.77 -6.36
N ARG A 16 -0.48 -10.07 -7.59
CA ARG A 16 -0.63 -9.13 -8.70
C ARG A 16 -2.05 -8.56 -8.75
N ALA A 17 -3.03 -9.43 -8.52
CA ALA A 17 -4.42 -9.01 -8.55
C ALA A 17 -4.74 -8.08 -7.38
N GLN A 18 -4.39 -8.52 -6.17
CA GLN A 18 -4.63 -7.72 -4.98
C GLN A 18 -3.95 -6.36 -5.08
N LEU A 19 -2.80 -6.34 -5.75
CA LEU A 19 -2.04 -5.10 -5.91
C LEU A 19 -2.71 -4.19 -6.94
N ASP A 20 -2.99 -4.73 -8.11
CA ASP A 20 -3.63 -3.96 -9.17
C ASP A 20 -4.77 -3.11 -8.63
N VAL A 21 -5.42 -3.61 -7.58
CA VAL A 21 -6.53 -2.90 -6.96
C VAL A 21 -6.03 -1.90 -5.93
N LEU A 22 -5.36 -2.40 -4.90
CA LEU A 22 -4.82 -1.54 -3.85
C LEU A 22 -4.29 -0.23 -4.42
N GLU A 23 -3.45 -0.35 -5.44
CA GLU A 23 -2.87 0.82 -6.09
C GLU A 23 -3.93 1.65 -6.79
N ALA A 24 -4.75 0.99 -7.61
CA ALA A 24 -5.81 1.67 -8.33
C ALA A 24 -6.55 2.65 -7.43
N LEU A 25 -6.82 2.23 -6.20
CA LEU A 25 -7.53 3.07 -5.24
C LEU A 25 -6.59 4.11 -4.63
N PHE A 26 -5.31 3.76 -4.53
CA PHE A 26 -4.31 4.67 -3.99
C PHE A 26 -3.92 5.73 -5.00
N ALA A 27 -4.16 5.44 -6.28
CA ALA A 27 -3.84 6.37 -7.35
C ALA A 27 -4.93 7.41 -7.53
N LYS A 28 -6.13 7.09 -7.04
CA LYS A 28 -7.27 8.00 -7.13
C LYS A 28 -7.43 8.83 -5.86
N THR A 29 -7.27 8.17 -4.72
CA THR A 29 -7.39 8.84 -3.43
C THR A 29 -6.41 8.27 -2.41
N ARG A 30 -5.35 9.04 -2.15
CA ARG A 30 -4.33 8.62 -1.19
C ARG A 30 -4.95 8.33 0.17
N TYR A 31 -5.96 9.11 0.53
CA TYR A 31 -6.63 8.96 1.81
C TYR A 31 -8.09 8.53 1.62
N PRO A 32 -8.29 7.22 1.38
CA PRO A 32 -9.64 6.66 1.16
C PRO A 32 -10.46 6.66 2.45
N ASP A 33 -11.77 6.52 2.29
CA ASP A 33 -12.69 6.50 3.43
C ASP A 33 -13.03 5.06 3.82
N ILE A 34 -13.78 4.92 4.91
CA ILE A 34 -14.19 3.60 5.38
C ILE A 34 -14.85 2.80 4.28
N PHE A 35 -15.66 3.46 3.45
CA PHE A 35 -16.35 2.81 2.35
C PHE A 35 -15.35 2.23 1.35
N MET A 36 -14.40 3.05 0.92
CA MET A 36 -13.39 2.63 -0.03
C MET A 36 -12.60 1.43 0.51
N ARG A 37 -12.06 1.59 1.72
CA ARG A 37 -11.28 0.53 2.34
C ARG A 37 -12.07 -0.78 2.37
N GLU A 38 -13.35 -0.69 2.70
CA GLU A 38 -14.22 -1.86 2.77
C GLU A 38 -14.32 -2.53 1.40
N GLU A 39 -14.65 -1.74 0.39
CA GLU A 39 -14.79 -2.25 -0.97
C GLU A 39 -13.57 -3.09 -1.35
N VAL A 40 -12.42 -2.45 -1.45
CA VAL A 40 -11.19 -3.14 -1.81
C VAL A 40 -10.97 -4.38 -0.94
N ALA A 41 -10.87 -4.16 0.37
CA ALA A 41 -10.66 -5.26 1.30
C ALA A 41 -11.63 -6.41 1.02
N LEU A 42 -12.76 -6.08 0.41
CA LEU A 42 -13.77 -7.07 0.10
C LEU A 42 -13.59 -7.61 -1.33
N LYS A 43 -12.93 -6.81 -2.17
CA LYS A 43 -12.69 -7.20 -3.55
C LYS A 43 -11.42 -8.06 -3.65
N ILE A 44 -10.28 -7.47 -3.33
CA ILE A 44 -9.01 -8.18 -3.38
C ILE A 44 -9.01 -9.37 -2.43
N ASN A 45 -10.04 -9.47 -1.61
CA ASN A 45 -10.16 -10.56 -0.65
C ASN A 45 -9.11 -10.44 0.45
N LEU A 46 -8.95 -9.23 0.98
CA LEU A 46 -7.99 -8.96 2.04
C LEU A 46 -8.65 -8.24 3.20
N PRO A 47 -8.06 -8.39 4.40
CA PRO A 47 -8.58 -7.75 5.62
C PRO A 47 -8.36 -6.24 5.61
N GLU A 48 -9.42 -5.49 5.94
CA GLU A 48 -9.36 -4.04 5.97
C GLU A 48 -8.04 -3.57 6.58
N SER A 49 -7.53 -4.34 7.54
CA SER A 49 -6.29 -4.00 8.22
C SER A 49 -5.12 -3.95 7.22
N ARG A 50 -4.97 -5.01 6.45
CA ARG A 50 -3.90 -5.10 5.47
C ARG A 50 -3.99 -3.93 4.48
N VAL A 51 -5.21 -3.60 4.06
CA VAL A 51 -5.42 -2.51 3.13
C VAL A 51 -4.88 -1.20 3.68
N GLN A 52 -5.30 -0.84 4.89
CA GLN A 52 -4.86 0.38 5.52
C GLN A 52 -3.33 0.48 5.53
N VAL A 53 -2.68 -0.46 6.21
CA VAL A 53 -1.23 -0.48 6.29
C VAL A 53 -0.61 -0.24 4.91
N TRP A 54 -1.02 -1.02 3.93
CA TRP A 54 -0.50 -0.89 2.57
C TRP A 54 -0.34 0.57 2.20
N PHE A 55 -1.30 1.40 2.59
CA PHE A 55 -1.26 2.82 2.28
C PHE A 55 -0.29 3.55 3.22
N LYS A 56 -0.16 3.03 4.45
CA LYS A 56 0.72 3.63 5.43
C LYS A 56 2.18 3.35 5.10
N ASN A 57 2.43 2.25 4.39
CA ASN A 57 3.78 1.88 4.00
C ASN A 57 4.24 2.69 2.80
N ARG A 58 3.37 2.81 1.81
CA ARG A 58 3.69 3.55 0.59
C ARG A 58 3.78 5.05 0.89
N ARG A 59 2.75 5.58 1.54
CA ARG A 59 2.70 7.00 1.88
C ARG A 59 3.97 7.42 2.63
N ALA A 60 4.25 6.73 3.73
CA ALA A 60 5.42 7.02 4.54
C ALA A 60 6.62 7.35 3.67
N LYS A 61 6.96 6.45 2.76
CA LYS A 61 8.08 6.65 1.86
C LYS A 61 8.01 8.02 1.19
N CYS A 62 6.87 8.33 0.58
CA CYS A 62 6.67 9.60 -0.09
C CYS A 62 7.00 10.76 0.84
N ARG A 63 6.50 10.68 2.08
CA ARG A 63 6.73 11.73 3.07
C ARG A 63 8.22 12.04 3.19
N GLN A 64 9.04 11.00 3.26
CA GLN A 64 10.47 11.15 3.38
C GLN A 64 11.02 12.01 2.24
N GLN A 65 10.76 11.59 1.01
CA GLN A 65 11.23 12.31 -0.16
C GLN A 65 10.39 13.57 -0.40
N GLN A 66 10.84 14.42 -1.32
CA GLN A 66 10.13 15.65 -1.63
C GLN A 66 9.80 15.71 -3.12
N GLN A 67 8.61 16.19 -3.43
CA GLN A 67 8.17 16.31 -4.82
C GLN A 67 8.00 17.77 -5.22
N GLN A 68 7.18 18.50 -4.46
CA GLN A 68 6.94 19.92 -4.73
C GLN A 68 7.02 20.74 -3.45
N GLN A 69 7.54 21.95 -3.57
CA GLN A 69 7.67 22.85 -2.42
C GLN A 69 6.32 23.42 -2.02
N GLN A 70 5.77 22.90 -0.93
CA GLN A 70 4.47 23.36 -0.44
C GLN A 70 4.45 23.40 1.09
N ASN A 71 3.72 24.35 1.65
CA ASN A 71 3.61 24.49 3.09
C ASN A 71 2.22 24.95 3.50
N GLY A 72 1.92 24.86 4.79
CA GLY A 72 0.62 25.26 5.29
C GLY A 72 0.31 24.68 6.66
N GLY A 73 -0.34 25.46 7.50
CA GLY A 73 -0.69 25.01 8.83
C GLY A 73 -1.59 25.98 9.57
N GLN A 74 -2.19 25.51 10.66
CA GLN A 74 -3.09 26.34 11.45
C GLN A 74 -2.42 26.79 12.74
N SER A 75 -2.59 28.06 13.09
CA SER A 75 -2.00 28.62 14.29
C SER A 75 -2.97 29.56 14.99
N GLY A 76 -2.62 29.99 16.21
CA GLY A 76 -3.47 30.88 16.96
C GLY A 76 -2.79 31.41 18.20
N PRO A 77 -1.99 32.48 18.04
CA PRO A 77 -1.26 33.10 19.15
C PRO A 77 -2.19 33.83 20.12
N SER A 78 -1.62 34.43 21.15
CA SER A 78 -2.40 35.17 22.14
C SER A 78 -2.05 36.65 22.12
N SER A 79 -2.70 37.42 22.98
CA SER A 79 -2.45 38.86 23.06
C SER A 79 -1.84 39.23 24.40
N GLY A 80 -2.55 38.94 25.48
CA GLY A 80 -2.06 39.26 26.80
C GLY A 80 -2.56 38.30 27.87
N GLY A 1 1.58 -6.96 21.56
CA GLY A 1 2.34 -6.49 20.42
C GLY A 1 2.21 -7.40 19.22
N SER A 2 3.02 -7.16 18.20
CA SER A 2 2.99 -7.97 16.98
C SER A 2 4.40 -8.29 16.51
N SER A 3 4.58 -9.49 15.96
CA SER A 3 5.87 -9.92 15.46
C SER A 3 5.73 -11.09 14.49
N GLY A 4 6.32 -10.96 13.32
CA GLY A 4 6.24 -12.00 12.31
C GLY A 4 6.68 -11.54 10.95
N SER A 5 7.80 -10.81 10.90
CA SER A 5 8.33 -10.30 9.65
C SER A 5 9.79 -10.71 9.46
N SER A 6 10.05 -11.47 8.40
CA SER A 6 11.40 -11.93 8.10
C SER A 6 12.33 -10.76 7.78
N GLY A 7 13.62 -10.98 7.94
CA GLY A 7 14.59 -9.93 7.66
C GLY A 7 14.85 -9.76 6.18
N ARG A 8 15.92 -10.36 5.68
CA ARG A 8 16.28 -10.27 4.28
C ARG A 8 15.32 -11.09 3.41
N ARG A 9 15.56 -11.09 2.10
CA ARG A 9 14.71 -11.84 1.18
C ARG A 9 13.26 -11.82 1.63
N GLU A 10 12.82 -10.68 2.15
CA GLU A 10 11.45 -10.54 2.63
C GLU A 10 10.48 -11.32 1.74
N ARG A 11 9.65 -12.14 2.36
CA ARG A 11 8.67 -12.94 1.63
C ARG A 11 7.58 -12.06 1.02
N THR A 12 6.82 -12.62 0.09
CA THR A 12 5.74 -11.88 -0.57
C THR A 12 4.45 -11.99 0.21
N THR A 13 3.64 -10.93 0.19
CA THR A 13 2.37 -10.92 0.90
C THR A 13 1.24 -10.46 -0.02
N PHE A 14 1.51 -9.44 -0.82
CA PHE A 14 0.52 -8.90 -1.74
C PHE A 14 0.75 -9.42 -3.16
N THR A 15 -0.32 -9.87 -3.80
CA THR A 15 -0.23 -10.40 -5.16
C THR A 15 -0.51 -9.31 -6.19
N ARG A 16 -0.17 -9.58 -7.45
CA ARG A 16 -0.38 -8.63 -8.52
C ARG A 16 -1.83 -8.12 -8.53
N ALA A 17 -2.77 -9.02 -8.28
CA ALA A 17 -4.18 -8.67 -8.25
C ALA A 17 -4.49 -7.75 -7.07
N GLN A 18 -4.09 -8.17 -5.88
CA GLN A 18 -4.33 -7.38 -4.67
C GLN A 18 -3.71 -5.98 -4.81
N LEU A 19 -2.58 -5.91 -5.49
CA LEU A 19 -1.89 -4.64 -5.69
C LEU A 19 -2.60 -3.80 -6.75
N ASP A 20 -3.00 -4.42 -7.84
CA ASP A 20 -3.69 -3.73 -8.92
C ASP A 20 -4.81 -2.85 -8.36
N VAL A 21 -5.49 -3.34 -7.33
CA VAL A 21 -6.57 -2.59 -6.71
C VAL A 21 -6.04 -1.55 -5.73
N LEU A 22 -5.26 -2.02 -4.76
CA LEU A 22 -4.68 -1.13 -3.75
C LEU A 22 -4.12 0.13 -4.39
N GLU A 23 -3.29 -0.05 -5.42
CA GLU A 23 -2.68 1.08 -6.12
C GLU A 23 -3.75 1.92 -6.82
N ALA A 24 -4.66 1.24 -7.53
CA ALA A 24 -5.72 1.93 -8.24
C ALA A 24 -6.40 2.98 -7.35
N LEU A 25 -6.70 2.59 -6.13
CA LEU A 25 -7.35 3.50 -5.19
C LEU A 25 -6.36 4.56 -4.69
N PHE A 26 -5.10 4.19 -4.62
CA PHE A 26 -4.06 5.10 -4.15
C PHE A 26 -3.77 6.17 -5.20
N ALA A 27 -3.95 5.81 -6.47
CA ALA A 27 -3.71 6.73 -7.57
C ALA A 27 -4.79 7.81 -7.63
N LYS A 28 -6.01 7.44 -7.21
CA LYS A 28 -7.13 8.36 -7.21
C LYS A 28 -7.23 9.11 -5.88
N THR A 29 -7.00 8.39 -4.79
CA THR A 29 -7.06 8.97 -3.46
C THR A 29 -6.15 8.23 -2.49
N ARG A 30 -5.16 8.94 -1.96
CA ARG A 30 -4.22 8.34 -1.01
C ARG A 30 -4.89 8.10 0.33
N TYR A 31 -5.95 8.85 0.61
CA TYR A 31 -6.67 8.71 1.87
C TYR A 31 -8.13 8.36 1.62
N PRO A 32 -8.39 7.06 1.36
CA PRO A 32 -9.74 6.56 1.10
C PRO A 32 -10.62 6.59 2.35
N ASP A 33 -11.91 6.36 2.15
CA ASP A 33 -12.87 6.35 3.27
C ASP A 33 -13.24 4.93 3.66
N ILE A 34 -13.95 4.80 4.77
CA ILE A 34 -14.37 3.49 5.26
C ILE A 34 -15.08 2.70 4.17
N PHE A 35 -15.85 3.40 3.34
CA PHE A 35 -16.59 2.77 2.25
C PHE A 35 -15.63 2.19 1.21
N MET A 36 -14.64 3.00 0.83
CA MET A 36 -13.65 2.56 -0.16
C MET A 36 -12.83 1.39 0.36
N ARG A 37 -12.22 1.57 1.53
CA ARG A 37 -11.41 0.53 2.14
C ARG A 37 -12.19 -0.77 2.25
N GLU A 38 -13.44 -0.68 2.65
CA GLU A 38 -14.30 -1.86 2.80
C GLU A 38 -14.42 -2.60 1.48
N GLU A 39 -14.78 -1.87 0.42
CA GLU A 39 -14.93 -2.46 -0.90
C GLU A 39 -13.70 -3.26 -1.29
N VAL A 40 -12.56 -2.58 -1.39
CA VAL A 40 -11.32 -3.24 -1.76
C VAL A 40 -11.07 -4.47 -0.89
N ALA A 41 -10.96 -4.25 0.41
CA ALA A 41 -10.72 -5.34 1.36
C ALA A 41 -11.65 -6.52 1.07
N LEU A 42 -12.80 -6.23 0.47
CA LEU A 42 -13.77 -7.26 0.15
C LEU A 42 -13.57 -7.77 -1.27
N LYS A 43 -12.99 -6.93 -2.11
CA LYS A 43 -12.73 -7.29 -3.50
C LYS A 43 -11.44 -8.10 -3.63
N ILE A 44 -10.34 -7.50 -3.19
CA ILE A 44 -9.04 -8.15 -3.26
C ILE A 44 -8.97 -9.33 -2.28
N ASN A 45 -10.06 -9.54 -1.54
CA ASN A 45 -10.11 -10.63 -0.57
C ASN A 45 -9.06 -10.46 0.51
N LEU A 46 -9.05 -9.29 1.13
CA LEU A 46 -8.08 -9.00 2.19
C LEU A 46 -8.75 -8.31 3.37
N PRO A 47 -8.16 -8.44 4.57
CA PRO A 47 -8.69 -7.84 5.79
C PRO A 47 -8.55 -6.32 5.79
N GLU A 48 -9.67 -5.63 5.97
CA GLU A 48 -9.68 -4.18 5.99
C GLU A 48 -8.45 -3.63 6.72
N SER A 49 -7.93 -4.42 7.65
CA SER A 49 -6.76 -4.02 8.41
C SER A 49 -5.52 -3.96 7.54
N ARG A 50 -5.34 -4.98 6.69
CA ARG A 50 -4.20 -5.03 5.80
C ARG A 50 -4.18 -3.83 4.85
N VAL A 51 -5.36 -3.37 4.47
CA VAL A 51 -5.49 -2.22 3.58
C VAL A 51 -5.01 -0.95 4.26
N GLN A 52 -5.61 -0.63 5.40
CA GLN A 52 -5.23 0.58 6.14
C GLN A 52 -3.72 0.70 6.24
N VAL A 53 -3.05 -0.42 6.47
CA VAL A 53 -1.59 -0.43 6.58
C VAL A 53 -0.93 -0.19 5.23
N TRP A 54 -1.17 -1.11 4.30
CA TRP A 54 -0.61 -1.00 2.96
C TRP A 54 -0.56 0.45 2.50
N PHE A 55 -1.63 1.19 2.77
CA PHE A 55 -1.71 2.59 2.39
C PHE A 55 -0.64 3.42 3.10
N LYS A 56 -0.46 3.15 4.39
CA LYS A 56 0.52 3.87 5.19
C LYS A 56 1.93 3.45 4.80
N ASN A 57 2.13 2.16 4.56
CA ASN A 57 3.43 1.64 4.18
C ASN A 57 3.82 2.11 2.78
N ARG A 58 2.84 2.15 1.89
CA ARG A 58 3.08 2.59 0.51
C ARG A 58 3.35 4.09 0.45
N ARG A 59 2.47 4.87 1.06
CA ARG A 59 2.61 6.32 1.08
C ARG A 59 4.02 6.72 1.48
N ALA A 60 4.44 6.28 2.67
CA ALA A 60 5.76 6.59 3.18
C ALA A 60 6.83 6.28 2.14
N LYS A 61 6.85 5.05 1.66
CA LYS A 61 7.82 4.62 0.66
C LYS A 61 8.09 5.73 -0.35
N CYS A 62 7.04 6.44 -0.73
CA CYS A 62 7.16 7.54 -1.69
C CYS A 62 8.38 8.40 -1.37
N ARG A 63 8.44 8.90 -0.15
CA ARG A 63 9.56 9.75 0.27
C ARG A 63 10.89 9.08 -0.06
N GLN A 64 11.05 7.85 0.38
CA GLN A 64 12.29 7.10 0.12
C GLN A 64 12.59 7.05 -1.36
N GLN A 65 11.63 6.55 -2.15
CA GLN A 65 11.80 6.45 -3.59
C GLN A 65 11.65 7.81 -4.27
N GLN A 66 11.95 7.87 -5.55
CA GLN A 66 11.85 9.11 -6.31
C GLN A 66 12.75 10.18 -5.71
N GLN A 67 13.92 9.76 -5.23
CA GLN A 67 14.87 10.69 -4.63
C GLN A 67 15.95 11.08 -5.64
N GLN A 68 16.52 10.08 -6.30
CA GLN A 68 17.57 10.32 -7.29
C GLN A 68 16.98 10.81 -8.61
N GLN A 69 17.85 11.15 -9.56
CA GLN A 69 17.41 11.63 -10.86
C GLN A 69 17.01 10.47 -11.76
N GLN A 70 15.90 10.63 -12.47
CA GLN A 70 15.40 9.59 -13.38
C GLN A 70 14.20 10.09 -14.17
N ASN A 71 13.87 9.37 -15.24
CA ASN A 71 12.74 9.74 -16.08
C ASN A 71 11.59 10.31 -15.25
N GLY A 72 11.10 9.51 -14.31
CA GLY A 72 10.01 9.96 -13.46
C GLY A 72 8.77 10.33 -14.25
N GLY A 73 8.06 11.36 -13.79
CA GLY A 73 6.86 11.79 -14.48
C GLY A 73 5.72 12.06 -13.52
N GLN A 74 5.77 13.19 -12.83
CA GLN A 74 4.73 13.56 -11.88
C GLN A 74 4.57 15.08 -11.81
N SER A 75 3.33 15.53 -11.64
CA SER A 75 3.04 16.96 -11.56
C SER A 75 2.34 17.30 -10.25
N GLY A 76 2.99 18.14 -9.44
CA GLY A 76 2.41 18.53 -8.17
C GLY A 76 3.46 18.69 -7.08
N PRO A 77 3.23 19.65 -6.17
CA PRO A 77 4.15 19.92 -5.06
C PRO A 77 4.16 18.80 -4.02
N SER A 78 5.32 18.58 -3.41
CA SER A 78 5.47 17.53 -2.40
C SER A 78 5.38 18.12 -1.00
N SER A 79 5.41 17.24 0.00
CA SER A 79 5.33 17.67 1.39
C SER A 79 6.72 17.78 2.00
N GLY A 80 6.87 18.73 2.93
CA GLY A 80 8.15 18.92 3.59
C GLY A 80 8.80 20.24 3.21
N GLY A 1 9.96 -21.56 22.08
CA GLY A 1 8.71 -21.41 21.34
C GLY A 1 8.14 -22.75 20.92
N SER A 2 7.11 -22.71 20.08
CA SER A 2 6.46 -23.92 19.59
C SER A 2 6.51 -24.00 18.07
N SER A 3 6.09 -22.92 17.42
CA SER A 3 6.08 -22.86 15.97
C SER A 3 7.50 -22.95 15.41
N GLY A 4 8.41 -22.18 15.99
CA GLY A 4 9.79 -22.20 15.54
C GLY A 4 9.92 -21.88 14.05
N SER A 5 11.11 -21.49 13.64
CA SER A 5 11.37 -21.15 12.25
C SER A 5 12.66 -21.82 11.75
N SER A 6 12.87 -21.77 10.44
CA SER A 6 14.05 -22.37 9.84
C SER A 6 15.11 -21.32 9.52
N GLY A 7 14.72 -20.33 8.70
CA GLY A 7 15.63 -19.28 8.33
C GLY A 7 15.02 -18.29 7.36
N ARG A 8 14.52 -18.80 6.25
CA ARG A 8 13.90 -17.96 5.22
C ARG A 8 12.52 -18.48 4.85
N ARG A 9 11.63 -17.57 4.47
CA ARG A 9 10.27 -17.94 4.09
C ARG A 9 9.94 -17.42 2.68
N GLU A 10 10.28 -16.17 2.43
CA GLU A 10 10.02 -15.55 1.13
C GLU A 10 8.57 -15.77 0.71
N ARG A 11 7.65 -15.63 1.66
CA ARG A 11 6.24 -15.81 1.40
C ARG A 11 5.63 -14.54 0.80
N THR A 12 4.68 -14.71 -0.11
CA THR A 12 4.02 -13.59 -0.75
C THR A 12 2.60 -13.40 -0.23
N THR A 13 2.33 -12.22 0.31
CA THR A 13 1.01 -11.91 0.85
C THR A 13 0.15 -11.17 -0.17
N PHE A 14 0.76 -10.18 -0.83
CA PHE A 14 0.07 -9.38 -1.83
C PHE A 14 0.29 -9.94 -3.23
N THR A 15 -0.82 -10.22 -3.93
CA THR A 15 -0.74 -10.77 -5.27
C THR A 15 -0.85 -9.67 -6.32
N ARG A 16 -0.53 -10.00 -7.57
CA ARG A 16 -0.60 -9.03 -8.65
C ARG A 16 -1.98 -8.39 -8.72
N ALA A 17 -3.02 -9.21 -8.65
CA ALA A 17 -4.40 -8.72 -8.70
C ALA A 17 -4.71 -7.84 -7.49
N GLN A 18 -4.37 -8.34 -6.30
CA GLN A 18 -4.61 -7.60 -5.07
C GLN A 18 -3.85 -6.28 -5.07
N LEU A 19 -2.69 -6.27 -5.71
CA LEU A 19 -1.86 -5.07 -5.78
C LEU A 19 -2.48 -4.04 -6.71
N ASP A 20 -2.82 -4.46 -7.93
CA ASP A 20 -3.42 -3.58 -8.92
C ASP A 20 -4.53 -2.74 -8.29
N VAL A 21 -5.37 -3.39 -7.49
CA VAL A 21 -6.47 -2.71 -6.84
C VAL A 21 -5.97 -1.75 -5.76
N LEU A 22 -5.18 -2.28 -4.83
CA LEU A 22 -4.64 -1.48 -3.75
C LEU A 22 -3.99 -0.20 -4.29
N GLU A 23 -3.24 -0.34 -5.39
CA GLU A 23 -2.57 0.80 -6.00
C GLU A 23 -3.59 1.69 -6.72
N ALA A 24 -4.51 1.08 -7.44
CA ALA A 24 -5.52 1.82 -8.17
C ALA A 24 -6.26 2.80 -7.25
N LEU A 25 -6.45 2.39 -6.00
CA LEU A 25 -7.14 3.22 -5.02
C LEU A 25 -6.19 4.28 -4.45
N PHE A 26 -4.90 4.02 -4.55
CA PHE A 26 -3.89 4.95 -4.05
C PHE A 26 -3.57 6.03 -5.07
N ALA A 27 -3.91 5.75 -6.33
CA ALA A 27 -3.66 6.70 -7.41
C ALA A 27 -4.79 7.72 -7.52
N LYS A 28 -6.00 7.29 -7.15
CA LYS A 28 -7.17 8.16 -7.21
C LYS A 28 -7.32 8.94 -5.91
N THR A 29 -7.20 8.25 -4.78
CA THR A 29 -7.33 8.88 -3.48
C THR A 29 -6.29 8.33 -2.50
N ARG A 30 -5.45 9.22 -1.98
CA ARG A 30 -4.41 8.82 -1.04
C ARG A 30 -5.01 8.53 0.33
N TYR A 31 -6.16 9.12 0.61
CA TYR A 31 -6.83 8.93 1.89
C TYR A 31 -8.29 8.49 1.68
N PRO A 32 -8.47 7.20 1.40
CA PRO A 32 -9.80 6.62 1.18
C PRO A 32 -10.64 6.57 2.46
N ASP A 33 -11.94 6.44 2.29
CA ASP A 33 -12.86 6.39 3.43
C ASP A 33 -13.14 4.94 3.82
N ILE A 34 -13.95 4.76 4.86
CA ILE A 34 -14.30 3.44 5.35
C ILE A 34 -15.02 2.64 4.28
N PHE A 35 -15.78 3.33 3.43
CA PHE A 35 -16.52 2.68 2.35
C PHE A 35 -15.56 2.09 1.32
N MET A 36 -14.61 2.90 0.87
CA MET A 36 -13.63 2.45 -0.12
C MET A 36 -12.81 1.28 0.42
N ARG A 37 -12.18 1.49 1.57
CA ARG A 37 -11.35 0.46 2.18
C ARG A 37 -12.12 -0.86 2.27
N GLU A 38 -13.36 -0.79 2.76
CA GLU A 38 -14.19 -1.98 2.90
C GLU A 38 -14.37 -2.68 1.56
N GLU A 39 -14.79 -1.91 0.55
CA GLU A 39 -14.99 -2.46 -0.79
C GLU A 39 -13.79 -3.28 -1.24
N VAL A 40 -12.67 -2.62 -1.47
CA VAL A 40 -11.46 -3.28 -1.90
C VAL A 40 -11.15 -4.49 -1.02
N ALA A 41 -10.95 -4.24 0.26
CA ALA A 41 -10.65 -5.31 1.21
C ALA A 41 -11.58 -6.50 1.01
N LEU A 42 -12.79 -6.23 0.53
CA LEU A 42 -13.77 -7.27 0.29
C LEU A 42 -13.63 -7.84 -1.12
N LYS A 43 -13.11 -7.02 -2.03
CA LYS A 43 -12.93 -7.45 -3.41
C LYS A 43 -11.63 -8.26 -3.56
N ILE A 44 -10.51 -7.63 -3.22
CA ILE A 44 -9.21 -8.29 -3.32
C ILE A 44 -9.11 -9.44 -2.32
N ASN A 45 -10.14 -9.61 -1.50
CA ASN A 45 -10.17 -10.67 -0.51
C ASN A 45 -9.07 -10.46 0.53
N LEU A 46 -9.05 -9.28 1.13
CA LEU A 46 -8.06 -8.96 2.16
C LEU A 46 -8.69 -8.22 3.32
N PRO A 47 -8.06 -8.32 4.50
CA PRO A 47 -8.55 -7.66 5.72
C PRO A 47 -8.42 -6.14 5.66
N GLU A 48 -9.51 -5.44 5.93
CA GLU A 48 -9.53 -3.98 5.90
C GLU A 48 -8.21 -3.43 6.45
N SER A 49 -7.61 -4.16 7.39
CA SER A 49 -6.36 -3.74 8.00
C SER A 49 -5.24 -3.70 6.96
N ARG A 50 -5.00 -4.84 6.31
CA ARG A 50 -3.96 -4.93 5.31
C ARG A 50 -4.03 -3.77 4.33
N VAL A 51 -5.25 -3.34 4.01
CA VAL A 51 -5.46 -2.23 3.09
C VAL A 51 -5.00 -0.91 3.71
N GLN A 52 -5.51 -0.62 4.91
CA GLN A 52 -5.16 0.60 5.62
C GLN A 52 -3.65 0.72 5.79
N VAL A 53 -3.01 -0.39 6.18
CA VAL A 53 -1.58 -0.41 6.38
C VAL A 53 -0.83 -0.23 5.07
N TRP A 54 -1.12 -1.09 4.10
CA TRP A 54 -0.48 -1.03 2.79
C TRP A 54 -0.27 0.41 2.36
N PHE A 55 -1.14 1.30 2.85
CA PHE A 55 -1.06 2.72 2.50
C PHE A 55 0.00 3.43 3.36
N LYS A 56 -0.23 3.45 4.67
CA LYS A 56 0.69 4.10 5.60
C LYS A 56 2.13 3.78 5.22
N ASN A 57 2.38 2.53 4.84
CA ASN A 57 3.72 2.09 4.46
C ASN A 57 4.16 2.77 3.16
N ARG A 58 3.39 2.54 2.10
CA ARG A 58 3.69 3.12 0.80
C ARG A 58 3.78 4.64 0.89
N ARG A 59 2.65 5.28 1.21
CA ARG A 59 2.60 6.73 1.32
C ARG A 59 3.90 7.28 1.90
N ALA A 60 4.27 6.81 3.09
CA ALA A 60 5.49 7.26 3.74
C ALA A 60 6.67 7.22 2.78
N LYS A 61 6.89 6.08 2.16
CA LYS A 61 7.98 5.91 1.20
C LYS A 61 8.12 7.15 0.31
N CYS A 62 7.00 7.63 -0.19
CA CYS A 62 6.99 8.81 -1.05
C CYS A 62 7.63 10.00 -0.36
N ARG A 63 7.08 10.38 0.79
CA ARG A 63 7.60 11.51 1.55
C ARG A 63 9.11 11.39 1.73
N GLN A 64 9.55 10.30 2.36
CA GLN A 64 10.97 10.07 2.59
C GLN A 64 11.76 10.22 1.30
N GLN A 65 11.39 9.45 0.29
CA GLN A 65 12.07 9.50 -1.00
C GLN A 65 12.40 10.94 -1.39
N GLN A 66 13.45 11.10 -2.18
CA GLN A 66 13.88 12.43 -2.63
C GLN A 66 12.68 13.32 -2.88
N GLN A 67 12.47 14.29 -2.00
CA GLN A 67 11.35 15.23 -2.13
C GLN A 67 11.80 16.66 -1.87
N GLN A 68 10.92 17.61 -2.18
CA GLN A 68 11.23 19.02 -1.98
C GLN A 68 12.03 19.23 -0.69
N GLN A 69 13.28 19.64 -0.84
CA GLN A 69 14.15 19.88 0.31
C GLN A 69 14.44 21.37 0.47
N GLN A 70 13.89 21.96 1.53
CA GLN A 70 14.08 23.37 1.80
C GLN A 70 14.93 23.58 3.06
N ASN A 71 15.38 24.81 3.27
CA ASN A 71 16.21 25.13 4.43
C ASN A 71 15.33 25.53 5.61
N GLY A 72 15.79 25.20 6.82
CA GLY A 72 15.03 25.52 8.01
C GLY A 72 15.73 25.10 9.28
N GLY A 73 15.72 23.80 9.56
CA GLY A 73 16.36 23.27 10.75
C GLY A 73 15.38 22.62 11.70
N GLN A 74 15.91 21.89 12.69
CA GLN A 74 15.07 21.21 13.66
C GLN A 74 14.96 22.02 14.95
N SER A 75 14.10 21.56 15.85
CA SER A 75 13.90 22.25 17.12
C SER A 75 14.36 21.37 18.29
N GLY A 76 15.47 21.76 18.91
CA GLY A 76 16.01 20.99 20.02
C GLY A 76 17.51 21.10 20.13
N PRO A 77 18.02 21.07 21.36
CA PRO A 77 19.47 21.16 21.63
C PRO A 77 20.21 19.90 21.19
N SER A 78 19.46 18.85 20.90
CA SER A 78 20.06 17.59 20.48
C SER A 78 19.14 16.86 19.50
N SER A 79 19.62 15.75 18.96
CA SER A 79 18.85 14.96 18.01
C SER A 79 18.30 13.70 18.66
N GLY A 80 16.98 13.55 18.64
CA GLY A 80 16.35 12.38 19.23
C GLY A 80 17.06 11.09 18.87
N GLY A 1 11.35 -22.61 -14.65
CA GLY A 1 11.50 -24.04 -14.53
C GLY A 1 12.44 -24.42 -13.40
N SER A 2 11.93 -24.35 -12.16
CA SER A 2 12.73 -24.69 -10.99
C SER A 2 11.92 -25.53 -10.00
N SER A 3 12.58 -25.98 -8.94
CA SER A 3 11.92 -26.80 -7.92
C SER A 3 10.80 -26.02 -7.24
N GLY A 4 11.15 -24.88 -6.65
CA GLY A 4 10.16 -24.07 -5.97
C GLY A 4 9.24 -24.89 -5.09
N SER A 5 9.56 -24.98 -3.81
CA SER A 5 8.74 -25.74 -2.87
C SER A 5 7.59 -24.90 -2.34
N SER A 6 6.39 -25.21 -2.81
CA SER A 6 5.19 -24.48 -2.40
C SER A 6 5.20 -24.25 -0.89
N GLY A 7 5.38 -22.99 -0.49
CA GLY A 7 5.40 -22.66 0.92
C GLY A 7 6.42 -21.58 1.24
N ARG A 8 6.17 -20.37 0.74
CA ARG A 8 7.07 -19.24 0.98
C ARG A 8 6.32 -18.06 1.57
N ARG A 9 6.94 -17.38 2.53
CA ARG A 9 6.32 -16.23 3.18
C ARG A 9 7.03 -14.94 2.77
N GLU A 10 8.35 -14.93 2.89
CA GLU A 10 9.14 -13.76 2.53
C GLU A 10 8.58 -13.08 1.29
N ARG A 11 8.31 -13.87 0.25
CA ARG A 11 7.77 -13.35 -0.99
C ARG A 11 6.68 -12.32 -0.72
N THR A 12 6.55 -11.35 -1.62
CA THR A 12 5.55 -10.30 -1.48
C THR A 12 4.25 -10.86 -0.91
N THR A 13 3.61 -10.08 -0.04
CA THR A 13 2.36 -10.49 0.57
C THR A 13 1.18 -10.26 -0.37
N PHE A 14 1.15 -9.09 -0.99
CA PHE A 14 0.07 -8.75 -1.92
C PHE A 14 0.35 -9.31 -3.31
N THR A 15 -0.70 -9.84 -3.95
CA THR A 15 -0.56 -10.41 -5.27
C THR A 15 -0.83 -9.37 -6.35
N ARG A 16 -0.45 -9.69 -7.59
CA ARG A 16 -0.66 -8.77 -8.71
C ARG A 16 -2.08 -8.25 -8.74
N ALA A 17 -3.04 -9.13 -8.43
CA ALA A 17 -4.44 -8.74 -8.42
C ALA A 17 -4.76 -7.82 -7.23
N GLN A 18 -4.44 -8.29 -6.03
CA GLN A 18 -4.68 -7.52 -4.82
C GLN A 18 -4.09 -6.11 -4.95
N LEU A 19 -2.86 -6.03 -5.44
CA LEU A 19 -2.18 -4.75 -5.60
C LEU A 19 -2.85 -3.93 -6.70
N ASP A 20 -3.03 -4.53 -7.87
CA ASP A 20 -3.66 -3.85 -8.99
C ASP A 20 -4.77 -2.93 -8.52
N VAL A 21 -5.51 -3.36 -7.50
CA VAL A 21 -6.60 -2.57 -6.95
C VAL A 21 -6.09 -1.56 -5.94
N LEU A 22 -5.32 -2.04 -4.97
CA LEU A 22 -4.76 -1.18 -3.92
C LEU A 22 -4.11 0.06 -4.54
N GLU A 23 -3.27 -0.16 -5.55
CA GLU A 23 -2.58 0.94 -6.22
C GLU A 23 -3.58 1.94 -6.78
N ALA A 24 -4.48 1.45 -7.64
CA ALA A 24 -5.49 2.31 -8.25
C ALA A 24 -6.11 3.25 -7.23
N LEU A 25 -6.53 2.69 -6.10
CA LEU A 25 -7.15 3.48 -5.03
C LEU A 25 -6.20 4.58 -4.56
N PHE A 26 -4.89 4.30 -4.64
CA PHE A 26 -3.88 5.26 -4.21
C PHE A 26 -3.74 6.39 -5.23
N ALA A 27 -4.13 6.12 -6.47
CA ALA A 27 -4.05 7.11 -7.53
C ALA A 27 -5.30 8.00 -7.54
N LYS A 28 -6.44 7.41 -7.23
CA LYS A 28 -7.70 8.16 -7.20
C LYS A 28 -7.85 8.91 -5.89
N THR A 29 -7.41 8.30 -4.79
CA THR A 29 -7.50 8.91 -3.48
C THR A 29 -6.48 8.31 -2.52
N ARG A 30 -5.42 9.05 -2.24
CA ARG A 30 -4.37 8.59 -1.33
C ARG A 30 -4.94 8.29 0.05
N TYR A 31 -6.11 8.86 0.33
CA TYR A 31 -6.77 8.66 1.62
C TYR A 31 -8.24 8.29 1.44
N PRO A 32 -8.49 7.00 1.14
CA PRO A 32 -9.85 6.50 0.94
C PRO A 32 -10.65 6.45 2.23
N ASP A 33 -11.97 6.31 2.09
CA ASP A 33 -12.85 6.25 3.26
C ASP A 33 -13.15 4.81 3.63
N ILE A 34 -13.86 4.64 4.75
CA ILE A 34 -14.21 3.31 5.22
C ILE A 34 -14.95 2.52 4.14
N PHE A 35 -15.79 3.20 3.39
CA PHE A 35 -16.55 2.56 2.32
C PHE A 35 -15.61 1.98 1.26
N MET A 36 -14.69 2.80 0.79
CA MET A 36 -13.73 2.37 -0.23
C MET A 36 -12.86 1.22 0.30
N ARG A 37 -12.35 1.39 1.51
CA ARG A 37 -11.49 0.37 2.13
C ARG A 37 -12.23 -0.97 2.20
N GLU A 38 -13.47 -0.92 2.66
CA GLU A 38 -14.28 -2.13 2.79
C GLU A 38 -14.41 -2.85 1.44
N GLU A 39 -14.77 -2.09 0.41
CA GLU A 39 -14.93 -2.65 -0.92
C GLU A 39 -13.68 -3.45 -1.34
N VAL A 40 -12.57 -2.75 -1.46
CA VAL A 40 -11.31 -3.37 -1.85
C VAL A 40 -11.01 -4.59 -0.98
N ALA A 41 -10.89 -4.36 0.32
CA ALA A 41 -10.61 -5.43 1.27
C ALA A 41 -11.51 -6.63 1.00
N LEU A 42 -12.69 -6.38 0.44
CA LEU A 42 -13.64 -7.45 0.15
C LEU A 42 -13.40 -8.01 -1.26
N LYS A 43 -12.82 -7.20 -2.12
CA LYS A 43 -12.54 -7.62 -3.50
C LYS A 43 -11.19 -8.33 -3.58
N ILE A 44 -10.14 -7.65 -3.15
CA ILE A 44 -8.80 -8.22 -3.17
C ILE A 44 -8.68 -9.39 -2.20
N ASN A 45 -9.75 -9.64 -1.45
CA ASN A 45 -9.77 -10.73 -0.49
C ASN A 45 -8.76 -10.49 0.63
N LEU A 46 -8.87 -9.34 1.27
CA LEU A 46 -7.97 -8.98 2.36
C LEU A 46 -8.71 -8.27 3.49
N PRO A 47 -8.15 -8.33 4.71
CA PRO A 47 -8.76 -7.70 5.89
C PRO A 47 -8.70 -6.17 5.83
N GLU A 48 -9.86 -5.55 5.90
CA GLU A 48 -9.95 -4.08 5.86
C GLU A 48 -8.78 -3.45 6.61
N SER A 49 -8.26 -4.17 7.60
CA SER A 49 -7.15 -3.67 8.41
C SER A 49 -5.88 -3.55 7.56
N ARG A 50 -5.47 -4.66 6.95
CA ARG A 50 -4.27 -4.67 6.11
C ARG A 50 -4.33 -3.56 5.07
N VAL A 51 -5.49 -3.40 4.44
CA VAL A 51 -5.67 -2.38 3.42
C VAL A 51 -5.19 -1.01 3.92
N GLN A 52 -5.70 -0.59 5.07
CA GLN A 52 -5.31 0.69 5.64
C GLN A 52 -3.81 0.77 5.83
N VAL A 53 -3.24 -0.24 6.48
CA VAL A 53 -1.80 -0.29 6.73
C VAL A 53 -1.02 -0.10 5.43
N TRP A 54 -1.37 -0.90 4.42
CA TRP A 54 -0.69 -0.82 3.13
C TRP A 54 -0.44 0.63 2.73
N PHE A 55 -1.40 1.50 3.03
CA PHE A 55 -1.28 2.91 2.70
C PHE A 55 -0.22 3.59 3.57
N LYS A 56 -0.43 3.53 4.89
CA LYS A 56 0.51 4.14 5.83
C LYS A 56 1.95 3.86 5.42
N ASN A 57 2.21 2.64 4.96
CA ASN A 57 3.56 2.26 4.53
C ASN A 57 3.89 2.88 3.18
N ARG A 58 3.01 2.69 2.20
CA ARG A 58 3.21 3.23 0.87
C ARG A 58 3.84 4.62 0.93
N ARG A 59 3.11 5.57 1.51
CA ARG A 59 3.58 6.93 1.63
C ARG A 59 5.08 6.96 1.94
N ALA A 60 5.53 6.01 2.76
CA ALA A 60 6.94 5.93 3.12
C ALA A 60 7.76 5.26 2.02
N LYS A 61 7.45 4.00 1.75
CA LYS A 61 8.15 3.25 0.71
C LYS A 61 8.42 4.12 -0.51
N CYS A 62 7.36 4.72 -1.04
CA CYS A 62 7.49 5.59 -2.21
C CYS A 62 8.80 6.38 -2.17
N ARG A 63 9.06 7.00 -1.03
CA ARG A 63 10.28 7.79 -0.86
C ARG A 63 11.48 7.07 -1.45
N GLN A 64 11.62 5.79 -1.12
CA GLN A 64 12.73 4.98 -1.63
C GLN A 64 12.48 4.57 -3.07
N GLN A 65 11.28 4.08 -3.35
CA GLN A 65 10.93 3.64 -4.70
C GLN A 65 10.88 4.82 -5.66
N GLN A 66 10.75 4.52 -6.95
CA GLN A 66 10.70 5.56 -7.97
C GLN A 66 11.86 6.54 -7.80
N GLN A 67 13.04 6.02 -7.51
CA GLN A 67 14.22 6.85 -7.33
C GLN A 67 15.24 6.60 -8.44
N GLN A 68 16.07 7.60 -8.71
CA GLN A 68 17.08 7.49 -9.74
C GLN A 68 17.64 6.08 -9.82
N GLN A 69 17.23 5.33 -10.84
CA GLN A 69 17.70 3.96 -11.01
C GLN A 69 17.84 3.62 -12.49
N GLN A 70 18.59 2.56 -12.77
CA GLN A 70 18.81 2.13 -14.16
C GLN A 70 17.94 0.92 -14.49
N ASN A 71 16.69 0.95 -14.03
CA ASN A 71 15.76 -0.14 -14.28
C ASN A 71 14.51 0.35 -15.01
N GLY A 72 13.71 -0.58 -15.51
CA GLY A 72 12.50 -0.22 -16.22
C GLY A 72 11.29 -0.20 -15.31
N GLY A 73 10.12 -0.49 -15.88
CA GLY A 73 8.89 -0.49 -15.11
C GLY A 73 7.71 -1.02 -15.89
N GLN A 74 6.51 -0.64 -15.48
CA GLN A 74 5.29 -1.09 -16.16
C GLN A 74 4.11 -0.19 -15.79
N SER A 75 3.26 0.09 -16.78
CA SER A 75 2.09 0.94 -16.56
C SER A 75 0.86 0.35 -17.24
N GLY A 76 -0.30 0.95 -16.97
CA GLY A 76 -1.54 0.47 -17.57
C GLY A 76 -2.59 1.55 -17.65
N PRO A 77 -3.66 1.29 -18.41
CA PRO A 77 -4.76 2.23 -18.60
C PRO A 77 -5.59 2.40 -17.33
N SER A 78 -6.31 3.52 -17.25
CA SER A 78 -7.14 3.81 -16.09
C SER A 78 -8.62 3.65 -16.43
N SER A 79 -9.06 4.34 -17.47
CA SER A 79 -10.46 4.28 -17.90
C SER A 79 -10.65 3.22 -18.98
N GLY A 80 -11.51 2.25 -18.70
CA GLY A 80 -11.77 1.19 -19.67
C GLY A 80 -12.70 1.64 -20.78
N GLY A 1 1.69 -23.44 20.80
CA GLY A 1 2.91 -22.74 21.16
C GLY A 1 3.99 -23.68 21.67
N SER A 2 4.42 -23.46 22.91
CA SER A 2 5.46 -24.30 23.50
C SER A 2 6.73 -24.27 22.65
N SER A 3 7.08 -23.09 22.16
CA SER A 3 8.27 -22.94 21.32
C SER A 3 8.96 -21.61 21.60
N GLY A 4 10.25 -21.69 21.95
CA GLY A 4 11.01 -20.48 22.24
C GLY A 4 11.38 -19.71 20.99
N SER A 5 12.16 -20.35 20.12
CA SER A 5 12.60 -19.71 18.88
C SER A 5 11.85 -20.30 17.68
N SER A 6 11.52 -19.43 16.72
CA SER A 6 10.80 -19.86 15.52
C SER A 6 11.40 -19.21 14.27
N GLY A 7 11.23 -19.88 13.14
CA GLY A 7 11.76 -19.35 11.89
C GLY A 7 10.86 -18.28 11.29
N ARG A 8 11.32 -17.65 10.21
CA ARG A 8 10.56 -16.61 9.55
C ARG A 8 9.80 -17.16 8.36
N ARG A 9 10.50 -17.90 7.50
CA ARG A 9 9.89 -18.48 6.31
C ARG A 9 8.91 -17.51 5.66
N GLU A 10 9.24 -16.23 5.73
CA GLU A 10 8.38 -15.19 5.15
C GLU A 10 7.98 -15.55 3.72
N ARG A 11 6.70 -15.37 3.41
CA ARG A 11 6.19 -15.68 2.08
C ARG A 11 5.43 -14.49 1.49
N THR A 12 5.13 -14.56 0.21
CA THR A 12 4.40 -13.49 -0.47
C THR A 12 2.93 -13.51 -0.11
N THR A 13 2.46 -12.42 0.50
CA THR A 13 1.05 -12.31 0.90
C THR A 13 0.24 -11.55 -0.14
N PHE A 14 0.86 -10.52 -0.72
CA PHE A 14 0.19 -9.70 -1.73
C PHE A 14 0.32 -10.34 -3.11
N THR A 15 -0.72 -10.17 -3.93
CA THR A 15 -0.73 -10.73 -5.27
C THR A 15 -1.03 -9.65 -6.31
N ARG A 16 -0.38 -9.75 -7.47
CA ARG A 16 -0.59 -8.79 -8.54
C ARG A 16 -2.04 -8.33 -8.59
N ALA A 17 -2.96 -9.29 -8.49
CA ALA A 17 -4.38 -8.99 -8.53
C ALA A 17 -4.77 -8.05 -7.39
N GLN A 18 -4.50 -8.46 -6.16
CA GLN A 18 -4.82 -7.66 -4.99
C GLN A 18 -4.16 -6.29 -5.07
N LEU A 19 -2.85 -6.29 -5.33
CA LEU A 19 -2.09 -5.05 -5.43
C LEU A 19 -2.74 -4.10 -6.43
N ASP A 20 -2.85 -4.54 -7.67
CA ASP A 20 -3.46 -3.72 -8.72
C ASP A 20 -4.60 -2.88 -8.17
N VAL A 21 -5.50 -3.54 -7.45
CA VAL A 21 -6.65 -2.85 -6.87
C VAL A 21 -6.21 -1.85 -5.81
N LEU A 22 -5.34 -2.30 -4.91
CA LEU A 22 -4.84 -1.43 -3.84
C LEU A 22 -4.23 -0.16 -4.42
N GLU A 23 -3.39 -0.30 -5.43
CA GLU A 23 -2.75 0.84 -6.07
C GLU A 23 -3.78 1.74 -6.73
N ALA A 24 -4.65 1.14 -7.55
CA ALA A 24 -5.69 1.89 -8.24
C ALA A 24 -6.40 2.85 -7.29
N LEU A 25 -6.57 2.42 -6.04
CA LEU A 25 -7.24 3.25 -5.04
C LEU A 25 -6.26 4.25 -4.43
N PHE A 26 -4.99 3.89 -4.41
CA PHE A 26 -3.96 4.75 -3.84
C PHE A 26 -3.51 5.81 -4.85
N ALA A 27 -3.90 5.61 -6.12
CA ALA A 27 -3.55 6.54 -7.17
C ALA A 27 -4.65 7.57 -7.40
N LYS A 28 -5.86 7.24 -6.95
CA LYS A 28 -7.00 8.14 -7.10
C LYS A 28 -7.23 8.94 -5.82
N THR A 29 -7.19 8.25 -4.68
CA THR A 29 -7.39 8.90 -3.39
C THR A 29 -6.33 8.47 -2.39
N ARG A 30 -5.42 9.39 -2.06
CA ARG A 30 -4.35 9.10 -1.12
C ARG A 30 -4.92 8.72 0.25
N TYR A 31 -6.09 9.28 0.57
CA TYR A 31 -6.73 9.01 1.85
C TYR A 31 -8.17 8.55 1.64
N PRO A 32 -8.35 7.25 1.31
CA PRO A 32 -9.67 6.67 1.08
C PRO A 32 -10.49 6.56 2.36
N ASP A 33 -11.81 6.58 2.22
CA ASP A 33 -12.69 6.48 3.37
C ASP A 33 -12.99 5.02 3.69
N ILE A 34 -13.75 4.79 4.77
CA ILE A 34 -14.10 3.45 5.19
C ILE A 34 -14.79 2.68 4.06
N PHE A 35 -15.61 3.39 3.30
CA PHE A 35 -16.33 2.78 2.19
C PHE A 35 -15.36 2.22 1.15
N MET A 36 -14.40 3.05 0.73
CA MET A 36 -13.41 2.65 -0.25
C MET A 36 -12.60 1.46 0.25
N ARG A 37 -12.04 1.61 1.45
CA ARG A 37 -11.23 0.54 2.05
C ARG A 37 -12.02 -0.74 2.16
N GLU A 38 -13.25 -0.65 2.66
CA GLU A 38 -14.11 -1.81 2.82
C GLU A 38 -14.29 -2.53 1.49
N GLU A 39 -14.73 -1.80 0.47
CA GLU A 39 -14.94 -2.37 -0.85
C GLU A 39 -13.74 -3.21 -1.29
N VAL A 40 -12.61 -2.53 -1.48
CA VAL A 40 -11.38 -3.20 -1.89
C VAL A 40 -11.10 -4.43 -1.01
N ALA A 41 -10.94 -4.20 0.28
CA ALA A 41 -10.68 -5.27 1.22
C ALA A 41 -11.61 -6.45 0.99
N LEU A 42 -12.81 -6.16 0.50
CA LEU A 42 -13.80 -7.20 0.23
C LEU A 42 -13.65 -7.74 -1.19
N LYS A 43 -13.09 -6.92 -2.08
CA LYS A 43 -12.88 -7.32 -3.47
C LYS A 43 -11.61 -8.15 -3.61
N ILE A 44 -10.48 -7.55 -3.29
CA ILE A 44 -9.19 -8.24 -3.38
C ILE A 44 -9.15 -9.45 -2.45
N ASN A 45 -10.15 -9.55 -1.57
CA ASN A 45 -10.22 -10.65 -0.63
C ASN A 45 -9.16 -10.51 0.45
N LEU A 46 -9.08 -9.33 1.06
CA LEU A 46 -8.11 -9.06 2.12
C LEU A 46 -8.76 -8.31 3.27
N PRO A 47 -8.17 -8.46 4.48
CA PRO A 47 -8.66 -7.79 5.69
C PRO A 47 -8.45 -6.28 5.65
N GLU A 48 -9.48 -5.53 6.01
CA GLU A 48 -9.40 -4.08 6.03
C GLU A 48 -8.06 -3.62 6.60
N SER A 49 -7.55 -4.37 7.57
CA SER A 49 -6.28 -4.03 8.21
C SER A 49 -5.15 -4.01 7.18
N ARG A 50 -4.96 -5.13 6.49
CA ARG A 50 -3.92 -5.23 5.48
C ARG A 50 -4.00 -4.08 4.48
N VAL A 51 -5.22 -3.66 4.16
CA VAL A 51 -5.43 -2.57 3.22
C VAL A 51 -4.94 -1.25 3.80
N GLN A 52 -5.43 -0.90 4.98
CA GLN A 52 -5.04 0.34 5.64
C GLN A 52 -3.53 0.46 5.72
N VAL A 53 -2.88 -0.62 6.15
CA VAL A 53 -1.42 -0.64 6.26
C VAL A 53 -0.76 -0.38 4.93
N TRP A 54 -1.10 -1.20 3.93
CA TRP A 54 -0.53 -1.06 2.60
C TRP A 54 -0.38 0.40 2.22
N PHE A 55 -1.27 1.24 2.74
CA PHE A 55 -1.24 2.67 2.46
C PHE A 55 -0.13 3.36 3.27
N LYS A 56 -0.27 3.32 4.59
CA LYS A 56 0.71 3.94 5.48
C LYS A 56 2.13 3.56 5.07
N ASN A 57 2.26 2.42 4.38
CA ASN A 57 3.57 1.94 3.94
C ASN A 57 4.05 2.73 2.73
N ARG A 58 3.19 2.87 1.74
CA ARG A 58 3.53 3.61 0.52
C ARG A 58 3.64 5.10 0.82
N ARG A 59 2.56 5.69 1.32
CA ARG A 59 2.54 7.11 1.63
C ARG A 59 3.85 7.54 2.28
N ALA A 60 4.26 6.83 3.32
CA ALA A 60 5.49 7.13 4.02
C ALA A 60 6.61 7.50 3.05
N LYS A 61 6.78 6.67 2.02
CA LYS A 61 7.82 6.90 1.01
C LYS A 61 7.89 8.39 0.64
N CYS A 62 6.76 8.96 0.28
CA CYS A 62 6.70 10.37 -0.10
C CYS A 62 7.56 11.21 0.83
N ARG A 63 7.46 10.94 2.13
CA ARG A 63 8.24 11.67 3.12
C ARG A 63 9.72 11.34 3.03
N GLN A 64 10.02 10.04 3.01
CA GLN A 64 11.40 9.58 2.92
C GLN A 64 12.12 10.23 1.75
N GLN A 65 11.47 10.25 0.59
CA GLN A 65 12.04 10.84 -0.61
C GLN A 65 12.69 12.18 -0.29
N GLN A 66 14.01 12.19 -0.21
CA GLN A 66 14.75 13.41 0.09
C GLN A 66 14.18 14.59 -0.68
N GLN A 67 14.30 15.78 -0.10
CA GLN A 67 13.80 16.99 -0.73
C GLN A 67 12.31 16.86 -1.04
N GLN A 68 11.58 16.24 -0.13
CA GLN A 68 10.13 16.05 -0.31
C GLN A 68 9.41 17.38 -0.31
N GLN A 69 8.10 17.34 -0.53
CA GLN A 69 7.28 18.54 -0.55
C GLN A 69 6.88 18.96 0.86
N GLN A 70 6.47 17.98 1.66
CA GLN A 70 6.06 18.24 3.04
C GLN A 70 7.25 18.17 3.99
N ASN A 71 7.55 19.29 4.63
CA ASN A 71 8.67 19.34 5.56
C ASN A 71 8.18 19.34 7.01
N GLY A 72 8.95 18.72 7.89
CA GLY A 72 8.58 18.65 9.29
C GLY A 72 7.85 17.36 9.64
N GLY A 73 6.79 17.49 10.44
CA GLY A 73 6.02 16.32 10.82
C GLY A 73 6.43 15.79 12.19
N GLN A 74 5.44 15.42 13.00
CA GLN A 74 5.70 14.90 14.33
C GLN A 74 6.35 13.52 14.26
N SER A 75 7.67 13.49 14.31
CA SER A 75 8.40 12.23 14.25
C SER A 75 8.80 11.76 15.64
N GLY A 76 8.98 10.45 15.79
CA GLY A 76 9.36 9.90 17.08
C GLY A 76 10.74 9.27 17.05
N PRO A 77 11.02 8.39 18.04
CA PRO A 77 12.30 7.71 18.15
C PRO A 77 12.52 6.68 17.05
N SER A 78 11.55 6.60 16.13
CA SER A 78 11.63 5.66 15.02
C SER A 78 12.20 6.32 13.78
N SER A 79 13.50 6.14 13.57
CA SER A 79 14.18 6.73 12.41
C SER A 79 14.78 5.65 11.53
N GLY A 80 15.55 4.74 12.14
CA GLY A 80 16.16 3.67 11.38
C GLY A 80 17.64 3.54 11.68
#